data_8BDM
#
_entry.id   8BDM
#
_cell.length_a   92.894
_cell.length_b   92.894
_cell.length_c   364.016
_cell.angle_alpha   90.00
_cell.angle_beta   90.00
_cell.angle_gamma   90.00
#
_symmetry.space_group_name_H-M   'P 41 2 2'
#
loop_
_entity.id
_entity.type
_entity.pdbx_description
1 polymer Elongin-B
2 polymer Elongin-C
3 polymer 'von Hippel-Lindau disease tumor suppressor'
4 non-polymer (2~{S},4~{R})-~{N}-[[2-(2-methoxyethoxy)-4-(4-methyl-1,3-thiazol-5-yl)phenyl]methyl]-1-[(2~{R})-3-methyl-2-(3-methyl-1,2-oxazol-5-yl)butanoyl]-4-oxidanyl-pyrrolidine-2-carboxamide
5 water water
#
loop_
_entity_poly.entity_id
_entity_poly.type
_entity_poly.pdbx_seq_one_letter_code
_entity_poly.pdbx_strand_id
1 'polypeptide(L)'
;MDVFLMIRRHKTTIFTDAKESSTVFELKRIVEGILKRPPDEQRLYKDDQLLDDGKTLGECGFTSQTARPQAPATVGLAFR
ADDTFEAL(CAS)IEPFSSPPELPDVMK
;
G,D,A,J
2 'polypeptide(L)'
;MMYVKLISSDGHEFIVKREHALTSGTIKAMLSGPGQFAENETNEVNFREIPSHVLSKVCMYFTYKVRYTNSSTEIPEFPI
APEIALELLMAANFLDC
;
H,E,B,K
3 'polypeptide(L)'
;GSMEAGRPRPVLRSVNSREPSQVIF(CAS)NRSPRVVLPVWLNFDGEPQPYPTLPPGTGRRIHSYRGHLWLFRDAGTHDG
LLVNQTELFVPSLNVDGQPIFANITLPVYTLKERCLQVVRSLVKPENYRRLDIVRSLYEDLEDHPNVQKDLERLTQERIA
HQRMGD
;
I,F,C,L
#
loop_
_chem_comp.id
_chem_comp.type
_chem_comp.name
_chem_comp.formula
QE9 non-polymer (2~{S},4~{R})-~{N}-[[2-(2-methoxyethoxy)-4-(4-methyl-1,3-thiazol-5-yl)phenyl]methyl]-1-[(2~{R})-3-methyl-2-(3-methyl-1,2-oxazol-5-yl)butanoyl]-4-oxidanyl-pyrrolidine-2-carboxamide 'C28 H36 N4 O6 S'
#
# COMPACT_ATOMS: atom_id res chain seq x y z
N MET A 1 20.67 8.89 13.83
CA MET A 1 20.05 8.07 12.79
C MET A 1 20.67 8.40 11.44
N ASP A 2 21.31 7.42 10.82
CA ASP A 2 22.01 7.61 9.57
C ASP A 2 21.08 7.79 8.37
N VAL A 3 21.43 8.74 7.51
CA VAL A 3 20.75 9.02 6.25
C VAL A 3 21.77 8.76 5.13
N PHE A 4 21.32 8.15 4.05
CA PHE A 4 22.20 7.73 2.95
C PHE A 4 21.91 8.59 1.75
N LEU A 5 22.93 9.27 1.25
CA LEU A 5 22.78 10.29 0.22
C LEU A 5 23.62 10.11 -1.02
N MET A 6 23.20 10.82 -2.09
CA MET A 6 23.87 11.00 -3.38
C MET A 6 23.98 12.51 -3.59
N ILE A 7 25.18 13.08 -3.43
CA ILE A 7 25.38 14.50 -3.62
C ILE A 7 25.74 14.64 -5.08
N ARG A 8 24.87 15.28 -5.88
CA ARG A 8 25.01 15.31 -7.32
C ARG A 8 25.15 16.69 -7.95
N ARG A 9 26.11 16.81 -8.87
CA ARG A 9 26.39 18.02 -9.62
C ARG A 9 26.93 17.57 -10.95
N HIS A 10 26.31 18.00 -12.05
CA HIS A 10 26.73 17.70 -13.42
C HIS A 10 26.84 16.17 -13.60
N LYS A 11 28.04 15.62 -13.87
CA LYS A 11 28.23 14.18 -13.97
C LYS A 11 28.99 13.62 -12.76
N THR A 12 28.91 14.27 -11.59
CA THR A 12 29.56 13.83 -10.37
C THR A 12 28.46 13.38 -9.38
N THR A 13 28.65 12.21 -8.76
CA THR A 13 27.73 11.71 -7.74
C THR A 13 28.55 11.18 -6.59
N ILE A 14 28.43 11.81 -5.42
CA ILE A 14 29.14 11.34 -4.23
C ILE A 14 28.18 10.49 -3.41
N PHE A 15 28.58 9.25 -3.09
CA PHE A 15 27.78 8.39 -2.24
C PHE A 15 28.35 8.55 -0.84
N THR A 16 27.54 9.01 0.12
CA THR A 16 27.99 9.19 1.49
C THR A 16 26.80 9.06 2.46
N ASP A 17 27.09 8.92 3.75
CA ASP A 17 26.06 8.91 4.78
C ASP A 17 26.35 10.03 5.77
N ALA A 18 25.33 10.42 6.54
CA ALA A 18 25.45 11.47 7.55
C ALA A 18 24.37 11.27 8.61
N LYS A 19 24.49 11.92 9.76
CA LYS A 19 23.47 11.83 10.80
C LYS A 19 22.31 12.74 10.40
N GLU A 20 21.10 12.32 10.73
CA GLU A 20 19.90 13.12 10.49
C GLU A 20 19.98 14.47 11.27
N SER A 21 20.68 14.47 12.43
CA SER A 21 20.93 15.64 13.29
C SER A 21 22.08 16.52 12.78
N SER A 22 22.89 16.03 11.83
CA SER A 22 23.98 16.82 11.26
C SER A 22 23.43 17.95 10.38
N THR A 23 24.17 19.06 10.24
CA THR A 23 23.70 20.22 9.50
C THR A 23 24.14 20.28 8.02
N VAL A 24 23.50 21.17 7.23
CA VAL A 24 23.82 21.44 5.82
C VAL A 24 25.28 21.93 5.71
N PHE A 25 25.73 22.79 6.64
CA PHE A 25 27.11 23.28 6.65
C PHE A 25 28.09 22.14 6.86
N GLU A 26 27.79 21.21 7.79
CA GLU A 26 28.63 20.02 8.04
C GLU A 26 28.70 19.13 6.81
N LEU A 27 27.59 19.04 6.04
CA LEU A 27 27.58 18.29 4.79
C LEU A 27 28.44 18.97 3.73
N LYS A 28 28.49 20.33 3.72
CA LYS A 28 29.37 21.11 2.83
C LYS A 28 30.85 20.88 3.17
N ARG A 29 31.18 20.65 4.46
CA ARG A 29 32.52 20.31 4.89
C ARG A 29 32.90 18.91 4.37
N ILE A 30 31.93 17.96 4.28
CA ILE A 30 32.15 16.65 3.71
C ILE A 30 32.48 16.79 2.22
N VAL A 31 31.69 17.57 1.49
CA VAL A 31 31.91 17.84 0.06
C VAL A 31 33.28 18.50 -0.14
N GLU A 32 33.68 19.41 0.75
CA GLU A 32 34.96 20.10 0.68
C GLU A 32 36.14 19.14 0.73
N GLY A 33 36.05 18.14 1.59
CA GLY A 33 37.10 17.14 1.72
C GLY A 33 37.24 16.27 0.48
N ILE A 34 36.16 16.12 -0.30
CA ILE A 34 36.17 15.31 -1.51
C ILE A 34 36.47 16.11 -2.80
N LEU A 35 35.67 17.13 -3.10
CA LEU A 35 35.79 17.93 -4.32
C LEU A 35 36.69 19.16 -4.21
N LYS A 36 37.25 19.42 -3.03
CA LYS A 36 38.20 20.49 -2.73
C LYS A 36 37.66 21.89 -3.01
N ARG A 37 36.41 22.14 -2.62
CA ARG A 37 35.79 23.44 -2.77
C ARG A 37 35.26 23.85 -1.41
N PRO A 38 35.57 25.07 -0.92
CA PRO A 38 35.10 25.46 0.41
C PRO A 38 33.59 25.61 0.52
N PRO A 39 33.02 25.51 1.74
CA PRO A 39 31.57 25.66 1.89
C PRO A 39 30.99 26.97 1.36
N ASP A 40 31.74 28.09 1.39
CA ASP A 40 31.23 29.36 0.86
C ASP A 40 31.14 29.36 -0.69
N GLU A 41 31.80 28.41 -1.36
CA GLU A 41 31.72 28.24 -2.81
C GLU A 41 30.77 27.11 -3.20
N GLN A 42 29.86 26.66 -2.29
CA GLN A 42 28.91 25.58 -2.55
C GLN A 42 27.48 26.00 -2.20
N ARG A 43 26.52 25.43 -2.91
CA ARG A 43 25.10 25.59 -2.65
C ARG A 43 24.50 24.18 -2.69
N LEU A 44 23.81 23.77 -1.61
CA LEU A 44 23.17 22.47 -1.55
C LEU A 44 21.66 22.62 -1.71
N TYR A 45 21.03 21.67 -2.41
CA TYR A 45 19.61 21.74 -2.71
C TYR A 45 18.89 20.43 -2.39
N LYS A 46 17.57 20.53 -2.17
CA LYS A 46 16.70 19.36 -2.09
C LYS A 46 15.68 19.71 -3.15
N ASP A 47 15.77 19.07 -4.32
CA ASP A 47 14.97 19.39 -5.50
C ASP A 47 15.42 20.81 -5.96
N ASP A 48 14.50 21.76 -6.24
CA ASP A 48 14.92 23.11 -6.64
C ASP A 48 15.11 24.05 -5.45
N GLN A 49 15.00 23.54 -4.21
CA GLN A 49 15.11 24.36 -3.02
C GLN A 49 16.49 24.45 -2.41
N LEU A 50 17.00 25.68 -2.26
CA LEU A 50 18.27 25.97 -1.64
C LEU A 50 18.19 25.68 -0.15
N LEU A 51 19.18 24.97 0.40
CA LEU A 51 19.18 24.60 1.80
C LEU A 51 20.00 25.54 2.65
N ASP A 52 19.48 25.89 3.85
CA ASP A 52 20.14 26.77 4.82
C ASP A 52 21.18 25.99 5.64
N ASP A 53 22.39 26.55 5.75
CA ASP A 53 23.53 25.98 6.47
C ASP A 53 23.24 25.47 7.89
N GLY A 54 22.44 26.23 8.64
CA GLY A 54 22.13 25.89 10.02
C GLY A 54 21.09 24.79 10.22
N LYS A 55 20.37 24.46 9.15
CA LYS A 55 19.34 23.42 9.23
C LYS A 55 19.94 22.03 9.27
N THR A 56 19.33 21.14 10.06
CA THR A 56 19.75 19.75 10.09
C THR A 56 19.24 19.07 8.81
N LEU A 57 19.81 17.91 8.48
CA LEU A 57 19.38 17.14 7.33
C LEU A 57 17.94 16.67 7.49
N GLY A 58 17.55 16.28 8.71
CA GLY A 58 16.18 15.89 9.05
C GLY A 58 15.18 16.99 8.78
N GLU A 59 15.54 18.24 9.15
CA GLU A 59 14.72 19.43 8.90
C GLU A 59 14.58 19.70 7.38
N CYS A 60 15.63 19.37 6.60
CA CYS A 60 15.62 19.50 5.15
C CYS A 60 14.91 18.37 4.42
N GLY A 61 14.30 17.44 5.14
CA GLY A 61 13.59 16.33 4.51
C GLY A 61 14.41 15.06 4.28
N PHE A 62 15.64 14.99 4.81
CA PHE A 62 16.46 13.78 4.67
C PHE A 62 16.30 12.98 5.90
N THR A 63 15.37 12.06 5.86
CA THR A 63 15.10 11.20 7.00
C THR A 63 15.55 9.79 6.69
N SER A 64 15.87 9.01 7.72
CA SER A 64 16.32 7.63 7.52
C SER A 64 15.32 6.79 6.74
N GLN A 65 14.03 7.14 6.87
CA GLN A 65 12.98 6.44 6.18
C GLN A 65 12.96 6.80 4.69
N THR A 66 13.42 8.00 4.29
CA THR A 66 13.49 8.42 2.88
C THR A 66 14.89 8.57 2.27
N ALA A 67 15.93 8.11 2.96
CA ALA A 67 17.31 8.20 2.47
C ALA A 67 17.95 6.89 2.92
N ARG A 68 17.62 5.82 2.20
CA ARG A 68 18.01 4.45 2.53
C ARG A 68 19.31 4.01 1.84
N PRO A 69 20.05 3.02 2.41
CA PRO A 69 21.30 2.58 1.76
C PRO A 69 21.11 2.14 0.31
N GLN A 70 20.08 1.33 0.05
CA GLN A 70 19.73 0.80 -1.25
C GLN A 70 18.97 1.78 -2.16
N ALA A 71 18.54 2.93 -1.63
CA ALA A 71 17.77 3.95 -2.36
C ALA A 71 18.06 5.29 -1.69
N PRO A 72 19.27 5.85 -1.93
CA PRO A 72 19.65 7.08 -1.25
C PRO A 72 18.95 8.33 -1.74
N ALA A 73 18.83 9.36 -0.87
CA ALA A 73 18.20 10.63 -1.22
C ALA A 73 19.18 11.53 -1.98
N THR A 74 18.70 12.36 -2.92
CA THR A 74 19.58 13.21 -3.71
C THR A 74 19.73 14.63 -3.17
N VAL A 75 20.97 15.08 -2.99
CA VAL A 75 21.27 16.45 -2.59
C VAL A 75 21.91 17.08 -3.82
N GLY A 76 21.34 18.17 -4.34
CA GLY A 76 21.90 18.87 -5.49
C GLY A 76 23.04 19.77 -5.04
N LEU A 77 24.08 19.90 -5.86
CA LEU A 77 25.23 20.73 -5.53
C LEU A 77 25.54 21.67 -6.69
N ALA A 78 25.76 22.96 -6.39
CA ALA A 78 26.14 24.00 -7.35
C ALA A 78 27.38 24.69 -6.80
N PHE A 79 28.40 24.88 -7.64
CA PHE A 79 29.64 25.55 -7.26
C PHE A 79 29.65 27.03 -7.66
N ARG A 80 30.43 27.84 -6.93
CA ARG A 80 30.56 29.26 -7.23
C ARG A 80 31.67 29.40 -8.27
N ALA A 81 31.32 29.99 -9.41
CA ALA A 81 32.28 30.16 -10.49
C ALA A 81 32.64 31.64 -10.58
N ASP A 82 33.77 32.01 -9.95
CA ASP A 82 34.28 33.38 -9.87
C ASP A 82 33.28 34.28 -9.06
N ASP A 83 32.56 35.24 -9.70
CA ASP A 83 31.63 36.11 -8.99
C ASP A 83 30.29 35.46 -8.62
N THR A 84 29.72 34.63 -9.52
CA THR A 84 28.39 34.07 -9.30
C THR A 84 28.32 32.55 -9.24
N PHE A 85 27.29 32.04 -8.57
CA PHE A 85 27.05 30.60 -8.53
C PHE A 85 26.44 30.15 -9.85
N GLU A 86 26.85 28.97 -10.32
CA GLU A 86 26.28 28.40 -11.52
C GLU A 86 24.83 27.93 -11.22
N ALA A 87 24.02 27.68 -12.25
CA ALA A 87 22.67 27.16 -12.06
C ALA A 87 22.79 25.69 -11.63
N LEU A 88 21.86 25.21 -10.79
CA LEU A 88 21.88 23.81 -10.35
C LEU A 88 21.64 22.93 -11.57
N CAS A 89 22.60 22.04 -11.84
CA CAS A 89 22.50 21.17 -13.00
CB CAS A 89 23.33 21.69 -14.16
C CAS A 89 22.91 19.77 -12.64
O CAS A 89 24.01 19.56 -12.11
SG CAS A 89 22.34 21.14 -15.58
AS CAS A 89 23.55 19.57 -16.59
CE1 CAS A 89 22.04 18.45 -17.29
CE2 CAS A 89 24.55 20.50 -18.09
N ILE A 90 22.04 18.80 -12.87
CA ILE A 90 22.32 17.41 -12.59
C ILE A 90 22.10 16.60 -13.85
N GLU A 91 23.16 16.03 -14.39
CA GLU A 91 23.07 15.21 -15.60
C GLU A 91 22.37 13.91 -15.27
N PRO A 92 21.31 13.56 -16.01
CA PRO A 92 20.62 12.30 -15.71
C PRO A 92 21.44 11.08 -16.06
N PHE A 93 21.13 9.97 -15.39
CA PHE A 93 21.81 8.71 -15.72
C PHE A 93 21.29 8.23 -17.09
N SER A 94 21.99 7.26 -17.69
CA SER A 94 21.59 6.72 -18.99
C SER A 94 20.23 6.01 -18.91
N SER A 95 19.54 5.89 -20.05
CA SER A 95 18.26 5.20 -20.07
C SER A 95 18.48 3.73 -20.32
N PRO A 96 17.84 2.85 -19.54
CA PRO A 96 17.95 1.42 -19.79
C PRO A 96 17.33 1.06 -21.14
N PRO A 97 17.81 -0.01 -21.80
CA PRO A 97 17.20 -0.43 -23.07
C PRO A 97 15.78 -0.96 -22.87
N GLU A 98 15.07 -1.21 -23.97
CA GLU A 98 13.72 -1.76 -23.89
C GLU A 98 13.81 -3.19 -23.34
N LEU A 99 12.87 -3.57 -22.45
CA LEU A 99 12.83 -4.92 -21.88
C LEU A 99 12.68 -5.95 -23.00
N PRO A 100 13.53 -6.98 -23.04
CA PRO A 100 13.38 -8.00 -24.10
C PRO A 100 12.02 -8.69 -24.03
N ASP A 101 11.58 -9.28 -25.15
CA ASP A 101 10.29 -9.95 -25.23
C ASP A 101 10.13 -11.06 -24.19
N VAL A 102 11.21 -11.80 -23.91
CA VAL A 102 11.18 -12.89 -22.93
C VAL A 102 10.99 -12.40 -21.47
N MET A 103 11.23 -11.11 -21.19
CA MET A 103 11.04 -10.55 -19.87
C MET A 103 9.71 -9.79 -19.76
N MET B 1 39.33 9.70 5.63
CA MET B 1 38.46 8.76 4.92
C MET B 1 38.82 8.70 3.43
N MET B 2 39.33 7.55 2.95
CA MET B 2 39.69 7.41 1.55
C MET B 2 38.49 7.12 0.65
N TYR B 3 38.44 7.79 -0.51
CA TYR B 3 37.38 7.62 -1.51
C TYR B 3 37.99 7.19 -2.87
N VAL B 4 37.20 6.55 -3.73
CA VAL B 4 37.63 6.18 -5.07
C VAL B 4 36.58 6.66 -6.10
N LYS B 5 37.00 6.86 -7.33
CA LYS B 5 36.09 7.30 -8.39
C LYS B 5 35.85 6.18 -9.39
N LEU B 6 34.59 5.86 -9.65
CA LEU B 6 34.22 4.80 -10.58
C LEU B 6 33.51 5.51 -11.71
N ILE B 7 34.06 5.43 -12.91
CA ILE B 7 33.52 6.14 -14.06
C ILE B 7 32.78 5.21 -15.01
N SER B 8 31.53 5.55 -15.32
CA SER B 8 30.72 4.72 -16.20
C SER B 8 31.12 4.89 -17.69
N SER B 9 30.56 4.04 -18.58
CA SER B 9 30.82 4.10 -20.01
C SER B 9 30.37 5.44 -20.61
N ASP B 10 29.32 6.03 -20.06
CA ASP B 10 28.81 7.34 -20.51
C ASP B 10 29.42 8.54 -19.76
N GLY B 11 30.52 8.34 -19.05
CA GLY B 11 31.22 9.44 -18.39
C GLY B 11 30.76 9.95 -17.03
N HIS B 12 29.82 9.28 -16.38
CA HIS B 12 29.37 9.71 -15.04
C HIS B 12 30.42 9.25 -14.02
N GLU B 13 30.77 10.11 -13.09
CA GLU B 13 31.78 9.82 -12.07
C GLU B 13 31.12 9.57 -10.72
N PHE B 14 31.30 8.39 -10.17
CA PHE B 14 30.74 7.98 -8.89
C PHE B 14 31.82 7.93 -7.82
N ILE B 15 31.71 8.74 -6.79
CA ILE B 15 32.69 8.79 -5.72
C ILE B 15 32.18 8.05 -4.52
N VAL B 16 32.78 6.90 -4.23
CA VAL B 16 32.35 6.03 -3.14
C VAL B 16 33.48 5.79 -2.16
N LYS B 17 33.16 5.42 -0.90
CA LYS B 17 34.19 5.10 0.09
C LYS B 17 35.04 3.95 -0.41
N ARG B 18 36.36 4.01 -0.19
CA ARG B 18 37.29 3.00 -0.66
C ARG B 18 36.93 1.59 -0.17
N GLU B 19 36.51 1.47 1.11
CA GLU B 19 36.07 0.25 1.78
C GLU B 19 34.86 -0.34 1.06
N HIS B 20 33.92 0.50 0.64
CA HIS B 20 32.71 0.05 -0.07
C HIS B 20 33.07 -0.50 -1.44
N ALA B 21 33.93 0.20 -2.20
CA ALA B 21 34.33 -0.26 -3.53
C ALA B 21 35.08 -1.59 -3.49
N LEU B 22 35.84 -1.82 -2.41
CA LEU B 22 36.59 -3.05 -2.22
C LEU B 22 35.70 -4.27 -1.99
N THR B 23 34.35 -4.12 -1.96
CA THR B 23 33.37 -5.22 -1.94
C THR B 23 33.65 -6.11 -3.21
N SER B 24 34.03 -5.46 -4.33
CA SER B 24 34.39 -6.11 -5.57
C SER B 24 35.87 -6.45 -5.58
N GLY B 25 36.16 -7.74 -5.76
CA GLY B 25 37.54 -8.20 -5.90
C GLY B 25 38.14 -7.70 -7.20
N THR B 26 37.31 -7.58 -8.26
CA THR B 26 37.74 -7.05 -9.54
C THR B 26 38.18 -5.58 -9.41
N ILE B 27 37.40 -4.77 -8.68
CA ILE B 27 37.77 -3.37 -8.44
C ILE B 27 39.04 -3.31 -7.62
N LYS B 28 39.16 -4.13 -6.56
CA LYS B 28 40.36 -4.18 -5.73
C LYS B 28 41.64 -4.41 -6.58
N ALA B 29 41.55 -5.30 -7.58
CA ALA B 29 42.66 -5.58 -8.50
C ALA B 29 42.95 -4.41 -9.46
N MET B 30 41.92 -3.68 -9.88
CA MET B 30 42.08 -2.52 -10.74
C MET B 30 42.67 -1.30 -9.99
N LEU B 31 42.48 -1.23 -8.67
CA LEU B 31 43.03 -0.16 -7.86
C LEU B 31 44.46 -0.50 -7.41
N SER B 32 44.69 -1.76 -7.02
CA SER B 32 45.99 -2.24 -6.55
C SER B 32 46.68 -3.07 -7.66
N GLY B 33 46.72 -2.52 -8.86
CA GLY B 33 47.32 -3.22 -10.00
C GLY B 33 48.83 -3.06 -10.08
N GLU B 41 43.26 8.49 -13.02
CA GLU B 41 44.37 8.73 -12.10
C GLU B 41 44.71 7.43 -11.30
N THR B 42 45.10 7.54 -9.99
CA THR B 42 45.51 6.40 -9.16
C THR B 42 44.33 5.69 -8.43
N ASN B 43 43.33 6.46 -7.99
CA ASN B 43 42.12 5.97 -7.32
C ASN B 43 40.89 6.20 -8.22
N GLU B 44 41.06 5.98 -9.53
CA GLU B 44 39.99 6.13 -10.51
C GLU B 44 39.96 4.87 -11.37
N VAL B 45 38.76 4.31 -11.59
CA VAL B 45 38.60 3.14 -12.43
C VAL B 45 37.58 3.47 -13.51
N ASN B 46 37.89 3.18 -14.78
CA ASN B 46 36.94 3.41 -15.87
C ASN B 46 36.28 2.10 -16.24
N PHE B 47 34.96 2.13 -16.43
CA PHE B 47 34.20 0.95 -16.82
C PHE B 47 33.61 1.22 -18.18
N ARG B 48 34.32 0.82 -19.24
CA ARG B 48 33.89 1.04 -20.63
C ARG B 48 32.61 0.27 -21.02
N GLU B 49 32.25 -0.74 -20.23
CA GLU B 49 31.09 -1.57 -20.50
C GLU B 49 29.92 -1.31 -19.57
N ILE B 50 30.10 -0.55 -18.49
CA ILE B 50 29.03 -0.35 -17.51
C ILE B 50 28.43 1.04 -17.58
N PRO B 51 27.20 1.19 -18.11
CA PRO B 51 26.57 2.52 -18.16
C PRO B 51 26.14 3.05 -16.77
N SER B 52 25.87 4.37 -16.65
CA SER B 52 25.53 4.97 -15.36
C SER B 52 24.25 4.45 -14.73
N HIS B 53 23.26 4.02 -15.51
CA HIS B 53 22.06 3.41 -14.93
C HIS B 53 22.34 2.06 -14.24
N VAL B 54 23.50 1.44 -14.53
CA VAL B 54 23.94 0.20 -13.92
C VAL B 54 24.94 0.51 -12.82
N LEU B 55 25.97 1.36 -13.11
CA LEU B 55 27.02 1.70 -12.14
C LEU B 55 26.50 2.43 -10.91
N SER B 56 25.43 3.22 -11.05
CA SER B 56 24.84 3.92 -9.89
C SER B 56 24.25 2.87 -8.92
N LYS B 57 23.60 1.86 -9.47
CA LYS B 57 22.98 0.79 -8.71
C LYS B 57 24.00 -0.10 -8.02
N VAL B 58 25.18 -0.32 -8.63
CA VAL B 58 26.27 -1.10 -8.03
C VAL B 58 26.77 -0.39 -6.76
N CYS B 59 26.87 0.94 -6.82
CA CYS B 59 27.28 1.79 -5.70
C CYS B 59 26.24 1.77 -4.59
N MET B 60 24.95 1.72 -4.94
CA MET B 60 23.89 1.58 -3.94
C MET B 60 24.00 0.20 -3.30
N TYR B 61 24.38 -0.84 -4.07
CA TYR B 61 24.59 -2.19 -3.57
C TYR B 61 25.71 -2.19 -2.56
N PHE B 62 26.84 -1.54 -2.84
CA PHE B 62 27.95 -1.48 -1.89
C PHE B 62 27.54 -0.84 -0.57
N THR B 63 26.72 0.22 -0.62
CA THR B 63 26.25 0.89 0.58
C THR B 63 25.36 -0.07 1.38
N TYR B 64 24.41 -0.72 0.69
CA TYR B 64 23.47 -1.68 1.24
C TYR B 64 24.23 -2.87 1.89
N LYS B 65 25.21 -3.40 1.18
CA LYS B 65 26.04 -4.52 1.64
C LYS B 65 26.81 -4.15 2.91
N VAL B 66 27.56 -3.02 2.89
CA VAL B 66 28.33 -2.62 4.06
C VAL B 66 27.40 -2.34 5.28
N ARG B 67 26.25 -1.72 5.03
CA ARG B 67 25.29 -1.40 6.09
C ARG B 67 24.64 -2.63 6.73
N TYR B 68 24.18 -3.57 5.92
CA TYR B 68 23.41 -4.69 6.43
C TYR B 68 24.18 -5.98 6.66
N THR B 69 25.47 -6.05 6.27
CA THR B 69 26.27 -7.26 6.53
C THR B 69 26.53 -7.40 8.02
N ASN B 70 26.22 -8.61 8.56
CA ASN B 70 26.36 -8.97 9.98
C ASN B 70 25.53 -8.05 10.88
N SER B 71 24.38 -7.57 10.38
CA SER B 71 23.52 -6.67 11.13
C SER B 71 22.28 -7.40 11.64
N SER B 72 21.81 -7.04 12.83
CA SER B 72 20.61 -7.66 13.40
C SER B 72 19.32 -6.85 13.12
N THR B 73 19.46 -5.60 12.61
CA THR B 73 18.31 -4.77 12.27
C THR B 73 17.76 -5.34 10.96
N GLU B 74 16.48 -5.79 10.94
CA GLU B 74 15.77 -6.39 9.78
C GLU B 74 16.24 -5.84 8.42
N ILE B 75 16.71 -6.75 7.57
CA ILE B 75 17.23 -6.44 6.27
C ILE B 75 16.13 -6.25 5.22
N PRO B 76 16.12 -5.09 4.54
CA PRO B 76 15.15 -4.90 3.45
C PRO B 76 15.63 -5.54 2.14
N GLU B 77 14.71 -5.74 1.19
CA GLU B 77 15.06 -6.31 -0.10
C GLU B 77 15.87 -5.31 -0.90
N PHE B 78 16.88 -5.78 -1.65
CA PHE B 78 17.64 -4.90 -2.52
C PHE B 78 16.81 -4.79 -3.78
N PRO B 79 16.31 -3.58 -4.11
CA PRO B 79 15.42 -3.46 -5.28
C PRO B 79 16.16 -3.41 -6.61
N ILE B 80 15.66 -4.12 -7.61
CA ILE B 80 16.24 -4.11 -8.95
C ILE B 80 15.10 -3.97 -9.95
N ALA B 81 15.02 -2.85 -10.69
CA ALA B 81 14.00 -2.65 -11.71
C ALA B 81 14.22 -3.68 -12.83
N PRO B 82 13.14 -4.25 -13.39
CA PRO B 82 13.30 -5.25 -14.45
C PRO B 82 14.16 -4.81 -15.63
N GLU B 83 14.07 -3.52 -15.99
CA GLU B 83 14.77 -2.93 -17.12
C GLU B 83 16.28 -2.92 -17.00
N ILE B 84 16.81 -2.99 -15.78
CA ILE B 84 18.26 -2.98 -15.58
C ILE B 84 18.84 -4.33 -15.12
N ALA B 85 17.97 -5.29 -14.75
CA ALA B 85 18.35 -6.60 -14.24
C ALA B 85 19.38 -7.35 -15.08
N LEU B 86 19.23 -7.34 -16.41
CA LEU B 86 20.15 -8.09 -17.28
C LEU B 86 21.55 -7.49 -17.30
N GLU B 87 21.67 -6.17 -17.46
CA GLU B 87 23.00 -5.54 -17.47
C GLU B 87 23.60 -5.55 -16.07
N LEU B 88 22.77 -5.41 -15.02
CA LEU B 88 23.27 -5.44 -13.65
C LEU B 88 23.83 -6.82 -13.33
N LEU B 89 23.20 -7.90 -13.85
CA LEU B 89 23.66 -9.27 -13.68
C LEU B 89 25.04 -9.42 -14.30
N MET B 90 25.23 -8.87 -15.50
CA MET B 90 26.52 -8.91 -16.20
C MET B 90 27.59 -8.12 -15.45
N ALA B 91 27.24 -6.94 -14.93
CA ALA B 91 28.18 -6.13 -14.18
C ALA B 91 28.58 -6.86 -12.89
N ALA B 92 27.61 -7.44 -12.16
CA ALA B 92 27.85 -8.19 -10.94
C ALA B 92 28.75 -9.37 -11.16
N ASN B 93 28.58 -10.05 -12.30
CA ASN B 93 29.40 -11.20 -12.67
C ASN B 93 30.86 -10.78 -12.93
N PHE B 94 31.07 -9.64 -13.62
CA PHE B 94 32.43 -9.15 -13.89
C PHE B 94 33.11 -8.66 -12.61
N LEU B 95 32.36 -7.95 -11.77
CA LEU B 95 32.85 -7.37 -10.53
C LEU B 95 33.02 -8.35 -9.37
N ASP B 96 32.47 -9.56 -9.48
CA ASP B 96 32.52 -10.59 -8.44
C ASP B 96 31.92 -10.08 -7.12
N CYS B 97 30.70 -9.54 -7.19
CA CYS B 97 30.04 -8.99 -6.01
C CYS B 97 28.55 -9.38 -5.91
N VAL C 11 25.54 -36.57 8.40
CA VAL C 11 25.94 -35.65 9.45
C VAL C 11 24.81 -34.70 9.86
N LEU C 12 24.20 -34.00 8.88
CA LEU C 12 23.13 -33.04 9.18
C LEU C 12 21.79 -33.73 9.43
N ARG C 13 21.46 -33.92 10.69
CA ARG C 13 20.20 -34.54 11.10
C ARG C 13 19.81 -34.13 12.53
N SER C 14 18.52 -34.24 12.85
CA SER C 14 18.04 -33.90 14.18
C SER C 14 18.42 -34.96 15.19
N VAL C 15 18.76 -34.54 16.40
CA VAL C 15 19.07 -35.46 17.47
C VAL C 15 17.73 -35.84 18.10
N ASN C 16 17.46 -37.14 18.27
CA ASN C 16 16.20 -37.58 18.89
C ASN C 16 16.28 -37.45 20.43
N SER C 17 16.29 -36.20 20.92
CA SER C 17 16.40 -35.90 22.35
C SER C 17 15.12 -36.19 23.11
N ARG C 18 13.97 -35.94 22.44
CA ARG C 18 12.62 -36.06 23.03
C ARG C 18 12.41 -35.04 24.16
N GLU C 19 13.15 -33.91 24.11
CA GLU C 19 13.09 -32.82 25.07
C GLU C 19 12.41 -31.65 24.40
N PRO C 20 11.15 -31.36 24.75
CA PRO C 20 10.46 -30.23 24.10
C PRO C 20 11.20 -28.90 24.20
N SER C 21 11.09 -28.12 23.15
CA SER C 21 11.67 -26.79 23.05
C SER C 21 10.68 -25.97 22.28
N GLN C 22 10.07 -25.00 22.96
CA GLN C 22 9.09 -24.14 22.31
C GLN C 22 9.80 -22.99 21.61
N VAL C 23 9.43 -22.77 20.35
CA VAL C 23 10.07 -21.80 19.49
C VAL C 23 9.05 -20.86 18.87
N ILE C 24 9.46 -19.62 18.57
CA ILE C 24 8.67 -18.69 17.80
C ILE C 24 9.38 -18.53 16.45
N PHE C 25 8.76 -18.99 15.36
CA PHE C 25 9.33 -18.75 14.03
C PHE C 25 8.83 -17.34 13.71
N CAS C 26 9.75 -16.38 13.58
CA CAS C 26 9.37 -14.99 13.32
CB CAS C 26 10.02 -14.18 14.44
C CAS C 26 9.89 -14.55 11.97
O CAS C 26 11.09 -14.35 11.80
SG CAS C 26 9.63 -12.39 14.28
AS CAS C 26 7.36 -12.28 14.34
CE1 CAS C 26 6.93 -13.43 15.87
CE2 CAS C 26 6.44 -10.67 13.71
N ASN C 27 8.99 -14.43 11.00
CA ASN C 27 9.37 -14.05 9.65
C ASN C 27 9.59 -12.55 9.50
N ARG C 28 10.84 -12.08 9.63
CA ARG C 28 11.22 -10.67 9.46
C ARG C 28 11.82 -10.47 8.07
N SER C 29 11.15 -11.02 7.07
CA SER C 29 11.56 -10.93 5.69
C SER C 29 10.32 -10.60 4.82
N PRO C 30 10.52 -10.13 3.58
CA PRO C 30 9.38 -9.87 2.71
C PRO C 30 8.94 -11.11 1.91
N ARG C 31 9.52 -12.29 2.21
CA ARG C 31 9.23 -13.53 1.49
C ARG C 31 8.24 -14.42 2.25
N VAL C 32 7.56 -15.30 1.52
CA VAL C 32 6.74 -16.35 2.12
C VAL C 32 7.80 -17.38 2.54
N VAL C 33 7.82 -17.74 3.82
CA VAL C 33 8.84 -18.65 4.35
C VAL C 33 8.38 -20.09 4.44
N LEU C 34 9.22 -21.00 3.95
CA LEU C 34 9.07 -22.43 4.07
C LEU C 34 10.05 -22.93 5.14
N PRO C 35 9.54 -23.30 6.35
CA PRO C 35 10.42 -23.90 7.35
C PRO C 35 10.69 -25.37 6.96
N VAL C 36 11.93 -25.82 7.12
CA VAL C 36 12.31 -27.17 6.76
C VAL C 36 12.98 -27.85 7.96
N TRP C 37 12.42 -28.96 8.42
CA TRP C 37 13.00 -29.72 9.53
C TRP C 37 13.85 -30.86 8.96
N LEU C 38 15.09 -31.02 9.43
CA LEU C 38 15.91 -32.16 8.99
C LEU C 38 15.54 -33.30 9.91
N ASN C 39 14.88 -34.35 9.39
CA ASN C 39 14.43 -35.46 10.21
C ASN C 39 15.61 -36.33 10.75
N PHE C 40 15.30 -37.38 11.52
CA PHE C 40 16.30 -38.24 12.16
C PHE C 40 17.20 -38.98 11.17
N ASP C 41 16.80 -39.07 9.88
CA ASP C 41 17.61 -39.66 8.80
C ASP C 41 18.31 -38.58 7.93
N GLY C 42 18.17 -37.32 8.27
CA GLY C 42 18.75 -36.23 7.49
C GLY C 42 17.89 -35.77 6.34
N GLU C 43 16.66 -36.27 6.22
CA GLU C 43 15.77 -35.90 5.12
C GLU C 43 15.07 -34.59 5.40
N PRO C 44 15.13 -33.63 4.45
CA PRO C 44 14.40 -32.37 4.66
C PRO C 44 12.88 -32.58 4.64
N GLN C 45 12.20 -32.11 5.69
CA GLN C 45 10.75 -32.21 5.80
C GLN C 45 10.13 -30.79 5.82
N PRO C 46 9.33 -30.45 4.80
CA PRO C 46 8.72 -29.11 4.76
C PRO C 46 7.59 -28.99 5.77
N TYR C 47 7.49 -27.81 6.37
CA TYR C 47 6.47 -27.49 7.36
C TYR C 47 5.57 -26.35 6.80
N PRO C 48 4.38 -26.07 7.39
CA PRO C 48 3.51 -25.01 6.83
C PRO C 48 4.22 -23.68 6.64
N THR C 49 3.85 -22.95 5.58
CA THR C 49 4.50 -21.68 5.27
C THR C 49 4.03 -20.52 6.15
N LEU C 50 4.88 -19.49 6.25
CA LEU C 50 4.63 -18.26 7.00
C LEU C 50 4.60 -17.10 6.03
N PRO C 51 3.47 -16.39 5.93
CA PRO C 51 3.44 -15.17 5.10
C PRO C 51 4.42 -14.10 5.64
N PRO C 52 4.86 -13.14 4.80
CA PRO C 52 5.78 -12.09 5.28
C PRO C 52 5.30 -11.34 6.53
N GLY C 53 6.23 -11.05 7.44
CA GLY C 53 5.94 -10.30 8.65
C GLY C 53 5.13 -11.01 9.71
N THR C 54 4.89 -12.31 9.54
CA THR C 54 4.09 -13.07 10.50
C THR C 54 4.96 -14.01 11.36
N GLY C 55 4.42 -14.42 12.49
CA GLY C 55 5.10 -15.32 13.40
C GLY C 55 4.21 -16.48 13.82
N ARG C 56 4.82 -17.58 14.24
CA ARG C 56 4.07 -18.74 14.73
C ARG C 56 4.75 -19.33 15.93
N ARG C 57 3.98 -19.69 16.97
CA ARG C 57 4.53 -20.40 18.12
C ARG C 57 4.45 -21.87 17.71
N ILE C 58 5.59 -22.56 17.66
CA ILE C 58 5.69 -23.96 17.26
C ILE C 58 6.33 -24.86 18.34
N HIS C 59 6.00 -26.15 18.30
CA HIS C 59 6.57 -27.13 19.23
C HIS C 59 7.67 -27.91 18.56
N SER C 60 8.90 -27.74 19.04
CA SER C 60 10.04 -28.48 18.51
C SER C 60 10.75 -29.19 19.68
N TYR C 61 11.99 -29.62 19.49
CA TYR C 61 12.76 -30.35 20.51
C TYR C 61 14.20 -29.88 20.51
N ARG C 62 14.90 -30.04 21.64
CA ARG C 62 16.31 -29.68 21.74
C ARG C 62 17.13 -30.56 20.83
N GLY C 63 18.09 -29.97 20.12
CA GLY C 63 18.98 -30.72 19.24
C GLY C 63 18.49 -30.91 17.81
N HIS C 64 17.23 -30.50 17.54
CA HIS C 64 16.61 -30.60 16.23
C HIS C 64 17.15 -29.54 15.24
N LEU C 65 17.16 -29.85 13.95
CA LEU C 65 17.74 -28.96 12.95
C LEU C 65 16.72 -28.37 12.02
N TRP C 66 16.77 -27.06 11.83
CA TRP C 66 15.85 -26.35 10.94
C TRP C 66 16.59 -25.42 9.98
N LEU C 67 16.03 -25.22 8.81
CA LEU C 67 16.50 -24.24 7.84
C LEU C 67 15.27 -23.58 7.21
N PHE C 68 15.44 -22.39 6.65
CA PHE C 68 14.30 -21.61 6.16
C PHE C 68 14.57 -21.13 4.76
N ARG C 69 13.57 -21.25 3.90
CA ARG C 69 13.70 -20.89 2.49
C ARG C 69 12.53 -20.05 2.02
N ASP C 70 12.66 -19.36 0.88
CA ASP C 70 11.55 -18.68 0.25
C ASP C 70 10.70 -19.83 -0.35
N ALA C 71 9.43 -19.94 0.05
CA ALA C 71 8.55 -21.04 -0.35
C ALA C 71 8.32 -21.16 -1.85
N GLY C 72 8.44 -20.05 -2.57
CA GLY C 72 8.19 -20.06 -4.01
C GLY C 72 9.42 -20.36 -4.85
N THR C 73 10.57 -19.82 -4.46
CA THR C 73 11.78 -19.95 -5.26
C THR C 73 12.89 -20.80 -4.65
N HIS C 74 12.78 -21.11 -3.35
CA HIS C 74 13.77 -21.87 -2.59
C HIS C 74 15.04 -21.08 -2.31
N ASP C 75 15.00 -19.73 -2.43
CA ASP C 75 16.11 -18.85 -2.07
C ASP C 75 16.43 -19.04 -0.58
N GLY C 76 17.69 -19.08 -0.25
CA GLY C 76 18.12 -19.30 1.13
C GLY C 76 17.86 -18.09 1.99
N LEU C 77 17.45 -18.34 3.24
CA LEU C 77 17.20 -17.30 4.22
C LEU C 77 18.04 -17.57 5.46
N LEU C 78 18.21 -16.57 6.32
CA LEU C 78 18.97 -16.71 7.54
C LEU C 78 18.02 -16.81 8.72
N VAL C 79 18.46 -17.49 9.78
CA VAL C 79 17.70 -17.62 11.00
C VAL C 79 18.69 -17.35 12.12
N ASN C 80 18.45 -16.28 12.89
CA ASN C 80 19.37 -15.80 13.92
C ASN C 80 20.78 -15.56 13.36
N GLN C 81 20.83 -14.93 12.16
CA GLN C 81 22.04 -14.56 11.42
C GLN C 81 22.84 -15.71 10.83
N THR C 82 22.33 -16.95 10.87
CA THR C 82 23.07 -18.09 10.35
C THR C 82 22.14 -19.03 9.51
N GLU C 83 22.70 -20.12 8.96
CA GLU C 83 21.99 -21.05 8.09
C GLU C 83 21.06 -21.99 8.81
N LEU C 84 21.53 -22.55 9.93
CA LEU C 84 20.75 -23.53 10.66
C LEU C 84 20.28 -23.04 12.02
N PHE C 85 19.12 -23.51 12.40
CA PHE C 85 18.54 -23.19 13.70
C PHE C 85 18.39 -24.47 14.48
N VAL C 86 18.95 -24.49 15.68
CA VAL C 86 18.86 -25.62 16.56
C VAL C 86 18.15 -25.19 17.83
N PRO C 87 16.92 -25.68 18.07
CA PRO C 87 16.22 -25.30 19.30
C PRO C 87 17.02 -25.69 20.55
N SER C 88 17.08 -24.76 21.47
CA SER C 88 17.84 -24.93 22.70
C SER C 88 16.91 -25.02 23.94
N LEU C 89 17.51 -25.00 25.12
CA LEU C 89 16.84 -25.06 26.40
C LEU C 89 16.04 -23.76 26.67
N ASN C 90 14.75 -23.89 26.98
CA ASN C 90 13.91 -22.73 27.29
C ASN C 90 14.19 -22.26 28.73
N VAL C 91 14.70 -21.03 28.90
CA VAL C 91 15.00 -20.50 30.23
C VAL C 91 13.81 -19.74 30.82
N ASP C 92 13.28 -20.24 31.96
CA ASP C 92 12.12 -19.73 32.69
C ASP C 92 10.84 -19.77 31.82
N GLY C 93 10.70 -20.83 31.02
CA GLY C 93 9.56 -21.02 30.12
C GLY C 93 9.50 -20.08 28.92
N GLN C 94 10.60 -19.34 28.65
CA GLN C 94 10.64 -18.40 27.53
C GLN C 94 10.88 -19.15 26.23
N PRO C 95 10.04 -18.94 25.21
CA PRO C 95 10.29 -19.58 23.93
C PRO C 95 11.52 -19.00 23.24
N ILE C 96 12.16 -19.80 22.39
CA ILE C 96 13.35 -19.38 21.67
C ILE C 96 12.90 -18.68 20.40
N PHE C 97 13.40 -17.47 20.15
CA PHE C 97 13.05 -16.79 18.92
C PHE C 97 13.93 -17.28 17.79
N ALA C 98 13.30 -17.64 16.70
CA ALA C 98 13.95 -18.01 15.47
C ALA C 98 13.65 -16.83 14.53
N ASN C 99 14.54 -15.84 14.47
CA ASN C 99 14.36 -14.64 13.63
C ASN C 99 14.80 -14.91 12.23
N ILE C 100 13.84 -15.07 11.33
CA ILE C 100 14.10 -15.39 9.93
C ILE C 100 14.22 -14.08 9.15
N THR C 101 15.34 -13.89 8.49
CA THR C 101 15.60 -12.65 7.75
C THR C 101 16.16 -12.97 6.39
N LEU C 102 16.14 -11.98 5.51
CA LEU C 102 16.81 -12.07 4.23
C LEU C 102 18.29 -11.99 4.51
N PRO C 103 19.10 -12.81 3.84
CA PRO C 103 20.54 -12.59 3.89
C PRO C 103 20.88 -11.35 3.05
N VAL C 104 22.13 -10.87 3.17
CA VAL C 104 22.61 -9.87 2.26
C VAL C 104 23.10 -10.73 1.10
N TYR C 105 22.22 -10.96 0.11
CA TYR C 105 22.60 -11.74 -1.07
C TYR C 105 23.69 -11.01 -1.82
N THR C 106 24.52 -11.74 -2.60
CA THR C 106 25.47 -11.08 -3.49
C THR C 106 24.63 -10.38 -4.58
N LEU C 107 25.15 -9.32 -5.19
CA LEU C 107 24.46 -8.63 -6.27
C LEU C 107 24.15 -9.60 -7.41
N LYS C 108 25.10 -10.48 -7.73
CA LYS C 108 24.90 -11.51 -8.76
C LYS C 108 23.72 -12.43 -8.41
N GLU C 109 23.67 -12.95 -7.17
CA GLU C 109 22.57 -13.83 -6.78
C GLU C 109 21.24 -13.09 -6.78
N ARG C 110 21.24 -11.83 -6.33
CA ARG C 110 20.05 -11.01 -6.34
C ARG C 110 19.56 -10.76 -7.77
N CYS C 111 20.47 -10.51 -8.73
CA CYS C 111 20.15 -10.33 -10.15
C CYS C 111 19.60 -11.63 -10.73
N LEU C 112 20.20 -12.78 -10.40
CA LEU C 112 19.71 -14.08 -10.87
C LEU C 112 18.29 -14.32 -10.38
N GLN C 113 17.98 -13.91 -9.13
CA GLN C 113 16.62 -14.03 -8.58
C GLN C 113 15.63 -13.17 -9.38
N VAL C 114 15.95 -11.91 -9.67
CA VAL C 114 15.08 -11.02 -10.41
C VAL C 114 14.83 -11.52 -11.83
N VAL C 115 15.89 -11.97 -12.52
CA VAL C 115 15.78 -12.52 -13.87
C VAL C 115 14.92 -13.80 -13.88
N ARG C 116 15.14 -14.74 -12.92
CA ARG C 116 14.30 -15.95 -12.82
C ARG C 116 12.82 -15.62 -12.62
N SER C 117 12.52 -14.54 -11.89
CA SER C 117 11.14 -14.14 -11.64
C SER C 117 10.44 -13.48 -12.84
N LEU C 118 11.21 -13.07 -13.86
CA LEU C 118 10.66 -12.41 -15.05
C LEU C 118 10.67 -13.29 -16.30
N VAL C 119 11.55 -14.29 -16.36
CA VAL C 119 11.71 -15.14 -17.54
C VAL C 119 11.36 -16.58 -17.24
N LYS C 120 10.53 -17.22 -18.09
CA LYS C 120 10.17 -18.62 -17.94
C LYS C 120 11.43 -19.46 -18.15
N PRO C 121 11.62 -20.56 -17.41
CA PRO C 121 12.85 -21.36 -17.56
C PRO C 121 13.16 -21.80 -18.99
N GLU C 122 12.13 -21.94 -19.85
CA GLU C 122 12.29 -22.31 -21.26
C GLU C 122 13.03 -21.22 -22.05
N ASN C 123 12.84 -19.94 -21.67
CA ASN C 123 13.46 -18.83 -22.38
C ASN C 123 14.76 -18.30 -21.79
N TYR C 124 15.41 -19.04 -20.85
CA TYR C 124 16.71 -18.59 -20.33
C TYR C 124 17.75 -18.57 -21.48
N ARG C 125 17.67 -19.56 -22.39
CA ARG C 125 18.57 -19.69 -23.53
C ARG C 125 18.41 -18.55 -24.55
N ARG C 126 17.27 -17.85 -24.55
CA ARG C 126 17.05 -16.73 -25.47
C ARG C 126 17.60 -15.38 -24.95
N LEU C 127 18.15 -15.35 -23.72
CA LEU C 127 18.71 -14.13 -23.14
C LEU C 127 20.11 -13.88 -23.74
N ASP C 128 20.44 -12.61 -24.06
CA ASP C 128 21.75 -12.29 -24.65
C ASP C 128 22.83 -12.16 -23.58
N ILE C 129 23.23 -13.30 -23.02
CA ILE C 129 24.25 -13.39 -21.96
C ILE C 129 25.21 -14.55 -22.23
N VAL C 130 26.40 -14.53 -21.58
CA VAL C 130 27.37 -15.60 -21.72
C VAL C 130 26.79 -16.91 -21.18
N ARG C 131 27.23 -18.04 -21.77
CA ARG C 131 26.76 -19.39 -21.44
C ARG C 131 26.83 -19.72 -19.94
N SER C 132 27.86 -19.21 -19.24
CA SER C 132 28.00 -19.46 -17.81
C SER C 132 26.82 -18.86 -17.04
N LEU C 133 26.31 -17.69 -17.46
CA LEU C 133 25.16 -17.04 -16.81
C LEU C 133 23.85 -17.77 -17.06
N TYR C 134 23.72 -18.44 -18.23
CA TYR C 134 22.54 -19.27 -18.52
C TYR C 134 22.53 -20.45 -17.53
N GLU C 135 23.71 -21.08 -17.32
CA GLU C 135 23.82 -22.19 -16.38
C GLU C 135 23.60 -21.75 -14.94
N ASP C 136 24.02 -20.53 -14.58
CA ASP C 136 23.80 -19.98 -13.24
C ASP C 136 22.31 -19.79 -13.00
N LEU C 137 21.57 -19.33 -14.04
CA LEU C 137 20.11 -19.13 -13.97
C LEU C 137 19.41 -20.46 -13.79
N GLU C 138 19.84 -21.49 -14.54
CA GLU C 138 19.24 -22.83 -14.48
C GLU C 138 19.52 -23.56 -13.18
N ASP C 139 20.63 -23.23 -12.51
CA ASP C 139 21.00 -23.85 -11.25
C ASP C 139 20.21 -23.16 -10.13
N HIS C 140 18.90 -23.41 -10.09
CA HIS C 140 17.93 -22.86 -9.14
C HIS C 140 18.33 -23.24 -7.73
N PRO C 141 18.13 -22.33 -6.76
CA PRO C 141 18.42 -22.67 -5.35
C PRO C 141 17.68 -23.94 -4.92
N ASN C 142 18.33 -24.79 -4.12
CA ASN C 142 17.72 -26.05 -3.70
C ASN C 142 18.28 -26.49 -2.34
N VAL C 143 17.47 -27.19 -1.54
CA VAL C 143 17.85 -27.63 -0.19
C VAL C 143 18.90 -28.75 -0.22
N GLN C 144 18.70 -29.77 -1.06
CA GLN C 144 19.63 -30.89 -1.17
C GLN C 144 21.06 -30.43 -1.52
N LYS C 145 21.18 -29.45 -2.43
CA LYS C 145 22.45 -28.86 -2.84
C LYS C 145 23.13 -28.12 -1.67
N ASP C 146 22.34 -27.41 -0.87
CA ASP C 146 22.86 -26.70 0.29
C ASP C 146 23.22 -27.66 1.40
N LEU C 147 22.46 -28.75 1.58
CA LEU C 147 22.76 -29.77 2.57
C LEU C 147 24.09 -30.45 2.25
N GLU C 148 24.36 -30.69 0.96
CA GLU C 148 25.62 -31.29 0.51
C GLU C 148 26.77 -30.29 0.67
N ARG C 149 26.50 -28.99 0.44
CA ARG C 149 27.50 -27.93 0.62
C ARG C 149 27.87 -27.85 2.11
N LEU C 150 26.86 -27.85 2.99
CA LEU C 150 27.02 -27.80 4.44
C LEU C 150 27.64 -29.07 5.01
N THR C 151 27.47 -30.22 4.32
CA THR C 151 28.04 -31.50 4.75
C THR C 151 29.55 -31.47 4.51
N GLN C 152 29.96 -31.09 3.28
CA GLN C 152 31.36 -30.98 2.87
C GLN C 152 32.13 -30.05 3.83
N GLU C 153 31.50 -28.94 4.23
CA GLU C 153 32.09 -27.97 5.15
C GLU C 153 32.23 -28.54 6.58
N MET D 1 -13.17 -2.97 -14.16
CA MET D 1 -13.65 -3.79 -15.25
C MET D 1 -12.91 -3.45 -16.54
N ASP D 2 -12.43 -4.46 -17.26
CA ASP D 2 -11.77 -4.26 -18.52
C ASP D 2 -12.77 -4.12 -19.66
N VAL D 3 -12.48 -3.19 -20.58
CA VAL D 3 -13.24 -2.95 -21.80
C VAL D 3 -12.28 -3.23 -22.97
N PHE D 4 -12.78 -3.87 -24.02
CA PHE D 4 -11.97 -4.30 -25.15
C PHE D 4 -12.33 -3.48 -26.37
N LEU D 5 -11.33 -2.80 -26.93
CA LEU D 5 -11.52 -1.83 -27.96
C LEU D 5 -10.73 -2.04 -29.26
N MET D 6 -11.19 -1.39 -30.33
CA MET D 6 -10.55 -1.23 -31.63
C MET D 6 -10.44 0.31 -31.83
N ILE D 7 -9.22 0.88 -31.76
CA ILE D 7 -9.00 2.32 -32.00
C ILE D 7 -8.68 2.43 -33.46
N ARG D 8 -9.58 3.06 -34.25
CA ARG D 8 -9.48 3.06 -35.70
C ARG D 8 -9.33 4.44 -36.36
N ARG D 9 -8.40 4.54 -37.32
CA ARG D 9 -8.14 5.75 -38.07
C ARG D 9 -7.65 5.31 -39.41
N HIS D 10 -8.29 5.76 -40.51
CA HIS D 10 -7.90 5.44 -41.89
C HIS D 10 -7.80 3.90 -42.06
N LYS D 11 -6.61 3.34 -42.35
CA LYS D 11 -6.46 1.88 -42.43
C LYS D 11 -5.67 1.34 -41.24
N THR D 12 -5.70 2.00 -40.08
CA THR D 12 -5.03 1.56 -38.86
C THR D 12 -6.10 1.11 -37.85
N THR D 13 -5.89 -0.03 -37.18
CA THR D 13 -6.79 -0.53 -36.15
C THR D 13 -5.94 -1.05 -35.02
N ILE D 14 -6.02 -0.44 -33.84
CA ILE D 14 -5.29 -0.89 -32.68
C ILE D 14 -6.24 -1.70 -31.82
N PHE D 15 -5.85 -2.94 -31.48
CA PHE D 15 -6.63 -3.77 -30.60
C PHE D 15 -6.00 -3.58 -29.23
N THR D 16 -6.77 -3.07 -28.25
CA THR D 16 -6.25 -2.88 -26.89
C THR D 16 -7.40 -2.95 -25.88
N ASP D 17 -7.06 -3.07 -24.59
CA ASP D 17 -8.03 -3.06 -23.53
C ASP D 17 -7.70 -1.89 -22.58
N ALA D 18 -8.67 -1.48 -21.77
CA ALA D 18 -8.51 -0.40 -20.80
C ALA D 18 -9.53 -0.58 -19.67
N LYS D 19 -9.34 0.11 -18.54
CA LYS D 19 -10.31 0.04 -17.47
C LYS D 19 -11.49 0.92 -17.83
N GLU D 20 -12.68 0.52 -17.43
CA GLU D 20 -13.90 1.30 -17.63
C GLU D 20 -13.78 2.66 -16.87
N SER D 21 -13.02 2.70 -15.75
CA SER D 21 -12.74 3.90 -14.94
C SER D 21 -11.64 4.76 -15.54
N SER D 22 -10.87 4.26 -16.52
CA SER D 22 -9.80 5.04 -17.14
C SER D 22 -10.41 6.13 -18.02
N THR D 23 -9.68 7.21 -18.25
CA THR D 23 -10.20 8.36 -19.00
C THR D 23 -9.82 8.35 -20.48
N VAL D 24 -10.50 9.21 -21.29
CA VAL D 24 -10.22 9.46 -22.69
C VAL D 24 -8.78 9.94 -22.87
N PHE D 25 -8.29 10.83 -21.99
CA PHE D 25 -6.92 11.30 -22.04
C PHE D 25 -5.93 10.14 -21.81
N GLU D 26 -6.23 9.26 -20.84
CA GLU D 26 -5.38 8.10 -20.60
C GLU D 26 -5.36 7.17 -21.78
N LEU D 27 -6.47 7.05 -22.52
CA LEU D 27 -6.51 6.26 -23.74
C LEU D 27 -5.65 6.92 -24.84
N LYS D 28 -5.58 8.26 -24.88
CA LYS D 28 -4.71 9.00 -25.82
C LYS D 28 -3.23 8.75 -25.50
N ARG D 29 -2.90 8.59 -24.21
CA ARG D 29 -1.54 8.25 -23.80
C ARG D 29 -1.20 6.86 -24.30
N ILE D 30 -2.17 5.91 -24.32
CA ILE D 30 -1.98 4.56 -24.87
C ILE D 30 -1.69 4.67 -26.38
N VAL D 31 -2.49 5.43 -27.10
CA VAL D 31 -2.30 5.65 -28.54
C VAL D 31 -0.94 6.31 -28.81
N GLU D 32 -0.52 7.23 -27.94
CA GLU D 32 0.77 7.93 -28.06
C GLU D 32 1.93 6.96 -28.02
N GLY D 33 1.87 5.99 -27.12
CA GLY D 33 2.92 4.98 -27.00
C GLY D 33 3.04 4.10 -28.23
N ILE D 34 1.93 3.91 -28.97
CA ILE D 34 1.91 3.07 -30.16
C ILE D 34 2.18 3.85 -31.47
N LEU D 35 1.37 4.88 -31.77
CA LEU D 35 1.46 5.64 -33.02
C LEU D 35 2.38 6.88 -32.97
N LYS D 36 2.99 7.16 -31.80
CA LYS D 36 3.93 8.23 -31.54
C LYS D 36 3.38 9.62 -31.85
N ARG D 37 2.12 9.87 -31.44
CA ARG D 37 1.50 11.18 -31.62
C ARG D 37 1.00 11.62 -30.27
N PRO D 38 1.34 12.84 -29.83
CA PRO D 38 0.91 13.28 -28.49
C PRO D 38 -0.60 13.45 -28.35
N PRO D 39 -1.12 13.38 -27.11
CA PRO D 39 -2.56 13.55 -26.92
C PRO D 39 -3.15 14.85 -27.46
N ASP D 40 -2.38 15.97 -27.49
CA ASP D 40 -2.91 17.22 -28.06
C ASP D 40 -3.05 17.16 -29.60
N GLU D 41 -2.46 16.15 -30.25
CA GLU D 41 -2.64 15.95 -31.69
C GLU D 41 -3.63 14.84 -32.00
N GLN D 42 -4.45 14.43 -31.01
CA GLN D 42 -5.42 13.35 -31.20
C GLN D 42 -6.82 13.81 -30.79
N ARG D 43 -7.82 13.25 -31.49
CA ARG D 43 -9.23 13.43 -31.19
C ARG D 43 -9.84 12.03 -31.20
N LEU D 44 -10.51 11.63 -30.10
CA LEU D 44 -11.14 10.32 -30.00
C LEU D 44 -12.65 10.47 -30.13
N TYR D 45 -13.30 9.49 -30.77
CA TYR D 45 -14.72 9.55 -31.04
C TYR D 45 -15.45 8.25 -30.67
N LYS D 46 -16.75 8.34 -30.41
CA LYS D 46 -17.61 7.17 -30.27
C LYS D 46 -18.67 7.49 -31.30
N ASP D 47 -18.62 6.80 -32.44
CA ASP D 47 -19.45 7.09 -33.60
C ASP D 47 -18.98 8.49 -34.13
N ASP D 48 -19.90 9.43 -34.43
CA ASP D 48 -19.51 10.77 -34.87
C ASP D 48 -19.30 11.75 -33.71
N GLN D 49 -19.35 11.28 -32.46
CA GLN D 49 -19.24 12.13 -31.31
C GLN D 49 -17.84 12.25 -30.72
N LEU D 50 -17.34 13.47 -30.62
CA LEU D 50 -16.05 13.78 -30.03
C LEU D 50 -16.11 13.52 -28.54
N LEU D 51 -15.10 12.85 -28.00
CA LEU D 51 -15.05 12.51 -26.59
C LEU D 51 -14.19 13.49 -25.80
N ASP D 52 -14.65 13.85 -24.60
CA ASP D 52 -13.98 14.75 -23.67
C ASP D 52 -12.87 14.05 -22.87
N ASP D 53 -11.66 14.62 -22.84
CA ASP D 53 -10.49 14.04 -22.16
C ASP D 53 -10.72 13.56 -20.72
N GLY D 54 -11.47 14.33 -19.94
CA GLY D 54 -11.75 14.03 -18.54
C GLY D 54 -12.74 12.93 -18.29
N LYS D 55 -13.52 12.56 -19.30
CA LYS D 55 -14.52 11.52 -19.17
C LYS D 55 -13.93 10.14 -19.12
N THR D 56 -14.50 9.28 -18.26
CA THR D 56 -14.08 7.89 -18.21
C THR D 56 -14.66 7.16 -19.43
N LEU D 57 -14.10 6.01 -19.77
CA LEU D 57 -14.58 5.22 -20.89
C LEU D 57 -16.00 4.74 -20.66
N GLY D 58 -16.33 4.37 -19.41
CA GLY D 58 -17.68 4.00 -19.00
C GLY D 58 -18.70 5.09 -19.28
N GLU D 59 -18.35 6.34 -18.93
CA GLU D 59 -19.17 7.53 -19.20
C GLU D 59 -19.33 7.77 -20.72
N CYS D 60 -18.34 7.42 -21.53
CA CYS D 60 -18.41 7.50 -22.99
C CYS D 60 -19.15 6.34 -23.65
N GLY D 61 -19.68 5.41 -22.89
CA GLY D 61 -20.43 4.30 -23.44
C GLY D 61 -19.67 3.01 -23.66
N PHE D 62 -18.43 2.94 -23.17
CA PHE D 62 -17.61 1.72 -23.30
C PHE D 62 -17.68 0.94 -22.00
N THR D 63 -18.49 -0.09 -21.98
CA THR D 63 -18.73 -0.93 -20.82
C THR D 63 -18.41 -2.40 -21.11
N SER D 64 -18.37 -3.26 -20.07
CA SER D 64 -18.12 -4.69 -20.28
C SER D 64 -19.19 -5.35 -21.18
N GLN D 65 -20.42 -4.83 -21.12
CA GLN D 65 -21.56 -5.30 -21.91
C GLN D 65 -21.40 -4.99 -23.39
N THR D 66 -20.68 -3.93 -23.75
CA THR D 66 -20.57 -3.49 -25.14
C THR D 66 -19.20 -3.55 -25.76
N ALA D 67 -18.18 -3.81 -24.96
CA ALA D 67 -16.81 -3.79 -25.46
C ALA D 67 -16.20 -5.10 -25.02
N ARG D 68 -16.61 -6.20 -25.65
CA ARG D 68 -16.23 -7.58 -25.33
C ARG D 68 -14.95 -8.04 -26.07
N PRO D 69 -14.20 -9.00 -25.51
CA PRO D 69 -12.98 -9.47 -26.21
C PRO D 69 -13.25 -9.95 -27.65
N GLN D 70 -14.30 -10.75 -27.84
CA GLN D 70 -14.72 -11.30 -29.13
C GLN D 70 -15.50 -10.35 -30.02
N ALA D 71 -15.92 -9.19 -29.48
CA ALA D 71 -16.69 -8.17 -30.19
C ALA D 71 -16.34 -6.81 -29.57
N PRO D 72 -15.14 -6.28 -29.88
CA PRO D 72 -14.70 -5.03 -29.25
C PRO D 72 -15.43 -3.79 -29.75
N ALA D 73 -15.51 -2.75 -28.90
CA ALA D 73 -16.15 -1.49 -29.27
C ALA D 73 -15.16 -0.64 -30.08
N THR D 74 -15.66 0.18 -31.03
CA THR D 74 -14.79 1.02 -31.85
C THR D 74 -14.66 2.46 -31.33
N VAL D 75 -13.41 2.93 -31.24
CA VAL D 75 -13.09 4.30 -30.88
C VAL D 75 -12.48 4.89 -32.14
N GLY D 76 -13.06 5.96 -32.67
CA GLY D 76 -12.52 6.65 -33.84
C GLY D 76 -11.37 7.55 -33.44
N LEU D 77 -10.35 7.68 -34.29
CA LEU D 77 -9.19 8.52 -33.99
C LEU D 77 -8.90 9.43 -35.17
N ALA D 78 -8.67 10.74 -34.90
CA ALA D 78 -8.31 11.73 -35.89
C ALA D 78 -7.04 12.45 -35.38
N PHE D 79 -6.05 12.60 -36.25
CA PHE D 79 -4.80 13.27 -35.92
C PHE D 79 -4.80 14.74 -36.35
N ARG D 80 -3.99 15.56 -35.68
CA ARG D 80 -3.86 16.97 -36.05
C ARG D 80 -2.72 17.11 -37.05
N ALA D 81 -3.05 17.62 -38.23
CA ALA D 81 -2.07 17.85 -39.27
C ALA D 81 -1.68 19.31 -39.17
N ASP D 82 -0.59 19.59 -38.43
CA ASP D 82 -0.06 20.94 -38.22
C ASP D 82 -1.07 21.84 -37.42
N ASP D 83 -1.76 22.81 -38.06
CA ASP D 83 -2.67 23.69 -37.36
C ASP D 83 -4.04 23.07 -37.08
N THR D 84 -4.60 22.30 -38.03
CA THR D 84 -5.95 21.76 -37.88
C THR D 84 -6.05 20.24 -37.88
N PHE D 85 -7.10 19.75 -37.23
CA PHE D 85 -7.38 18.33 -37.19
C PHE D 85 -8.00 17.89 -38.50
N GLU D 86 -7.65 16.70 -38.96
CA GLU D 86 -8.25 16.12 -40.15
C GLU D 86 -9.69 15.66 -39.78
N ALA D 87 -10.55 15.44 -40.78
CA ALA D 87 -11.89 14.93 -40.51
C ALA D 87 -11.77 13.45 -40.09
N LEU D 88 -12.67 12.97 -39.21
CA LEU D 88 -12.65 11.58 -38.78
C LEU D 88 -12.96 10.71 -39.99
N CAS D 89 -12.00 9.83 -40.30
CA CAS D 89 -12.12 8.96 -41.46
CB CAS D 89 -11.07 9.57 -42.41
C CAS D 89 -11.69 7.56 -41.06
O CAS D 89 -10.59 7.39 -40.56
SG CAS D 89 -10.48 8.48 -43.75
AS CAS D 89 -12.55 8.36 -44.63
CE1 CAS D 89 -12.70 9.50 -46.30
CE2 CAS D 89 -12.85 6.46 -45.26
N ILE D 90 -12.58 6.58 -41.24
CA ILE D 90 -12.29 5.19 -40.92
C ILE D 90 -12.55 4.38 -42.18
N GLU D 91 -11.51 3.79 -42.76
CA GLU D 91 -11.65 2.97 -43.94
C GLU D 91 -12.34 1.65 -43.55
N PRO D 92 -13.44 1.31 -44.24
CA PRO D 92 -14.14 0.05 -43.93
C PRO D 92 -13.32 -1.18 -44.26
N PHE D 93 -13.63 -2.30 -43.59
CA PHE D 93 -12.99 -3.56 -43.90
C PHE D 93 -13.49 -4.06 -45.28
N SER D 94 -12.83 -5.08 -45.85
CA SER D 94 -13.24 -5.66 -47.12
C SER D 94 -14.60 -6.36 -46.98
N SER D 95 -15.29 -6.52 -48.11
CA SER D 95 -16.60 -7.13 -48.12
C SER D 95 -16.44 -8.62 -48.32
N PRO D 96 -17.14 -9.45 -47.53
CA PRO D 96 -17.09 -10.89 -47.76
C PRO D 96 -17.73 -11.24 -49.10
N PRO D 97 -17.29 -12.34 -49.75
CA PRO D 97 -17.92 -12.75 -51.01
C PRO D 97 -19.37 -13.22 -50.79
N GLU D 98 -20.10 -13.45 -51.89
CA GLU D 98 -21.47 -13.96 -51.80
C GLU D 98 -21.42 -15.38 -51.24
N LEU D 99 -22.36 -15.73 -50.35
CA LEU D 99 -22.42 -17.06 -49.74
C LEU D 99 -22.52 -18.14 -50.81
N PRO D 100 -21.65 -19.16 -50.77
CA PRO D 100 -21.73 -20.24 -51.78
C PRO D 100 -23.09 -20.95 -51.72
N ASP D 101 -23.47 -21.62 -52.82
CA ASP D 101 -24.75 -22.31 -52.90
C ASP D 101 -24.93 -23.36 -51.79
N VAL D 102 -23.86 -24.07 -51.44
CA VAL D 102 -23.90 -25.10 -50.40
C VAL D 102 -24.13 -24.55 -48.98
N MET D 103 -23.91 -23.25 -48.77
CA MET D 103 -24.16 -22.60 -47.49
C MET D 103 -25.51 -21.86 -47.44
N LYS D 104 -26.23 -21.78 -48.56
CA LYS D 104 -27.52 -21.09 -48.62
C LYS D 104 -28.66 -22.03 -48.23
N MET E 2 4.42 -4.20 -25.63
CA MET E 2 4.94 -4.35 -26.99
C MET E 2 3.88 -4.94 -27.92
N TYR E 3 3.77 -4.28 -29.06
CA TYR E 3 2.80 -4.58 -30.08
C TYR E 3 3.51 -5.00 -31.38
N VAL E 4 2.77 -5.66 -32.25
CA VAL E 4 3.21 -6.03 -33.59
C VAL E 4 2.11 -5.55 -34.53
N LYS E 5 2.47 -5.38 -35.80
CA LYS E 5 1.55 -4.96 -36.84
C LYS E 5 1.27 -6.11 -37.80
N LEU E 6 0.01 -6.43 -38.02
CA LEU E 6 -0.41 -7.49 -38.94
C LEU E 6 -1.13 -6.79 -40.06
N ILE E 7 -0.61 -6.90 -41.28
CA ILE E 7 -1.17 -6.20 -42.43
C ILE E 7 -1.96 -7.12 -43.34
N SER E 8 -3.23 -6.77 -43.60
CA SER E 8 -4.09 -7.59 -44.46
C SER E 8 -3.73 -7.46 -45.95
N SER E 9 -4.32 -8.32 -46.81
CA SER E 9 -4.08 -8.29 -48.26
C SER E 9 -4.52 -6.93 -48.87
N ASP E 10 -5.56 -6.32 -48.31
CA ASP E 10 -6.06 -5.02 -48.77
C ASP E 10 -5.42 -3.82 -48.06
N GLY E 11 -4.30 -4.01 -47.37
CA GLY E 11 -3.55 -2.93 -46.74
C GLY E 11 -3.99 -2.40 -45.38
N HIS E 12 -4.92 -3.07 -44.69
CA HIS E 12 -5.33 -2.63 -43.35
C HIS E 12 -4.25 -3.07 -42.36
N GLU E 13 -3.85 -2.19 -41.47
CA GLU E 13 -2.84 -2.46 -40.47
C GLU E 13 -3.47 -2.68 -39.10
N PHE E 14 -3.28 -3.87 -38.53
CA PHE E 14 -3.82 -4.24 -37.24
C PHE E 14 -2.70 -4.27 -36.20
N ILE E 15 -2.79 -3.42 -35.20
CA ILE E 15 -1.78 -3.36 -34.15
C ILE E 15 -2.29 -4.09 -32.93
N VAL E 16 -1.66 -5.22 -32.61
CA VAL E 16 -2.05 -6.06 -31.50
C VAL E 16 -0.86 -6.37 -30.63
N LYS E 17 -1.11 -6.73 -29.36
CA LYS E 17 -0.05 -7.13 -28.44
C LYS E 17 0.67 -8.36 -29.00
N ARG E 18 2.01 -8.37 -28.92
CA ARG E 18 2.85 -9.47 -29.40
C ARG E 18 2.41 -10.80 -28.75
N GLU E 19 2.13 -10.78 -27.44
CA GLU E 19 1.68 -11.97 -26.70
C GLU E 19 0.43 -12.56 -27.35
N HIS E 20 -0.52 -11.70 -27.76
CA HIS E 20 -1.74 -12.10 -28.43
C HIS E 20 -1.46 -12.72 -29.81
N ALA E 21 -0.64 -12.06 -30.65
CA ALA E 21 -0.32 -12.59 -31.97
C ALA E 21 0.45 -13.92 -31.88
N LEU E 22 1.25 -14.13 -30.82
CA LEU E 22 1.97 -15.37 -30.61
C LEU E 22 1.04 -16.57 -30.32
N THR E 23 -0.29 -16.37 -30.28
CA THR E 23 -1.31 -17.42 -30.23
C THR E 23 -1.13 -18.30 -31.51
N SER E 24 -0.74 -17.67 -32.61
CA SER E 24 -0.47 -18.32 -33.85
C SER E 24 1.01 -18.71 -33.92
N GLY E 25 1.28 -19.99 -34.09
CA GLY E 25 2.65 -20.47 -34.24
C GLY E 25 3.26 -20.03 -35.55
N THR E 26 2.42 -19.90 -36.60
CA THR E 26 2.84 -19.40 -37.91
C THR E 26 3.32 -17.94 -37.78
N ILE E 27 2.57 -17.09 -37.03
CA ILE E 27 2.96 -15.70 -36.81
C ILE E 27 4.27 -15.67 -36.03
N LYS E 28 4.38 -16.50 -34.96
CA LYS E 28 5.61 -16.57 -34.16
C LYS E 28 6.86 -16.83 -35.03
N ALA E 29 6.73 -17.74 -36.02
CA ALA E 29 7.80 -18.05 -36.96
C ALA E 29 8.11 -16.89 -37.92
N MET E 30 7.10 -16.15 -38.35
CA MET E 30 7.27 -15.00 -39.22
C MET E 30 7.92 -13.80 -38.50
N LEU E 31 7.73 -13.70 -37.18
CA LEU E 31 8.32 -12.63 -36.39
C LEU E 31 9.73 -12.99 -35.95
N SER E 32 9.94 -14.25 -35.52
CA SER E 32 11.24 -14.67 -35.05
C SER E 32 12.19 -15.10 -36.15
N GLY E 33 11.67 -15.63 -37.25
CA GLY E 33 12.52 -16.07 -38.36
C GLY E 33 13.15 -17.42 -38.12
N THR E 42 12.07 -6.98 -36.16
CA THR E 42 11.02 -7.15 -37.16
C THR E 42 9.65 -7.33 -36.48
N ASN E 43 8.80 -6.30 -36.53
CA ASN E 43 7.50 -6.40 -35.85
C ASN E 43 6.32 -6.14 -36.76
N GLU E 44 6.46 -6.40 -38.07
CA GLU E 44 5.38 -6.25 -39.04
C GLU E 44 5.30 -7.52 -39.86
N VAL E 45 4.10 -8.05 -40.06
CA VAL E 45 3.89 -9.24 -40.89
C VAL E 45 2.85 -8.90 -41.94
N ASN E 46 3.12 -9.23 -43.21
CA ASN E 46 2.15 -8.99 -44.28
C ASN E 46 1.45 -10.29 -44.63
N PHE E 47 0.14 -10.24 -44.79
CA PHE E 47 -0.65 -11.41 -45.13
C PHE E 47 -1.28 -11.18 -46.48
N ARG E 48 -0.61 -11.62 -47.54
CA ARG E 48 -1.08 -11.41 -48.92
C ARG E 48 -2.37 -12.15 -49.25
N GLU E 49 -2.74 -13.15 -48.44
CA GLU E 49 -3.93 -13.95 -48.69
C GLU E 49 -5.05 -13.69 -47.72
N ILE E 50 -4.84 -12.90 -46.66
CA ILE E 50 -5.86 -12.67 -45.66
C ILE E 50 -6.46 -11.27 -45.74
N PRO E 51 -7.70 -11.13 -46.23
CA PRO E 51 -8.32 -9.79 -46.29
C PRO E 51 -8.71 -9.25 -44.89
N SER E 52 -8.95 -7.94 -44.78
CA SER E 52 -9.26 -7.30 -43.49
C SER E 52 -10.53 -7.79 -42.82
N HIS E 53 -11.57 -8.21 -43.60
CA HIS E 53 -12.78 -8.76 -42.96
C HIS E 53 -12.51 -10.11 -42.26
N VAL E 54 -11.41 -10.78 -42.62
CA VAL E 54 -11.01 -12.04 -42.01
C VAL E 54 -9.98 -11.74 -40.90
N LEU E 55 -8.95 -10.92 -41.20
CA LEU E 55 -7.87 -10.62 -40.26
C LEU E 55 -8.31 -9.87 -39.02
N SER E 56 -9.32 -9.00 -39.16
CA SER E 56 -9.86 -8.29 -37.99
C SER E 56 -10.48 -9.31 -37.02
N LYS E 57 -11.17 -10.32 -37.54
CA LYS E 57 -11.81 -11.37 -36.76
C LYS E 57 -10.78 -12.31 -36.11
N VAL E 58 -9.65 -12.59 -36.80
CA VAL E 58 -8.53 -13.38 -36.27
C VAL E 58 -7.98 -12.63 -35.04
N CYS E 59 -7.84 -11.29 -35.11
CA CYS E 59 -7.38 -10.45 -33.99
C CYS E 59 -8.37 -10.47 -32.80
N MET E 60 -9.67 -10.50 -33.09
CA MET E 60 -10.69 -10.63 -32.04
C MET E 60 -10.56 -12.01 -31.37
N TYR E 61 -10.21 -13.06 -32.16
CA TYR E 61 -9.99 -14.41 -31.65
C TYR E 61 -8.80 -14.41 -30.69
N PHE E 62 -7.70 -13.74 -31.03
CA PHE E 62 -6.52 -13.66 -30.16
C PHE E 62 -6.88 -13.03 -28.81
N THR E 63 -7.69 -11.98 -28.83
CA THR E 63 -8.10 -11.30 -27.62
C THR E 63 -8.98 -12.22 -26.76
N TYR E 64 -9.95 -12.90 -27.39
CA TYR E 64 -10.90 -13.83 -26.79
C TYR E 64 -10.13 -15.00 -26.16
N LYS E 65 -9.16 -15.56 -26.88
CA LYS E 65 -8.34 -16.67 -26.44
C LYS E 65 -7.51 -16.30 -25.22
N VAL E 66 -6.78 -15.16 -25.29
CA VAL E 66 -5.95 -14.73 -24.16
C VAL E 66 -6.83 -14.43 -22.91
N ARG E 67 -8.00 -13.81 -23.11
CA ARG E 67 -8.91 -13.50 -22.02
C ARG E 67 -9.54 -14.72 -21.35
N TYR E 68 -10.01 -15.69 -22.13
CA TYR E 68 -10.75 -16.81 -21.57
C TYR E 68 -9.92 -18.08 -21.33
N THR E 69 -8.65 -18.13 -21.74
CA THR E 69 -7.80 -19.30 -21.45
C THR E 69 -7.47 -19.35 -19.96
N ASN E 70 -7.66 -20.51 -19.32
CA ASN E 70 -7.42 -20.72 -17.89
C ASN E 70 -8.32 -19.80 -17.03
N SER E 71 -9.52 -19.50 -17.51
CA SER E 71 -10.44 -18.63 -16.79
C SER E 71 -11.65 -19.39 -16.27
N SER E 72 -12.11 -19.06 -15.06
CA SER E 72 -13.30 -19.69 -14.50
C SER E 72 -14.58 -18.84 -14.69
N THR E 73 -14.45 -17.61 -15.24
CA THR E 73 -15.61 -16.79 -15.54
C THR E 73 -16.22 -17.37 -16.82
N GLU E 74 -17.53 -17.78 -16.78
CA GLU E 74 -18.26 -18.43 -17.89
C GLU E 74 -17.85 -17.94 -19.28
N ILE E 75 -17.41 -18.88 -20.12
CA ILE E 75 -16.93 -18.59 -21.46
C ILE E 75 -18.07 -18.44 -22.47
N PRO E 76 -18.12 -17.29 -23.16
CA PRO E 76 -19.13 -17.09 -24.20
C PRO E 76 -18.70 -17.71 -25.53
N GLU E 77 -19.66 -17.94 -26.44
CA GLU E 77 -19.36 -18.50 -27.74
C GLU E 77 -18.59 -17.49 -28.59
N PHE E 78 -17.62 -17.95 -29.38
CA PHE E 78 -16.90 -17.06 -30.28
C PHE E 78 -17.78 -16.95 -31.51
N PRO E 79 -18.30 -15.74 -31.82
CA PRO E 79 -19.24 -15.62 -32.95
C PRO E 79 -18.55 -15.56 -34.31
N ILE E 80 -19.11 -16.25 -35.32
CA ILE E 80 -18.59 -16.23 -36.68
C ILE E 80 -19.74 -16.10 -37.65
N ALA E 81 -19.80 -15.00 -38.43
CA ALA E 81 -20.86 -14.83 -39.43
C ALA E 81 -20.68 -15.87 -40.52
N PRO E 82 -21.77 -16.44 -41.05
CA PRO E 82 -21.63 -17.46 -42.10
C PRO E 82 -20.82 -17.02 -43.32
N GLU E 83 -20.91 -15.74 -43.69
CA GLU E 83 -20.25 -15.15 -44.86
C GLU E 83 -18.73 -15.13 -44.78
N ILE E 84 -18.19 -15.17 -43.57
CA ILE E 84 -16.73 -15.15 -43.40
C ILE E 84 -16.14 -16.49 -42.95
N ALA E 85 -17.00 -17.45 -42.54
CA ALA E 85 -16.60 -18.76 -42.04
C ALA E 85 -15.62 -19.51 -42.92
N LEU E 86 -15.83 -19.53 -44.23
CA LEU E 86 -14.95 -20.26 -45.13
C LEU E 86 -13.56 -19.69 -45.21
N GLU E 87 -13.41 -18.37 -45.39
CA GLU E 87 -12.09 -17.77 -45.44
C GLU E 87 -11.44 -17.77 -44.08
N LEU E 88 -12.20 -17.61 -43.01
CA LEU E 88 -11.66 -17.62 -41.65
C LEU E 88 -11.11 -19.02 -41.34
N LEU E 89 -11.78 -20.09 -41.82
CA LEU E 89 -11.34 -21.48 -41.66
C LEU E 89 -9.97 -21.65 -42.33
N MET E 90 -9.83 -21.13 -43.56
CA MET E 90 -8.58 -21.20 -44.30
C MET E 90 -7.46 -20.42 -43.58
N ALA E 91 -7.78 -19.22 -43.07
CA ALA E 91 -6.80 -18.40 -42.35
C ALA E 91 -6.37 -19.13 -41.08
N ALA E 92 -7.31 -19.68 -40.28
CA ALA E 92 -7.03 -20.43 -39.06
C ALA E 92 -6.19 -21.65 -39.32
N ASN E 93 -6.40 -22.32 -40.46
CA ASN E 93 -5.59 -23.49 -40.82
C ASN E 93 -4.14 -23.07 -41.12
N PHE E 94 -3.92 -21.95 -41.82
CA PHE E 94 -2.58 -21.46 -42.14
C PHE E 94 -1.86 -20.98 -40.88
N LEU E 95 -2.59 -20.24 -40.03
CA LEU E 95 -2.07 -19.65 -38.80
C LEU E 95 -1.90 -20.61 -37.65
N ASP E 96 -2.44 -21.84 -37.75
CA ASP E 96 -2.37 -22.82 -36.67
C ASP E 96 -2.90 -22.28 -35.33
N CYS E 97 -4.09 -21.70 -35.34
CA CYS E 97 -4.70 -21.19 -34.10
C CYS E 97 -6.17 -21.59 -33.98
N PRO F 10 -10.82 -52.44 -21.17
CA PRO F 10 -11.34 -51.05 -21.13
C PRO F 10 -10.90 -50.26 -19.90
N VAL F 11 -9.89 -49.40 -20.08
CA VAL F 11 -9.36 -48.55 -19.02
C VAL F 11 -10.39 -47.54 -18.52
N LEU F 12 -10.97 -46.73 -19.43
CA LEU F 12 -11.96 -45.72 -19.04
C LEU F 12 -13.32 -46.34 -18.81
N ARG F 13 -13.60 -46.69 -17.57
CA ARG F 13 -14.87 -47.29 -17.18
C ARG F 13 -15.26 -46.79 -15.79
N SER F 14 -16.57 -46.82 -15.48
CA SER F 14 -17.01 -46.46 -14.13
C SER F 14 -16.64 -47.61 -13.21
N VAL F 15 -16.40 -47.28 -11.94
CA VAL F 15 -16.14 -48.29 -10.93
C VAL F 15 -17.49 -48.64 -10.30
N ASN F 16 -17.82 -49.92 -10.17
CA ASN F 16 -19.09 -50.35 -9.58
C ASN F 16 -19.03 -50.27 -8.05
N SER F 17 -19.02 -49.04 -7.51
CA SER F 17 -18.93 -48.79 -6.08
C SER F 17 -20.23 -49.08 -5.35
N ARG F 18 -21.37 -48.81 -6.01
CA ARG F 18 -22.71 -48.94 -5.46
C ARG F 18 -22.94 -47.97 -4.29
N GLU F 19 -22.20 -46.84 -4.27
CA GLU F 19 -22.27 -45.80 -3.27
C GLU F 19 -22.90 -44.57 -3.90
N PRO F 20 -24.17 -44.26 -3.58
CA PRO F 20 -24.82 -43.09 -4.21
C PRO F 20 -24.07 -41.77 -4.03
N SER F 21 -24.15 -40.95 -5.06
CA SER F 21 -23.52 -39.65 -5.10
C SER F 21 -24.46 -38.75 -5.87
N GLN F 22 -25.07 -37.80 -5.17
CA GLN F 22 -25.99 -36.86 -5.79
C GLN F 22 -25.21 -35.70 -6.44
N VAL F 23 -25.54 -35.43 -7.69
CA VAL F 23 -24.85 -34.45 -8.52
C VAL F 23 -25.84 -33.46 -9.13
N ILE F 24 -25.41 -32.21 -9.36
CA ILE F 24 -26.21 -31.25 -10.10
C ILE F 24 -25.46 -31.08 -11.45
N PHE F 25 -26.07 -31.49 -12.57
CA PHE F 25 -25.47 -31.24 -13.88
C PHE F 25 -25.94 -29.82 -14.18
N CAS F 26 -25.02 -28.87 -14.27
CA CAS F 26 -25.40 -27.49 -14.53
CB CAS F 26 -24.90 -26.74 -13.32
C CAS F 26 -24.82 -27.05 -15.86
O CAS F 26 -23.62 -26.89 -16.02
SG CAS F 26 -25.11 -24.93 -13.42
AS CAS F 26 -27.37 -24.72 -13.21
CE1 CAS F 26 -27.41 -24.07 -15.11
CE2 CAS F 26 -27.62 -22.79 -12.76
N ASN F 27 -25.70 -26.83 -16.83
CA ASN F 27 -25.29 -26.43 -18.17
C ASN F 27 -25.04 -24.91 -18.27
N ARG F 28 -23.78 -24.48 -18.10
CA ARG F 28 -23.38 -23.07 -18.24
C ARG F 28 -22.76 -22.85 -19.62
N SER F 29 -23.42 -23.37 -20.64
CA SER F 29 -22.99 -23.25 -22.01
C SER F 29 -24.24 -22.87 -22.89
N PRO F 30 -24.03 -22.37 -24.11
CA PRO F 30 -25.17 -22.07 -24.98
C PRO F 30 -25.64 -23.29 -25.80
N ARG F 31 -25.07 -24.48 -25.54
CA ARG F 31 -25.39 -25.69 -26.28
C ARG F 31 -26.40 -26.56 -25.55
N VAL F 32 -27.11 -27.42 -26.31
CA VAL F 32 -27.95 -28.47 -25.77
C VAL F 32 -26.92 -29.55 -25.37
N VAL F 33 -26.89 -29.93 -24.10
CA VAL F 33 -25.87 -30.86 -23.60
C VAL F 33 -26.36 -32.29 -23.55
N LEU F 34 -25.54 -33.20 -24.02
CA LEU F 34 -25.71 -34.64 -23.95
C LEU F 34 -24.73 -35.19 -22.90
N PRO F 35 -25.24 -35.57 -21.73
CA PRO F 35 -24.37 -36.24 -20.73
C PRO F 35 -24.15 -37.68 -21.17
N VAL F 36 -22.93 -38.18 -21.00
CA VAL F 36 -22.56 -39.51 -21.38
C VAL F 36 -21.92 -40.24 -20.18
N TRP F 37 -22.53 -41.33 -19.76
CA TRP F 37 -21.99 -42.14 -18.67
C TRP F 37 -21.15 -43.29 -19.27
N LEU F 38 -19.93 -43.52 -18.79
CA LEU F 38 -19.14 -44.62 -19.29
C LEU F 38 -19.51 -45.78 -18.38
N ASN F 39 -20.16 -46.81 -18.95
CA ASN F 39 -20.65 -47.93 -18.16
C ASN F 39 -19.49 -48.85 -17.64
N PHE F 40 -19.82 -49.91 -16.92
CA PHE F 40 -18.85 -50.82 -16.31
C PHE F 40 -17.95 -51.54 -17.33
N ASP F 41 -18.35 -51.59 -18.61
CA ASP F 41 -17.56 -52.17 -19.69
C ASP F 41 -16.84 -51.08 -20.53
N GLY F 42 -16.96 -49.81 -20.16
CA GLY F 42 -16.36 -48.72 -20.90
C GLY F 42 -17.20 -48.22 -22.06
N GLU F 43 -18.46 -48.69 -22.18
CA GLU F 43 -19.33 -48.27 -23.27
C GLU F 43 -19.97 -46.95 -22.95
N PRO F 44 -19.91 -45.99 -23.87
CA PRO F 44 -20.59 -44.71 -23.61
C PRO F 44 -22.11 -44.86 -23.64
N GLN F 45 -22.79 -44.42 -22.58
CA GLN F 45 -24.24 -44.48 -22.49
C GLN F 45 -24.82 -43.04 -22.45
N PRO F 46 -25.61 -42.67 -23.47
CA PRO F 46 -26.18 -41.32 -23.48
C PRO F 46 -27.33 -41.21 -22.49
N TYR F 47 -27.43 -40.04 -21.85
CA TYR F 47 -28.48 -39.75 -20.87
C TYR F 47 -29.36 -38.58 -21.40
N PRO F 48 -30.54 -38.29 -20.80
CA PRO F 48 -31.37 -37.19 -21.33
C PRO F 48 -30.64 -35.86 -21.48
N THR F 49 -30.99 -35.10 -22.52
CA THR F 49 -30.30 -33.84 -22.79
C THR F 49 -30.73 -32.70 -21.88
N LEU F 50 -29.87 -31.69 -21.74
CA LEU F 50 -30.11 -30.48 -20.96
C LEU F 50 -30.11 -29.28 -21.89
N PRO F 51 -31.23 -28.56 -21.98
CA PRO F 51 -31.23 -27.31 -22.76
C PRO F 51 -30.22 -26.28 -22.19
N PRO F 52 -29.75 -25.32 -23.00
CA PRO F 52 -28.81 -24.29 -22.48
C PRO F 52 -29.29 -23.56 -21.23
N GLY F 53 -28.36 -23.31 -20.31
CA GLY F 53 -28.65 -22.58 -19.08
C GLY F 53 -29.47 -23.32 -18.05
N THR F 54 -29.75 -24.62 -18.26
CA THR F 54 -30.56 -25.38 -17.33
C THR F 54 -29.72 -26.36 -16.48
N GLY F 55 -30.30 -26.78 -15.36
CA GLY F 55 -29.65 -27.73 -14.48
C GLY F 55 -30.56 -28.89 -14.13
N ARG F 56 -29.97 -30.01 -13.72
CA ARG F 56 -30.74 -31.16 -13.28
C ARG F 56 -30.09 -31.81 -12.10
N ARG F 57 -30.89 -32.19 -11.09
N ARG F 57 -30.88 -32.20 -11.11
CA ARG F 57 -30.35 -32.92 -9.95
CA ARG F 57 -30.36 -32.91 -9.95
C ARG F 57 -30.44 -34.40 -10.31
C ARG F 57 -30.44 -34.40 -10.30
N ILE F 58 -29.29 -35.04 -10.49
CA ILE F 58 -29.24 -36.43 -10.90
C ILE F 58 -28.64 -37.37 -9.84
N HIS F 59 -29.02 -38.66 -9.91
CA HIS F 59 -28.50 -39.67 -9.02
C HIS F 59 -27.41 -40.46 -9.71
N SER F 60 -26.19 -40.35 -9.21
CA SER F 60 -25.08 -41.12 -9.73
C SER F 60 -24.40 -41.88 -8.57
N TYR F 61 -23.16 -42.32 -8.73
CA TYR F 61 -22.43 -43.11 -7.74
C TYR F 61 -20.99 -42.67 -7.69
N ARG F 62 -20.32 -42.89 -6.54
CA ARG F 62 -18.90 -42.59 -6.39
C ARG F 62 -18.08 -43.43 -7.38
N GLY F 63 -17.12 -42.80 -8.03
CA GLY F 63 -16.26 -43.50 -8.98
C GLY F 63 -16.80 -43.66 -10.38
N HIS F 64 -18.01 -43.13 -10.65
CA HIS F 64 -18.58 -43.22 -11.98
C HIS F 64 -17.96 -42.17 -12.90
N LEU F 65 -17.89 -42.47 -14.20
CA LEU F 65 -17.26 -41.57 -15.15
C LEU F 65 -18.26 -40.94 -16.10
N TRP F 66 -18.19 -39.61 -16.23
CA TRP F 66 -19.08 -38.86 -17.12
C TRP F 66 -18.31 -37.93 -18.03
N LEU F 67 -18.86 -37.68 -19.20
CA LEU F 67 -18.36 -36.68 -20.13
C LEU F 67 -19.56 -35.99 -20.77
N PHE F 68 -19.36 -34.78 -21.31
CA PHE F 68 -20.47 -33.97 -21.81
C PHE F 68 -20.18 -33.47 -23.19
N ARG F 69 -21.15 -33.57 -24.09
N ARG F 69 -21.18 -33.53 -24.06
CA ARG F 69 -20.96 -33.11 -25.46
CA ARG F 69 -21.06 -33.14 -25.45
C ARG F 69 -22.19 -32.29 -25.93
C ARG F 69 -22.22 -32.24 -25.89
N ASP F 70 -22.09 -31.59 -27.05
CA ASP F 70 -23.19 -30.84 -27.64
C ASP F 70 -24.07 -31.97 -28.26
N ALA F 71 -25.32 -32.07 -27.88
CA ALA F 71 -26.20 -33.16 -28.30
C ALA F 71 -26.46 -33.24 -29.80
N GLY F 72 -26.31 -32.13 -30.49
CA GLY F 72 -26.56 -32.09 -31.93
C GLY F 72 -25.35 -32.41 -32.77
N THR F 73 -24.20 -31.92 -32.38
CA THR F 73 -22.98 -32.07 -33.19
C THR F 73 -21.89 -32.94 -32.56
N HIS F 74 -22.01 -33.28 -31.28
CA HIS F 74 -21.04 -34.05 -30.52
C HIS F 74 -19.75 -33.28 -30.22
N ASP F 75 -19.77 -31.93 -30.32
CA ASP F 75 -18.64 -31.07 -29.95
C ASP F 75 -18.33 -31.29 -28.46
N GLY F 76 -17.05 -31.36 -28.13
CA GLY F 76 -16.62 -31.59 -26.77
C GLY F 76 -16.84 -30.39 -25.88
N LEU F 77 -17.26 -30.66 -24.64
CA LEU F 77 -17.49 -29.65 -23.64
C LEU F 77 -16.64 -29.96 -22.41
N LEU F 78 -16.46 -28.97 -21.53
CA LEU F 78 -15.71 -29.18 -20.31
C LEU F 78 -16.67 -29.30 -19.12
N VAL F 79 -16.25 -30.02 -18.09
CA VAL F 79 -17.03 -30.15 -16.87
C VAL F 79 -16.04 -29.90 -15.73
N ASN F 80 -16.27 -28.85 -14.94
CA ASN F 80 -15.34 -28.43 -13.89
C ASN F 80 -13.92 -28.20 -14.45
N GLN F 81 -13.85 -27.58 -15.64
CA GLN F 81 -12.63 -27.21 -16.37
C GLN F 81 -11.84 -28.38 -16.96
N THR F 82 -12.40 -29.59 -16.95
CA THR F 82 -11.67 -30.74 -17.48
C THR F 82 -12.60 -31.64 -18.35
N GLU F 83 -12.07 -32.74 -18.91
CA GLU F 83 -12.82 -33.62 -19.79
C GLU F 83 -13.76 -34.56 -19.07
N LEU F 84 -13.31 -35.15 -17.96
CA LEU F 84 -14.10 -36.13 -17.25
C LEU F 84 -14.59 -35.66 -15.90
N PHE F 85 -15.78 -36.12 -15.53
CA PHE F 85 -16.36 -35.82 -14.24
C PHE F 85 -16.55 -37.11 -13.48
N VAL F 86 -16.02 -37.16 -12.27
CA VAL F 86 -16.16 -38.33 -11.42
C VAL F 86 -16.88 -37.94 -10.15
N PRO F 87 -18.13 -38.40 -9.95
CA PRO F 87 -18.84 -38.08 -8.71
C PRO F 87 -18.09 -38.57 -7.49
N SER F 88 -18.02 -37.71 -6.49
CA SER F 88 -17.30 -37.98 -5.26
C SER F 88 -18.25 -38.13 -4.05
N LEU F 89 -17.70 -38.22 -2.85
CA LEU F 89 -18.46 -38.35 -1.60
C LEU F 89 -19.18 -37.03 -1.28
N ASN F 90 -20.50 -37.10 -1.03
CA ASN F 90 -21.28 -35.91 -0.67
C ASN F 90 -21.04 -35.55 0.80
N VAL F 91 -20.49 -34.36 1.06
CA VAL F 91 -20.23 -33.94 2.43
C VAL F 91 -21.42 -33.17 3.02
N ASP F 92 -22.03 -33.74 4.09
CA ASP F 92 -23.20 -33.18 4.81
C ASP F 92 -24.43 -33.05 3.88
N GLY F 93 -24.60 -34.04 3.01
CA GLY F 93 -25.71 -34.10 2.05
C GLY F 93 -25.65 -33.06 0.93
N GLN F 94 -24.49 -32.41 0.74
CA GLN F 94 -24.35 -31.41 -0.31
C GLN F 94 -24.10 -32.12 -1.65
N PRO F 95 -24.88 -31.78 -2.68
CA PRO F 95 -24.63 -32.39 -3.99
C PRO F 95 -23.35 -31.84 -4.63
N ILE F 96 -22.75 -32.63 -5.51
CA ILE F 96 -21.53 -32.21 -6.21
C ILE F 96 -21.94 -31.46 -7.45
N PHE F 97 -21.41 -30.25 -7.66
CA PHE F 97 -21.73 -29.51 -8.88
C PHE F 97 -20.87 -29.96 -10.05
N ALA F 98 -21.50 -30.22 -11.17
CA ALA F 98 -20.84 -30.56 -12.43
C ALA F 98 -21.11 -29.37 -13.36
N ASN F 99 -20.20 -28.41 -13.36
CA ASN F 99 -20.35 -27.21 -14.17
C ASN F 99 -19.89 -27.44 -15.58
N ILE F 100 -20.84 -27.56 -16.50
CA ILE F 100 -20.59 -27.83 -17.90
C ILE F 100 -20.43 -26.52 -18.63
N THR F 101 -19.29 -26.33 -19.30
CA THR F 101 -19.01 -25.07 -19.98
C THR F 101 -18.42 -25.34 -21.36
N LEU F 102 -18.43 -24.31 -22.21
CA LEU F 102 -17.77 -24.39 -23.50
C LEU F 102 -16.28 -24.31 -23.23
N PRO F 103 -15.49 -25.13 -23.94
CA PRO F 103 -14.04 -24.91 -23.90
C PRO F 103 -13.70 -23.65 -24.75
N VAL F 104 -12.46 -23.19 -24.67
CA VAL F 104 -11.98 -22.16 -25.58
C VAL F 104 -11.55 -23.03 -26.77
N TYR F 105 -12.43 -23.22 -27.76
CA TYR F 105 -12.07 -23.99 -28.94
C TYR F 105 -11.01 -23.23 -29.73
N THR F 106 -10.20 -23.96 -30.54
CA THR F 106 -9.27 -23.29 -31.44
C THR F 106 -10.14 -22.59 -32.52
N LEU F 107 -9.62 -21.54 -33.17
CA LEU F 107 -10.32 -20.85 -34.24
C LEU F 107 -10.66 -21.82 -35.36
N LYS F 108 -9.73 -22.71 -35.70
CA LYS F 108 -9.96 -23.74 -36.72
C LYS F 108 -11.13 -24.66 -36.35
N GLU F 109 -11.15 -25.19 -35.11
CA GLU F 109 -12.25 -26.05 -34.70
C GLU F 109 -13.57 -25.29 -34.68
N ARG F 110 -13.56 -24.05 -34.21
CA ARG F 110 -14.75 -23.21 -34.20
C ARG F 110 -15.28 -22.96 -35.63
N CYS F 111 -14.39 -22.71 -36.60
CA CYS F 111 -14.74 -22.53 -38.00
C CYS F 111 -15.31 -23.82 -38.58
N LEU F 112 -14.69 -24.99 -38.28
CA LEU F 112 -15.18 -26.28 -38.75
C LEU F 112 -16.61 -26.51 -38.21
N GLN F 113 -16.89 -26.10 -36.97
CA GLN F 113 -18.23 -26.21 -36.39
C GLN F 113 -19.26 -25.38 -37.18
N VAL F 114 -18.93 -24.11 -37.47
CA VAL F 114 -19.83 -23.21 -38.20
C VAL F 114 -20.09 -23.72 -39.62
N VAL F 115 -19.03 -24.17 -40.32
CA VAL F 115 -19.17 -24.71 -41.68
C VAL F 115 -20.02 -26.00 -41.68
N ARG F 116 -19.79 -26.93 -40.74
CA ARG F 116 -20.61 -28.15 -40.63
C ARG F 116 -22.10 -27.82 -40.41
N SER F 117 -22.38 -26.74 -39.67
CA SER F 117 -23.76 -26.34 -39.39
C SER F 117 -24.49 -25.69 -40.57
N LEU F 118 -23.75 -25.31 -41.62
CA LEU F 118 -24.32 -24.65 -42.80
C LEU F 118 -24.31 -25.53 -44.04
N VAL F 119 -23.42 -26.52 -44.11
CA VAL F 119 -23.29 -27.39 -45.30
C VAL F 119 -23.64 -28.82 -44.99
N LYS F 120 -24.47 -29.47 -45.82
CA LYS F 120 -24.83 -30.88 -45.66
C LYS F 120 -23.58 -31.71 -45.89
N PRO F 121 -23.37 -32.79 -45.13
CA PRO F 121 -22.14 -33.60 -45.30
C PRO F 121 -21.84 -34.05 -46.74
N GLU F 122 -22.88 -34.21 -47.57
CA GLU F 122 -22.75 -34.60 -48.97
C GLU F 122 -22.05 -33.52 -49.78
N ASN F 123 -22.23 -32.24 -49.42
CA ASN F 123 -21.65 -31.14 -50.17
C ASN F 123 -20.33 -30.58 -49.60
N TYR F 124 -19.65 -31.30 -48.67
CA TYR F 124 -18.35 -30.83 -48.18
C TYR F 124 -17.32 -30.83 -49.34
N ARG F 125 -17.41 -31.84 -50.23
CA ARG F 125 -16.54 -31.99 -51.39
C ARG F 125 -16.71 -30.87 -52.43
N ARG F 126 -17.84 -30.16 -52.41
CA ARG F 126 -18.08 -29.04 -53.34
C ARG F 126 -17.51 -27.70 -52.84
N LEU F 127 -16.95 -27.65 -51.62
CA LEU F 127 -16.36 -26.44 -51.07
C LEU F 127 -14.99 -26.20 -51.69
N ASP F 128 -14.66 -24.93 -52.03
CA ASP F 128 -13.37 -24.59 -52.63
C ASP F 128 -12.25 -24.48 -51.59
N ILE F 129 -11.84 -25.62 -51.04
CA ILE F 129 -10.81 -25.69 -50.01
C ILE F 129 -9.84 -26.85 -50.29
N VAL F 130 -8.66 -26.82 -49.66
CA VAL F 130 -7.69 -27.90 -49.79
C VAL F 130 -8.27 -29.22 -49.23
N ARG F 131 -7.84 -30.34 -49.82
CA ARG F 131 -8.29 -31.69 -49.45
C ARG F 131 -8.21 -31.99 -47.96
N SER F 132 -7.18 -31.48 -47.28
CA SER F 132 -7.01 -31.71 -45.84
C SER F 132 -8.18 -31.10 -45.06
N LEU F 133 -8.71 -29.93 -45.50
CA LEU F 133 -9.83 -29.29 -44.83
C LEU F 133 -11.15 -30.02 -45.07
N TYR F 134 -11.30 -30.68 -46.25
CA TYR F 134 -12.49 -31.50 -46.53
C TYR F 134 -12.49 -32.69 -45.52
N GLU F 135 -11.31 -33.30 -45.30
CA GLU F 135 -11.18 -34.41 -44.36
C GLU F 135 -11.38 -33.97 -42.93
N ASP F 136 -10.94 -32.74 -42.57
CA ASP F 136 -11.14 -32.19 -41.23
C ASP F 136 -12.63 -32.00 -40.96
N LEU F 137 -13.39 -31.55 -41.99
CA LEU F 137 -14.84 -31.35 -41.89
C LEU F 137 -15.56 -32.68 -41.69
N GLU F 138 -15.13 -33.71 -42.45
CA GLU F 138 -15.72 -35.04 -42.40
C GLU F 138 -15.41 -35.78 -41.09
N ASP F 139 -14.29 -35.45 -40.45
CA ASP F 139 -13.89 -36.07 -39.19
C ASP F 139 -14.63 -35.35 -38.06
N HIS F 140 -15.94 -35.54 -38.03
CA HIS F 140 -16.86 -34.99 -37.06
C HIS F 140 -16.45 -35.40 -35.66
N PRO F 141 -16.63 -34.53 -34.67
CA PRO F 141 -16.38 -34.93 -33.27
C PRO F 141 -17.20 -36.17 -32.90
N ASN F 142 -16.66 -37.06 -32.07
CA ASN F 142 -17.38 -38.26 -31.64
C ASN F 142 -16.78 -38.83 -30.37
N VAL F 143 -17.65 -39.36 -29.51
CA VAL F 143 -17.24 -39.89 -28.22
C VAL F 143 -16.23 -41.06 -28.34
N GLN F 144 -16.44 -42.02 -29.26
CA GLN F 144 -15.51 -43.13 -29.45
C GLN F 144 -14.05 -42.70 -29.79
N LYS F 145 -13.86 -41.71 -30.67
CA LYS F 145 -12.54 -41.19 -30.99
C LYS F 145 -11.88 -40.55 -29.75
N ASP F 146 -12.67 -39.80 -28.96
CA ASP F 146 -12.15 -39.16 -27.76
C ASP F 146 -11.80 -40.16 -26.68
N LEU F 147 -12.58 -41.24 -26.57
CA LEU F 147 -12.29 -42.30 -25.60
C LEU F 147 -10.95 -42.95 -25.91
N GLU F 148 -10.63 -43.12 -27.21
CA GLU F 148 -9.36 -43.69 -27.65
C GLU F 148 -8.20 -42.72 -27.47
N ARG F 149 -8.45 -41.41 -27.63
CA ARG F 149 -7.43 -40.40 -27.45
C ARG F 149 -7.05 -40.33 -25.97
N LEU F 150 -8.05 -40.30 -25.07
CA LEU F 150 -7.85 -40.24 -23.63
C LEU F 150 -7.21 -41.52 -23.10
N THR F 151 -7.55 -42.67 -23.70
CA THR F 151 -7.01 -43.97 -23.31
C THR F 151 -5.52 -44.08 -23.64
N GLN F 152 -5.12 -43.62 -24.85
CA GLN F 152 -3.72 -43.64 -25.27
C GLN F 152 -2.87 -42.69 -24.40
N GLU F 153 -3.42 -41.51 -24.06
CA GLU F 153 -2.76 -40.49 -23.24
C GLU F 153 -2.62 -40.92 -21.79
N MET G 1 -11.33 0.78 44.54
CA MET G 1 -12.13 1.62 43.65
C MET G 1 -11.39 1.87 42.34
N ASP G 2 -10.67 0.88 41.82
CA ASP G 2 -9.98 1.02 40.54
C ASP G 2 -10.99 1.01 39.40
N VAL G 3 -10.78 1.90 38.42
CA VAL G 3 -11.55 2.01 37.19
C VAL G 3 -10.60 1.69 36.04
N PHE G 4 -11.07 0.96 35.04
CA PHE G 4 -10.24 0.50 33.94
C PHE G 4 -10.67 1.20 32.68
N LEU G 5 -9.72 1.89 32.06
CA LEU G 5 -10.00 2.77 30.94
C LEU G 5 -9.21 2.51 29.67
N MET G 6 -9.75 3.02 28.56
CA MET G 6 -9.16 3.10 27.23
C MET G 6 -9.14 4.61 26.89
N ILE G 7 -7.96 5.26 26.87
CA ILE G 7 -7.83 6.67 26.51
C ILE G 7 -7.58 6.66 25.01
N ARG G 8 -8.53 7.17 24.21
CA ARG G 8 -8.46 7.05 22.77
C ARG G 8 -8.44 8.36 22.00
N ARG G 9 -7.54 8.41 21.01
CA ARG G 9 -7.37 9.56 20.13
C ARG G 9 -6.91 8.99 18.82
N HIS G 10 -7.62 9.28 17.72
CA HIS G 10 -7.27 8.85 16.36
C HIS G 10 -7.08 7.32 16.32
N LYS G 11 -5.87 6.80 16.02
CA LYS G 11 -5.62 5.37 16.07
C LYS G 11 -4.74 4.97 17.27
N THR G 12 -4.79 5.75 18.36
CA THR G 12 -4.04 5.49 19.59
C THR G 12 -5.05 5.09 20.68
N THR G 13 -4.75 4.01 21.43
CA THR G 13 -5.59 3.57 22.53
C THR G 13 -4.66 3.22 23.69
N ILE G 14 -4.75 3.96 24.80
CA ILE G 14 -3.96 3.67 25.98
C ILE G 14 -4.82 2.87 26.94
N PHE G 15 -4.36 1.69 27.35
CA PHE G 15 -5.07 0.89 28.35
C PHE G 15 -4.42 1.24 29.68
N THR G 16 -5.20 1.77 30.63
CA THR G 16 -4.67 2.12 31.95
C THR G 16 -5.77 2.05 33.01
N ASP G 17 -5.39 2.04 34.28
CA ASP G 17 -6.35 2.08 35.36
C ASP G 17 -6.07 3.30 36.22
N ALA G 18 -7.05 3.71 37.01
CA ALA G 18 -6.93 4.85 37.89
C ALA G 18 -7.93 4.68 39.06
N LYS G 19 -7.76 5.46 40.14
CA LYS G 19 -8.70 5.41 41.24
C LYS G 19 -9.94 6.18 40.83
N GLU G 20 -11.10 5.74 41.29
CA GLU G 20 -12.36 6.44 41.05
C GLU G 20 -12.32 7.85 41.72
N SER G 21 -11.54 8.00 42.82
CA SER G 21 -11.33 9.26 43.54
C SER G 21 -10.26 10.15 42.87
N SER G 22 -9.47 9.62 41.92
CA SER G 22 -8.46 10.41 41.22
C SER G 22 -9.15 11.38 40.25
N THR G 23 -8.48 12.47 39.91
CA THR G 23 -9.08 13.51 39.09
C THR G 23 -8.71 13.41 37.60
N VAL G 24 -9.38 14.22 36.76
CA VAL G 24 -9.15 14.36 35.33
C VAL G 24 -7.73 14.91 35.07
N PHE G 25 -7.26 15.88 35.90
CA PHE G 25 -5.91 16.43 35.75
C PHE G 25 -4.86 15.36 36.01
N GLU G 26 -5.08 14.51 37.04
CA GLU G 26 -4.16 13.41 37.34
C GLU G 26 -4.09 12.43 36.19
N LEU G 27 -5.22 12.19 35.49
CA LEU G 27 -5.27 11.33 34.31
C LEU G 27 -4.50 11.98 33.13
N LYS G 28 -4.52 13.32 33.03
CA LYS G 28 -3.75 14.08 32.03
C LYS G 28 -2.23 13.95 32.29
N ARG G 29 -1.83 13.80 33.56
CA ARG G 29 -0.44 13.56 33.93
C ARG G 29 -0.01 12.15 33.49
N ILE G 30 -0.94 11.16 33.55
CA ILE G 30 -0.67 9.80 33.08
C ILE G 30 -0.44 9.83 31.57
N VAL G 31 -1.32 10.51 30.82
CA VAL G 31 -1.20 10.64 29.36
C VAL G 31 0.11 11.35 29.01
N GLU G 32 0.51 12.37 29.81
CA GLU G 32 1.75 13.12 29.59
C GLU G 32 2.98 12.20 29.63
N GLY G 33 3.00 11.29 30.59
CA GLY G 33 4.11 10.36 30.73
C GLY G 33 4.24 9.41 29.57
N ILE G 34 3.12 9.11 28.88
CA ILE G 34 3.09 8.19 27.75
C ILE G 34 3.27 8.89 26.38
N LEU G 35 2.39 9.84 26.05
CA LEU G 35 2.39 10.51 24.75
C LEU G 35 3.23 11.81 24.68
N LYS G 36 3.85 12.20 25.81
CA LYS G 36 4.75 13.35 25.95
C LYS G 36 4.10 14.68 25.58
N ARG G 37 2.87 14.89 26.03
CA ARG G 37 2.16 16.15 25.80
C ARG G 37 1.70 16.64 27.16
N PRO G 38 1.98 17.91 27.52
CA PRO G 38 1.58 18.41 28.85
C PRO G 38 0.07 18.48 29.03
N PRO G 39 -0.42 18.46 30.30
CA PRO G 39 -1.87 18.55 30.53
C PRO G 39 -2.56 19.77 29.92
N ASP G 40 -1.87 20.94 29.80
CA ASP G 40 -2.48 22.11 29.18
C ASP G 40 -2.66 21.95 27.64
N GLU G 41 -2.00 20.96 27.03
CA GLU G 41 -2.18 20.67 25.61
C GLU G 41 -3.11 19.46 25.38
N GLN G 42 -3.89 19.05 26.38
CA GLN G 42 -4.79 17.91 26.29
C GLN G 42 -6.21 18.28 26.69
N ARG G 43 -7.18 17.59 26.08
CA ARG G 43 -8.59 17.72 26.43
C ARG G 43 -9.11 16.30 26.57
N LEU G 44 -9.73 15.98 27.72
CA LEU G 44 -10.30 14.65 27.95
C LEU G 44 -11.83 14.72 27.89
N TYR G 45 -12.46 13.68 27.34
CA TYR G 45 -13.89 13.66 27.15
C TYR G 45 -14.53 12.37 27.63
N LYS G 46 -15.84 12.41 27.94
CA LYS G 46 -16.65 11.24 28.17
C LYS G 46 -17.74 11.43 27.15
N ASP G 47 -17.68 10.69 26.04
CA ASP G 47 -18.57 10.86 24.89
C ASP G 47 -18.23 12.26 24.28
N ASP G 48 -19.22 13.13 24.00
CA ASP G 48 -18.92 14.46 23.45
C ASP G 48 -18.66 15.52 24.54
N GLN G 49 -18.68 15.11 25.83
CA GLN G 49 -18.53 16.04 26.92
C GLN G 49 -17.11 16.25 27.41
N LEU G 50 -16.66 17.50 27.41
CA LEU G 50 -15.35 17.90 27.90
C LEU G 50 -15.34 17.74 29.42
N LEU G 51 -14.28 17.13 29.95
CA LEU G 51 -14.18 16.88 31.38
C LEU G 51 -13.35 17.94 32.07
N ASP G 52 -13.82 18.39 33.24
CA ASP G 52 -13.15 19.39 34.07
C ASP G 52 -12.02 18.76 34.89
N ASP G 53 -10.83 19.39 34.86
CA ASP G 53 -9.63 18.93 35.56
C ASP G 53 -9.81 18.56 37.03
N GLY G 54 -10.59 19.34 37.77
CA GLY G 54 -10.83 19.14 39.19
C GLY G 54 -11.81 18.05 39.53
N LYS G 55 -12.57 17.55 38.55
CA LYS G 55 -13.53 16.48 38.80
C LYS G 55 -12.88 15.13 38.94
N THR G 56 -13.39 14.30 39.86
CA THR G 56 -12.90 12.94 40.01
C THR G 56 -13.48 12.09 38.86
N LEU G 57 -12.88 10.92 38.62
CA LEU G 57 -13.37 10.02 37.58
C LEU G 57 -14.76 9.47 37.91
N GLY G 58 -15.04 9.24 39.19
CA GLY G 58 -16.35 8.81 39.65
C GLY G 58 -17.43 9.84 39.35
N GLU G 59 -17.09 11.13 39.55
CA GLU G 59 -17.99 12.24 39.24
C GLU G 59 -18.25 12.33 37.72
N CYS G 60 -17.25 11.98 36.91
CA CYS G 60 -17.36 11.97 35.45
C CYS G 60 -18.09 10.75 34.89
N GLY G 61 -18.59 9.86 35.75
CA GLY G 61 -19.30 8.66 35.34
C GLY G 61 -18.47 7.39 35.25
N PHE G 62 -17.15 7.47 35.54
CA PHE G 62 -16.26 6.30 35.48
C PHE G 62 -16.30 5.59 36.81
N THR G 63 -17.15 4.57 36.88
CA THR G 63 -17.39 3.78 38.07
C THR G 63 -16.90 2.34 37.87
N SER G 64 -16.70 1.61 38.96
CA SER G 64 -16.26 0.24 38.94
C SER G 64 -17.20 -0.68 38.16
N GLN G 65 -18.50 -0.39 38.17
CA GLN G 65 -19.48 -1.19 37.44
C GLN G 65 -19.49 -0.91 35.92
N THR G 66 -18.96 0.24 35.48
CA THR G 66 -18.94 0.62 34.06
C THR G 66 -17.56 0.77 33.46
N ALA G 67 -16.49 0.51 34.23
CA ALA G 67 -15.14 0.62 33.71
C ALA G 67 -14.42 -0.59 34.26
N ARG G 68 -14.74 -1.75 33.70
CA ARG G 68 -14.25 -3.04 34.13
C ARG G 68 -12.98 -3.48 33.40
N PRO G 69 -12.13 -4.35 34.00
CA PRO G 69 -10.90 -4.79 33.31
C PRO G 69 -11.18 -5.41 31.93
N GLN G 70 -12.18 -6.28 31.84
CA GLN G 70 -12.59 -6.97 30.61
C GLN G 70 -13.47 -6.14 29.67
N ALA G 71 -13.94 -4.97 30.12
CA ALA G 71 -14.79 -4.07 29.35
C ALA G 71 -14.54 -2.62 29.86
N PRO G 72 -13.38 -2.05 29.47
CA PRO G 72 -13.01 -0.73 30.00
C PRO G 72 -13.82 0.43 29.42
N ALA G 73 -13.94 1.53 30.21
CA ALA G 73 -14.67 2.72 29.75
C ALA G 73 -13.76 3.57 28.84
N THR G 74 -14.35 4.27 27.86
CA THR G 74 -13.56 5.10 26.95
C THR G 74 -13.48 6.57 27.34
N VAL G 75 -12.25 7.09 27.39
CA VAL G 75 -11.99 8.50 27.61
C VAL G 75 -11.45 9.03 26.28
N GLY G 76 -12.10 10.03 25.70
CA GLY G 76 -11.63 10.62 24.46
C GLY G 76 -10.52 11.62 24.74
N LEU G 77 -9.54 11.71 23.84
CA LEU G 77 -8.41 12.62 24.01
C LEU G 77 -8.23 13.46 22.75
N ALA G 78 -8.02 14.78 22.93
CA ALA G 78 -7.75 15.73 21.85
C ALA G 78 -6.52 16.54 22.24
N PHE G 79 -5.57 16.68 21.32
CA PHE G 79 -4.34 17.44 21.55
C PHE G 79 -4.44 18.87 21.01
N ARG G 80 -3.64 19.79 21.59
CA ARG G 80 -3.58 21.17 21.13
C ARG G 80 -2.54 21.28 20.02
N ALA G 81 -2.98 21.55 18.77
CA ALA G 81 -2.12 21.62 17.60
C ALA G 81 -1.76 23.05 17.29
N ASP G 82 -0.57 23.46 17.73
CA ASP G 82 -0.08 24.84 17.64
C ASP G 82 -0.99 25.79 18.45
N ASP G 83 -1.78 26.70 17.81
CA ASP G 83 -2.63 27.63 18.54
C ASP G 83 -3.92 27.03 19.09
N THR G 84 -4.58 26.10 18.34
CA THR G 84 -5.89 25.59 18.74
C THR G 84 -5.98 24.10 18.95
N PHE G 85 -6.96 23.65 19.75
CA PHE G 85 -7.19 22.23 19.96
C PHE G 85 -7.88 21.63 18.73
N GLU G 86 -7.48 20.41 18.38
CA GLU G 86 -8.12 19.70 17.27
C GLU G 86 -9.50 19.20 17.74
N ALA G 87 -10.37 18.80 16.79
CA ALA G 87 -11.67 18.26 17.15
C ALA G 87 -11.44 16.84 17.70
N LEU G 88 -12.26 16.40 18.67
CA LEU G 88 -12.17 15.05 19.21
C LEU G 88 -12.44 14.04 18.09
N CAS G 89 -11.48 13.16 17.83
CA CAS G 89 -11.64 12.18 16.78
CB CAS G 89 -10.93 12.63 15.51
C CAS G 89 -11.13 10.83 17.23
O CAS G 89 -9.99 10.72 17.68
SG CAS G 89 -11.99 11.85 14.28
AS CAS G 89 -10.70 10.32 13.34
CE1 CAS G 89 -12.18 9.02 12.79
CE2 CAS G 89 -9.86 11.07 11.65
N ILE G 90 -11.97 9.80 17.15
CA ILE G 90 -11.58 8.45 17.54
C ILE G 90 -11.85 7.51 16.36
N GLU G 91 -10.79 6.92 15.82
CA GLU G 91 -10.93 5.99 14.71
C GLU G 91 -11.51 4.68 15.22
N PRO G 92 -12.59 4.20 14.60
CA PRO G 92 -13.17 2.93 15.05
C PRO G 92 -12.25 1.74 14.76
N PHE G 93 -12.45 0.67 15.52
CA PHE G 93 -11.71 -0.56 15.31
C PHE G 93 -12.22 -1.20 13.99
N SER G 94 -11.49 -2.19 13.47
CA SER G 94 -11.89 -2.87 12.24
C SER G 94 -13.22 -3.61 12.44
N SER G 95 -13.94 -3.88 11.33
CA SER G 95 -15.20 -4.58 11.42
C SER G 95 -14.94 -6.07 11.32
N PRO G 96 -15.56 -6.87 12.20
CA PRO G 96 -15.43 -8.32 12.09
C PRO G 96 -16.10 -8.81 10.81
N PRO G 97 -15.63 -9.93 10.22
CA PRO G 97 -16.30 -10.47 9.04
C PRO G 97 -17.70 -10.99 9.36
N GLU G 98 -18.47 -11.33 8.30
CA GLU G 98 -19.80 -11.92 8.50
C GLU G 98 -19.63 -13.30 9.15
N LEU G 99 -20.50 -13.65 10.10
CA LEU G 99 -20.45 -14.94 10.79
C LEU G 99 -20.57 -16.08 9.78
N PRO G 100 -19.66 -17.07 9.83
CA PRO G 100 -19.78 -18.19 8.90
C PRO G 100 -21.10 -18.94 9.05
N ASP G 101 -21.52 -19.67 8.01
CA ASP G 101 -22.77 -20.42 8.03
C ASP G 101 -22.86 -21.40 9.19
N VAL G 102 -21.74 -22.06 9.53
CA VAL G 102 -21.70 -23.05 10.62
C VAL G 102 -21.89 -22.42 12.02
N MET G 103 -21.70 -21.11 12.16
CA MET G 103 -21.91 -20.41 13.42
C MET G 103 -23.28 -19.70 13.49
N LYS G 104 -24.05 -19.68 12.39
CA LYS G 104 -25.36 -19.04 12.36
C LYS G 104 -26.45 -19.98 12.84
N MET H 1 6.95 3.25 35.56
CA MET H 1 5.97 2.40 34.88
C MET H 1 6.26 2.34 33.39
N MET H 2 6.87 1.25 32.92
CA MET H 2 7.17 1.10 31.50
C MET H 2 5.94 0.62 30.75
N TYR H 3 5.71 1.18 29.56
CA TYR H 3 4.61 0.82 28.67
C TYR H 3 5.17 0.27 27.34
N VAL H 4 4.37 -0.52 26.61
CA VAL H 4 4.76 -1.04 25.30
C VAL H 4 3.65 -0.75 24.28
N LYS H 5 4.02 -0.66 23.00
CA LYS H 5 3.04 -0.39 21.94
C LYS H 5 2.82 -1.65 21.11
N LEU H 6 1.57 -2.07 20.96
CA LEU H 6 1.21 -3.24 20.18
C LEU H 6 0.40 -2.71 19.01
N ILE H 7 0.89 -2.91 17.81
CA ILE H 7 0.26 -2.36 16.61
C ILE H 7 -0.49 -3.43 15.83
N SER H 8 -1.76 -3.18 15.55
CA SER H 8 -2.60 -4.13 14.82
C SER H 8 -2.27 -4.11 13.29
N SER H 9 -2.82 -5.06 12.53
CA SER H 9 -2.62 -5.14 11.10
C SER H 9 -3.18 -3.91 10.36
N ASP H 10 -4.25 -3.32 10.89
CA ASP H 10 -4.86 -2.12 10.34
C ASP H 10 -4.29 -0.82 10.91
N GLY H 11 -3.15 -0.87 11.60
CA GLY H 11 -2.48 0.32 12.08
C GLY H 11 -2.89 0.94 13.40
N HIS H 12 -3.76 0.28 14.18
CA HIS H 12 -4.16 0.81 15.48
C HIS H 12 -3.03 0.55 16.47
N GLU H 13 -2.69 1.56 17.27
CA GLU H 13 -1.63 1.45 18.25
C GLU H 13 -2.20 1.34 19.65
N PHE H 14 -1.91 0.23 20.33
CA PHE H 14 -2.38 -0.05 21.68
C PHE H 14 -1.23 0.07 22.66
N ILE H 15 -1.33 1.01 23.60
CA ILE H 15 -0.30 1.22 24.60
C ILE H 15 -0.76 0.60 25.91
N VAL H 16 -0.08 -0.46 26.31
CA VAL H 16 -0.42 -1.21 27.52
C VAL H 16 0.77 -1.25 28.46
N LYS H 17 0.53 -1.47 29.76
CA LYS H 17 1.60 -1.60 30.75
C LYS H 17 2.52 -2.77 30.34
N ARG H 18 3.85 -2.64 30.50
CA ARG H 18 4.78 -3.70 30.11
C ARG H 18 4.47 -5.00 30.85
N GLU H 19 4.18 -4.90 32.15
CA GLU H 19 3.82 -6.03 33.00
C GLU H 19 2.62 -6.79 32.42
N HIS H 20 1.62 -6.07 31.92
CA HIS H 20 0.43 -6.65 31.30
C HIS H 20 0.75 -7.37 29.99
N ALA H 21 1.53 -6.77 29.09
CA ALA H 21 1.89 -7.41 27.83
C ALA H 21 2.73 -8.67 28.07
N LEU H 22 3.54 -8.69 29.16
CA LEU H 22 4.34 -9.86 29.53
C LEU H 22 3.48 -11.10 29.92
N THR H 23 2.14 -10.96 29.95
CA THR H 23 1.20 -12.08 30.14
C THR H 23 1.40 -13.07 28.97
N SER H 24 1.64 -12.55 27.76
CA SER H 24 1.89 -13.33 26.58
C SER H 24 3.36 -13.65 26.57
N GLY H 25 3.69 -14.94 26.56
CA GLY H 25 5.08 -15.40 26.48
C GLY H 25 5.66 -15.04 25.13
N THR H 26 4.83 -15.04 24.07
CA THR H 26 5.25 -14.67 22.73
C THR H 26 5.69 -13.21 22.69
N ILE H 27 4.89 -12.32 23.33
CA ILE H 27 5.23 -10.90 23.41
C ILE H 27 6.50 -10.72 24.22
N LYS H 28 6.63 -11.40 25.37
CA LYS H 28 7.84 -11.33 26.20
C LYS H 28 9.11 -11.66 25.40
N ALA H 29 9.03 -12.66 24.52
CA ALA H 29 10.15 -13.05 23.68
C ALA H 29 10.43 -12.01 22.57
N MET H 30 9.39 -11.36 22.03
CA MET H 30 9.55 -10.31 21.02
C MET H 30 10.18 -9.06 21.61
N LEU H 31 9.93 -8.77 22.90
CA LEU H 31 10.47 -7.60 23.57
C LEU H 31 11.87 -7.87 24.12
N SER H 32 12.09 -9.05 24.70
CA SER H 32 13.38 -9.44 25.26
C SER H 32 14.11 -10.39 24.32
N ASN H 43 10.36 -1.05 22.16
CA ASN H 43 9.12 -1.35 22.90
C ASN H 43 7.88 -1.27 22.01
N GLU H 44 8.02 -1.60 20.73
CA GLU H 44 6.91 -1.62 19.78
C GLU H 44 6.90 -2.97 19.08
N VAL H 45 5.73 -3.61 19.00
CA VAL H 45 5.58 -4.89 18.33
C VAL H 45 4.49 -4.73 17.27
N ASN H 46 4.76 -5.16 16.03
CA ASN H 46 3.77 -5.11 14.97
C ASN H 46 3.15 -6.47 14.79
N PHE H 47 1.83 -6.52 14.65
CA PHE H 47 1.12 -7.77 14.43
C PHE H 47 0.43 -7.68 13.08
N ARG H 48 1.13 -8.09 12.02
CA ARG H 48 0.64 -8.00 10.65
C ARG H 48 -0.60 -8.86 10.37
N GLU H 49 -0.90 -9.83 11.24
CA GLU H 49 -2.03 -10.71 11.07
C GLU H 49 -3.17 -10.49 12.06
N ILE H 50 -3.00 -9.60 13.04
CA ILE H 50 -4.02 -9.39 14.06
C ILE H 50 -4.72 -8.04 13.89
N PRO H 51 -5.99 -8.02 13.42
CA PRO H 51 -6.71 -6.74 13.28
C PRO H 51 -7.11 -6.11 14.62
N SER H 52 -7.43 -4.80 14.63
CA SER H 52 -7.75 -4.07 15.86
C SER H 52 -8.94 -4.58 16.63
N HIS H 53 -9.97 -5.09 15.93
CA HIS H 53 -11.13 -5.67 16.64
C HIS H 53 -10.71 -6.94 17.42
N VAL H 54 -9.55 -7.53 17.10
CA VAL H 54 -9.05 -8.70 17.82
C VAL H 54 -8.02 -8.24 18.88
N LEU H 55 -7.04 -7.41 18.46
CA LEU H 55 -5.98 -6.95 19.35
C LEU H 55 -6.47 -6.10 20.51
N SER H 56 -7.52 -5.28 20.31
CA SER H 56 -8.10 -4.50 21.43
C SER H 56 -8.60 -5.46 22.52
N LYS H 57 -9.20 -6.56 22.12
CA LYS H 57 -9.73 -7.57 23.01
C LYS H 57 -8.62 -8.34 23.73
N VAL H 58 -7.50 -8.59 23.05
CA VAL H 58 -6.34 -9.25 23.64
C VAL H 58 -5.80 -8.37 24.81
N CYS H 59 -5.77 -7.03 24.61
CA CYS H 59 -5.35 -6.07 25.62
C CYS H 59 -6.28 -6.06 26.79
N MET H 60 -7.60 -6.18 26.54
CA MET H 60 -8.59 -6.26 27.62
C MET H 60 -8.36 -7.55 28.43
N TYR H 61 -7.95 -8.64 27.75
CA TYR H 61 -7.63 -9.91 28.39
C TYR H 61 -6.45 -9.74 29.34
N PHE H 62 -5.39 -9.02 28.92
CA PHE H 62 -4.22 -8.78 29.78
C PHE H 62 -4.62 -8.07 31.08
N THR H 63 -5.52 -7.08 30.96
CA THR H 63 -6.00 -6.31 32.11
C THR H 63 -6.77 -7.23 33.06
N TYR H 64 -7.68 -8.02 32.50
CA TYR H 64 -8.54 -8.96 33.18
C TYR H 64 -7.67 -10.02 33.91
N LYS H 65 -6.69 -10.57 33.23
CA LYS H 65 -5.79 -11.59 33.77
C LYS H 65 -4.95 -11.03 34.92
N VAL H 66 -4.31 -9.86 34.75
CA VAL H 66 -3.49 -9.28 35.83
C VAL H 66 -4.36 -8.94 37.04
N ARG H 67 -5.56 -8.42 36.81
CA ARG H 67 -6.47 -8.05 37.89
C ARG H 67 -7.00 -9.24 38.68
N TYR H 68 -7.44 -10.30 38.01
CA TYR H 68 -8.10 -11.41 38.68
C TYR H 68 -7.21 -12.62 39.01
N THR H 69 -5.93 -12.62 38.56
CA THR H 69 -5.02 -13.74 38.91
C THR H 69 -4.66 -13.65 40.39
N ASN H 70 -4.81 -14.78 41.11
CA ASN H 70 -4.55 -14.90 42.56
C ASN H 70 -5.40 -13.91 43.37
N SER H 71 -6.64 -13.66 42.91
CA SER H 71 -7.55 -12.73 43.58
C SER H 71 -8.69 -13.49 44.22
N SER H 72 -9.14 -13.00 45.40
CA SER H 72 -10.26 -13.63 46.10
C SER H 72 -11.61 -12.95 45.83
N THR H 73 -11.61 -11.80 45.12
CA THR H 73 -12.83 -11.11 44.75
C THR H 73 -13.39 -11.89 43.56
N GLU H 74 -14.66 -12.39 43.66
CA GLU H 74 -15.36 -13.17 42.62
C GLU H 74 -15.01 -12.75 41.17
N ILE H 75 -14.53 -13.73 40.41
CA ILE H 75 -14.11 -13.53 39.03
C ILE H 75 -15.29 -13.53 38.05
N PRO H 76 -15.41 -12.46 37.25
CA PRO H 76 -16.46 -12.43 36.22
C PRO H 76 -16.03 -13.12 34.93
N GLU H 77 -16.99 -13.44 34.07
CA GLU H 77 -16.71 -14.06 32.78
C GLU H 77 -15.99 -13.11 31.85
N PHE H 78 -15.02 -13.62 31.07
CA PHE H 78 -14.35 -12.81 30.08
C PHE H 78 -15.26 -12.84 28.85
N PRO H 79 -15.84 -11.72 28.43
CA PRO H 79 -16.80 -11.77 27.31
C PRO H 79 -16.14 -11.82 25.94
N ILE H 80 -16.68 -12.64 25.03
CA ILE H 80 -16.20 -12.74 23.66
C ILE H 80 -17.41 -12.77 22.71
N ALA H 81 -17.55 -11.75 21.86
CA ALA H 81 -18.63 -11.69 20.87
C ALA H 81 -18.44 -12.82 19.86
N PRO H 82 -19.52 -13.46 19.41
CA PRO H 82 -19.37 -14.57 18.44
C PRO H 82 -18.60 -14.21 17.18
N GLU H 83 -18.76 -12.97 16.70
CA GLU H 83 -18.16 -12.46 15.47
C GLU H 83 -16.64 -12.38 15.50
N ILE H 84 -16.04 -12.32 16.70
CA ILE H 84 -14.59 -12.20 16.82
C ILE H 84 -13.93 -13.46 17.37
N ALA H 85 -14.71 -14.41 17.89
CA ALA H 85 -14.23 -15.65 18.50
C ALA H 85 -13.20 -16.43 17.67
N LEU H 86 -13.44 -16.59 16.37
CA LEU H 86 -12.50 -17.37 15.53
C LEU H 86 -11.15 -16.70 15.35
N GLU H 87 -11.12 -15.41 15.04
CA GLU H 87 -9.85 -14.68 14.90
C GLU H 87 -9.15 -14.50 16.24
N LEU H 88 -9.93 -14.32 17.32
CA LEU H 88 -9.36 -14.18 18.66
C LEU H 88 -8.69 -15.49 19.08
N LEU H 89 -9.28 -16.65 18.69
CA LEU H 89 -8.72 -17.98 18.97
C LEU H 89 -7.34 -18.10 18.27
N MET H 90 -7.25 -17.65 17.02
CA MET H 90 -6.00 -17.67 16.27
C MET H 90 -4.93 -16.75 16.93
N ALA H 91 -5.34 -15.55 17.35
CA ALA H 91 -4.43 -14.63 18.01
C ALA H 91 -3.94 -15.21 19.34
N ALA H 92 -4.86 -15.73 20.17
CA ALA H 92 -4.56 -16.34 21.48
C ALA H 92 -3.61 -17.52 21.32
N ASN H 93 -3.77 -18.31 20.23
CA ASN H 93 -2.89 -19.43 19.98
C ASN H 93 -1.47 -18.95 19.73
N PHE H 94 -1.30 -17.90 18.91
CA PHE H 94 0.02 -17.37 18.60
C PHE H 94 0.68 -16.72 19.82
N LEU H 95 -0.11 -15.93 20.57
CA LEU H 95 0.37 -15.19 21.72
C LEU H 95 0.59 -16.02 22.98
N ASP H 96 0.10 -17.26 23.02
CA ASP H 96 0.25 -18.14 24.19
C ASP H 96 -0.25 -17.49 25.48
N CYS H 97 -1.48 -16.99 25.43
CA CYS H 97 -2.09 -16.41 26.62
C CYS H 97 -3.51 -16.92 26.82
N PRO I 10 -7.24 -46.61 42.24
CA PRO I 10 -6.66 -45.32 41.82
C PRO I 10 -6.47 -44.34 42.97
N VAL I 11 -5.35 -43.62 42.98
CA VAL I 11 -4.99 -42.62 44.00
C VAL I 11 -6.14 -41.67 44.33
N LEU I 12 -6.73 -41.02 43.30
CA LEU I 12 -7.82 -40.08 43.50
C LEU I 12 -9.17 -40.76 43.76
N ARG I 13 -9.52 -40.90 45.03
CA ARG I 13 -10.79 -41.50 45.47
C ARG I 13 -11.15 -41.02 46.86
N SER I 14 -12.43 -41.11 47.23
CA SER I 14 -12.85 -40.71 48.57
C SER I 14 -12.47 -41.79 49.56
N VAL I 15 -12.14 -41.34 50.77
CA VAL I 15 -11.83 -42.26 51.85
C VAL I 15 -13.17 -42.59 52.52
N ASN I 16 -13.45 -43.88 52.75
CA ASN I 16 -14.68 -44.31 53.40
C ASN I 16 -14.58 -44.12 54.93
N SER I 17 -14.58 -42.85 55.38
CA SER I 17 -14.45 -42.50 56.78
C SER I 17 -15.73 -42.75 57.58
N ARG I 18 -16.88 -42.54 56.93
CA ARG I 18 -18.20 -42.64 57.55
C ARG I 18 -18.39 -41.59 58.65
N GLU I 19 -17.67 -40.46 58.54
CA GLU I 19 -17.71 -39.34 59.46
C GLU I 19 -18.43 -38.19 58.77
N PRO I 20 -19.69 -37.88 59.12
CA PRO I 20 -20.38 -36.77 58.46
C PRO I 20 -19.65 -35.43 58.54
N SER I 21 -19.77 -34.67 57.46
CA SER I 21 -19.17 -33.36 57.32
C SER I 21 -20.16 -32.54 56.54
N GLN I 22 -20.74 -31.54 57.19
CA GLN I 22 -21.70 -30.65 56.55
C GLN I 22 -20.98 -29.52 55.80
N VAL I 23 -21.34 -29.36 54.54
CA VAL I 23 -20.68 -28.44 53.63
C VAL I 23 -21.68 -27.49 53.00
N ILE I 24 -21.24 -26.28 52.63
CA ILE I 24 -22.04 -25.34 51.86
C ILE I 24 -21.39 -25.27 50.50
N PHE I 25 -22.06 -25.77 49.45
CA PHE I 25 -21.55 -25.61 48.09
C PHE I 25 -22.03 -24.20 47.71
N CAS I 26 -21.11 -23.25 47.50
CA CAS I 26 -21.47 -21.88 47.21
CB CAS I 26 -20.77 -21.03 48.27
C CAS I 26 -21.03 -21.50 45.81
O CAS I 26 -19.84 -21.36 45.56
SG CAS I 26 -21.14 -19.27 48.07
AS CAS I 26 -23.42 -19.07 48.20
CE1 CAS I 26 -23.74 -17.75 46.72
CE2 CAS I 26 -23.79 -18.30 49.97
N ASN I 27 -21.96 -21.41 44.88
CA ASN I 27 -21.63 -21.12 43.49
C ASN I 27 -21.41 -19.62 43.25
N ARG I 28 -20.16 -19.17 43.29
CA ARG I 28 -19.79 -17.79 43.03
C ARG I 28 -19.25 -17.65 41.61
N SER I 29 -19.97 -18.25 40.67
CA SER I 29 -19.61 -18.24 39.26
C SER I 29 -20.88 -17.95 38.43
N PRO I 30 -20.74 -17.56 37.14
CA PRO I 30 -21.93 -17.35 36.31
C PRO I 30 -22.39 -18.63 35.61
N ARG I 31 -21.80 -19.79 35.95
CA ARG I 31 -22.14 -21.05 35.33
C ARG I 31 -23.10 -21.87 36.16
N VAL I 32 -23.83 -22.78 35.51
CA VAL I 32 -24.62 -23.80 36.19
C VAL I 32 -23.54 -24.83 36.59
N VAL I 33 -23.44 -25.11 37.88
CA VAL I 33 -22.39 -25.99 38.41
C VAL I 33 -22.84 -27.41 38.58
N LEU I 34 -22.01 -28.35 38.12
CA LEU I 34 -22.18 -29.77 38.31
C LEU I 34 -21.16 -30.22 39.37
N PRO I 35 -21.61 -30.52 40.60
CA PRO I 35 -20.70 -31.08 41.60
C PRO I 35 -20.46 -32.55 41.27
N VAL I 36 -19.22 -33.00 41.39
CA VAL I 36 -18.85 -34.37 41.07
C VAL I 36 -18.14 -34.98 42.27
N TRP I 37 -18.69 -36.06 42.79
CA TRP I 37 -18.10 -36.77 43.91
C TRP I 37 -17.25 -37.92 43.37
N LEU I 38 -16.00 -38.07 43.85
CA LEU I 38 -15.20 -39.22 43.42
C LEU I 38 -15.56 -40.31 44.39
N ASN I 39 -16.18 -41.39 43.89
CA ASN I 39 -16.62 -42.47 44.76
C ASN I 39 -15.42 -43.32 45.29
N PHE I 40 -15.71 -44.36 46.08
CA PHE I 40 -14.70 -45.21 46.73
C PHE I 40 -13.80 -45.97 45.73
N ASP I 41 -14.21 -46.09 44.47
CA ASP I 41 -13.39 -46.67 43.40
C ASP I 41 -12.71 -45.61 42.49
N GLY I 42 -12.87 -44.33 42.81
CA GLY I 42 -12.33 -43.24 42.02
C GLY I 42 -13.20 -42.82 40.85
N GLU I 43 -14.42 -43.36 40.75
CA GLU I 43 -15.32 -43.01 39.65
C GLU I 43 -16.03 -41.72 39.93
N PRO I 44 -16.04 -40.80 38.95
CA PRO I 44 -16.81 -39.57 39.14
C PRO I 44 -18.32 -39.81 39.16
N GLN I 45 -18.98 -39.30 40.20
CA GLN I 45 -20.42 -39.40 40.34
C GLN I 45 -21.06 -38.00 40.34
N PRO I 46 -21.86 -37.69 39.31
CA PRO I 46 -22.50 -36.37 39.26
C PRO I 46 -23.60 -36.20 40.30
N TYR I 47 -23.69 -35.00 40.87
CA TYR I 47 -24.71 -34.63 41.87
C TYR I 47 -25.60 -33.51 41.31
N PRO I 48 -26.78 -33.21 41.93
CA PRO I 48 -27.65 -32.16 41.37
C PRO I 48 -26.94 -30.84 41.09
N THR I 49 -27.36 -30.15 40.03
CA THR I 49 -26.70 -28.92 39.64
C THR I 49 -27.11 -27.73 40.50
N LEU I 50 -26.24 -26.71 40.52
CA LEU I 50 -26.47 -25.45 41.23
C LEU I 50 -26.54 -24.34 40.22
N PRO I 51 -27.68 -23.62 40.16
CA PRO I 51 -27.75 -22.43 39.29
C PRO I 51 -26.73 -21.36 39.72
N PRO I 52 -26.33 -20.46 38.80
CA PRO I 52 -25.38 -19.38 39.19
C PRO I 52 -25.82 -18.55 40.41
N GLY I 53 -24.85 -18.22 41.26
CA GLY I 53 -25.08 -17.38 42.43
C GLY I 53 -25.85 -18.04 43.56
N THR I 54 -26.08 -19.35 43.49
CA THR I 54 -26.85 -20.04 44.52
C THR I 54 -25.96 -20.92 45.41
N GLY I 55 -26.45 -21.23 46.59
CA GLY I 55 -25.74 -22.06 47.55
C GLY I 55 -26.62 -23.15 48.10
N ARG I 56 -26.03 -24.29 48.47
CA ARG I 56 -26.79 -25.39 49.04
C ARG I 56 -26.03 -25.96 50.22
N ARG I 57 -26.75 -26.25 51.30
CA ARG I 57 -26.18 -26.96 52.44
C ARG I 57 -26.34 -28.43 52.08
N ILE I 58 -25.21 -29.18 52.00
CA ILE I 58 -25.17 -30.58 51.61
C ILE I 58 -24.52 -31.46 52.70
N HIS I 59 -24.89 -32.75 52.71
CA HIS I 59 -24.30 -33.71 53.63
C HIS I 59 -23.21 -34.54 52.95
N SER I 60 -21.98 -34.38 53.39
CA SER I 60 -20.87 -35.16 52.87
C SER I 60 -20.15 -35.85 54.03
N TYR I 61 -18.90 -36.30 53.83
CA TYR I 61 -18.11 -37.00 54.85
C TYR I 61 -16.68 -36.52 54.81
N ARG I 62 -15.98 -36.61 55.94
CA ARG I 62 -14.58 -36.20 56.00
C ARG I 62 -13.74 -37.12 55.14
N GLY I 63 -12.85 -36.55 54.34
CA GLY I 63 -11.96 -37.34 53.49
C GLY I 63 -12.49 -37.64 52.11
N HIS I 64 -13.72 -37.19 51.80
CA HIS I 64 -14.34 -37.38 50.49
C HIS I 64 -13.79 -36.38 49.50
N LEU I 65 -13.80 -36.74 48.22
CA LEU I 65 -13.23 -35.90 47.18
C LEU I 65 -14.29 -35.34 46.26
N TRP I 66 -14.24 -34.04 46.00
CA TRP I 66 -15.17 -33.37 45.11
C TRP I 66 -14.45 -32.50 44.09
N LEU I 67 -15.05 -32.34 42.94
CA LEU I 67 -14.61 -31.41 41.91
C LEU I 67 -15.85 -30.77 41.29
N PHE I 68 -15.70 -29.60 40.66
CA PHE I 68 -16.84 -28.85 40.15
C PHE I 68 -16.64 -28.44 38.73
N ARG I 69 -17.67 -28.60 37.91
CA ARG I 69 -17.59 -28.33 36.48
C ARG I 69 -18.79 -27.54 36.00
N ASP I 70 -18.69 -26.96 34.79
CA ASP I 70 -19.84 -26.34 34.13
C ASP I 70 -20.70 -27.53 33.70
N ALA I 71 -21.97 -27.54 34.14
CA ALA I 71 -22.86 -28.67 33.88
C ALA I 71 -23.16 -28.93 32.41
N GLY I 72 -23.08 -27.89 31.59
CA GLY I 72 -23.37 -28.04 30.17
C GLY I 72 -22.18 -28.38 29.32
N THR I 73 -21.02 -27.80 29.62
CA THR I 73 -19.83 -27.98 28.77
C THR I 73 -18.69 -28.77 29.39
N HIS I 74 -18.76 -29.01 30.71
CA HIS I 74 -17.72 -29.70 31.48
C HIS I 74 -16.44 -28.87 31.67
N ASP I 75 -16.51 -27.54 31.46
CA ASP I 75 -15.38 -26.63 31.71
C ASP I 75 -15.01 -26.72 33.20
N GLY I 76 -13.73 -26.73 33.49
CA GLY I 76 -13.23 -26.84 34.85
C GLY I 76 -13.44 -25.57 35.64
N LEU I 77 -13.83 -25.75 36.91
CA LEU I 77 -14.04 -24.64 37.82
C LEU I 77 -13.14 -24.84 39.05
N LEU I 78 -12.93 -23.78 39.84
CA LEU I 78 -12.13 -23.87 41.05
C LEU I 78 -13.04 -23.95 42.28
N VAL I 79 -12.57 -24.59 43.35
CA VAL I 79 -13.29 -24.67 44.62
C VAL I 79 -12.25 -24.33 45.69
N ASN I 80 -12.47 -23.21 46.42
CA ASN I 80 -11.50 -22.71 47.40
C ASN I 80 -10.12 -22.47 46.75
N GLN I 81 -10.14 -21.91 45.52
CA GLN I 81 -8.97 -21.56 44.70
C GLN I 81 -8.18 -22.74 44.14
N THR I 82 -8.67 -23.97 44.28
CA THR I 82 -7.94 -25.13 43.79
C THR I 82 -8.90 -26.12 43.05
N GLU I 83 -8.38 -27.25 42.57
CA GLU I 83 -9.14 -28.22 41.78
C GLU I 83 -10.02 -29.12 42.60
N LEU I 84 -9.52 -29.60 43.72
CA LEU I 84 -10.26 -30.56 44.53
C LEU I 84 -10.70 -30.02 45.88
N PHE I 85 -11.84 -30.50 46.34
CA PHE I 85 -12.37 -30.12 47.63
C PHE I 85 -12.51 -31.36 48.49
N VAL I 86 -11.94 -31.33 49.67
CA VAL I 86 -12.03 -32.41 50.62
C VAL I 86 -12.71 -31.94 51.89
N PRO I 87 -13.95 -32.41 52.16
CA PRO I 87 -14.63 -32.00 53.40
C PRO I 87 -13.83 -32.39 54.64
N SER I 88 -13.76 -31.48 55.58
CA SER I 88 -13.01 -31.68 56.81
C SER I 88 -13.96 -31.73 58.05
N LEU I 89 -13.38 -31.76 59.24
CA LEU I 89 -14.12 -31.81 60.49
C LEU I 89 -14.82 -30.48 60.80
N ASN I 90 -16.14 -30.51 61.08
CA ASN I 90 -16.90 -29.30 61.43
C ASN I 90 -16.63 -28.88 62.86
N VAL I 91 -16.05 -27.70 63.07
CA VAL I 91 -15.74 -27.22 64.41
C VAL I 91 -16.88 -26.37 64.96
N ASP I 92 -17.52 -26.81 66.06
CA ASP I 92 -18.64 -26.14 66.73
C ASP I 92 -19.85 -26.00 65.82
N GLY I 93 -20.11 -27.04 65.03
CA GLY I 93 -21.22 -27.10 64.09
C GLY I 93 -21.13 -26.12 62.92
N GLN I 94 -19.93 -25.61 62.63
CA GLN I 94 -19.77 -24.69 61.50
C GLN I 94 -19.64 -25.52 60.25
N PRO I 95 -20.45 -25.26 59.21
CA PRO I 95 -20.29 -26.00 57.97
C PRO I 95 -19.04 -25.51 57.22
N ILE I 96 -18.48 -26.37 56.38
CA ILE I 96 -17.29 -26.00 55.61
C ILE I 96 -17.74 -25.36 54.33
N PHE I 97 -17.23 -24.18 54.00
CA PHE I 97 -17.59 -23.53 52.75
C PHE I 97 -16.75 -24.06 51.60
N ALA I 98 -17.41 -24.44 50.50
CA ALA I 98 -16.79 -24.89 49.26
C ALA I 98 -17.14 -23.80 48.25
N ASN I 99 -16.31 -22.75 48.16
CA ASN I 99 -16.51 -21.61 47.28
C ASN I 99 -16.12 -21.94 45.86
N ILE I 100 -17.11 -22.11 44.99
CA ILE I 100 -16.90 -22.47 43.60
C ILE I 100 -16.80 -21.21 42.77
N THR I 101 -15.72 -21.05 42.03
CA THR I 101 -15.50 -19.85 41.22
C THR I 101 -14.99 -20.21 39.83
N LEU I 102 -15.06 -19.25 38.90
CA LEU I 102 -14.48 -19.42 37.59
C LEU I 102 -12.99 -19.28 37.77
N PRO I 103 -12.20 -20.11 37.09
CA PRO I 103 -10.76 -19.84 37.03
C PRO I 103 -10.52 -18.65 36.07
N VAL I 104 -9.29 -18.13 36.08
CA VAL I 104 -8.89 -17.16 35.06
C VAL I 104 -8.48 -18.08 33.92
N TYR I 105 -9.40 -18.41 32.99
CA TYR I 105 -9.06 -19.26 31.86
C TYR I 105 -8.05 -18.57 30.97
N THR I 106 -7.25 -19.34 30.21
CA THR I 106 -6.37 -18.71 29.22
C THR I 106 -7.32 -18.16 28.11
N LEU I 107 -6.89 -17.13 27.37
CA LEU I 107 -7.68 -16.57 26.29
C LEU I 107 -7.97 -17.64 25.25
N LYS I 108 -6.99 -18.52 24.96
CA LYS I 108 -7.19 -19.63 24.04
C LYS I 108 -8.31 -20.57 24.50
N GLU I 109 -8.28 -20.98 25.78
CA GLU I 109 -9.33 -21.86 26.31
C GLU I 109 -10.68 -21.18 26.30
N ARG I 110 -10.71 -19.90 26.66
CA ARG I 110 -11.94 -19.11 26.63
C ARG I 110 -12.51 -19.00 25.20
N CYS I 111 -11.65 -18.80 24.18
CA CYS I 111 -12.04 -18.74 22.76
C CYS I 111 -12.58 -20.10 22.32
N LEU I 112 -11.90 -21.21 22.70
CA LEU I 112 -12.35 -22.56 22.37
C LEU I 112 -13.75 -22.82 22.96
N GLN I 113 -14.02 -22.31 24.18
CA GLN I 113 -15.33 -22.43 24.81
C GLN I 113 -16.41 -21.71 23.99
N VAL I 114 -16.16 -20.48 23.58
CA VAL I 114 -17.13 -19.69 22.81
C VAL I 114 -17.41 -20.34 21.44
N VAL I 115 -16.37 -20.80 20.74
CA VAL I 115 -16.53 -21.45 19.43
C VAL I 115 -17.31 -22.78 19.58
N ARG I 116 -17.00 -23.60 20.60
CA ARG I 116 -17.75 -24.86 20.84
C ARG I 116 -19.25 -24.57 21.11
N SER I 117 -19.57 -23.45 21.75
CA SER I 117 -20.95 -23.09 22.06
C SER I 117 -21.75 -22.57 20.85
N LEU I 118 -21.07 -22.24 19.74
CA LEU I 118 -21.72 -21.71 18.54
C LEU I 118 -21.74 -22.69 17.38
N VAL I 119 -20.81 -23.67 17.37
CA VAL I 119 -20.70 -24.62 16.27
C VAL I 119 -20.97 -26.04 16.72
N LYS I 120 -21.80 -26.78 15.97
CA LYS I 120 -22.08 -28.19 16.27
C LYS I 120 -20.79 -28.99 16.05
N PRO I 121 -20.51 -30.00 16.88
CA PRO I 121 -19.25 -30.74 16.72
C PRO I 121 -19.00 -31.31 15.32
N GLU I 122 -20.08 -31.58 14.56
CA GLU I 122 -20.00 -32.09 13.19
C GLU I 122 -19.36 -31.06 12.26
N ASN I 123 -19.59 -29.75 12.51
CA ASN I 123 -19.08 -28.69 11.65
C ASN I 123 -17.78 -28.04 12.11
N TYR I 124 -17.03 -28.64 13.06
CA TYR I 124 -15.72 -28.08 13.45
C TYR I 124 -14.76 -28.12 12.23
N ARG I 125 -14.85 -29.19 11.42
CA ARG I 125 -14.04 -29.40 10.22
C ARG I 125 -14.29 -28.36 9.12
N ARG I 126 -15.47 -27.71 9.12
CA ARG I 126 -15.81 -26.68 8.14
C ARG I 126 -15.30 -25.26 8.53
N LEU I 127 -14.68 -25.11 9.72
CA LEU I 127 -14.13 -23.82 10.16
C LEU I 127 -12.80 -23.54 9.46
N ASP I 128 -12.58 -22.30 9.03
CA ASP I 128 -11.36 -21.91 8.34
C ASP I 128 -10.20 -21.65 9.31
N ILE I 129 -9.70 -22.70 9.94
CA ILE I 129 -8.62 -22.62 10.93
C ILE I 129 -7.58 -23.71 10.69
N VAL I 130 -6.36 -23.54 11.25
CA VAL I 130 -5.31 -24.55 11.14
C VAL I 130 -5.76 -25.85 11.85
N ARG I 131 -5.31 -27.00 11.33
CA ARG I 131 -5.61 -28.33 11.81
C ARG I 131 -5.42 -28.51 13.33
N SER I 132 -4.39 -27.86 13.91
CA SER I 132 -4.14 -27.93 15.34
C SER I 132 -5.31 -27.37 16.16
N LEU I 133 -5.93 -26.29 15.66
CA LEU I 133 -7.07 -25.67 16.34
C LEU I 133 -8.35 -26.51 16.24
N TYR I 134 -8.48 -27.29 15.16
CA TYR I 134 -9.58 -28.23 14.97
C TYR I 134 -9.48 -29.35 16.04
N GLU I 135 -8.25 -29.83 16.29
CA GLU I 135 -8.02 -30.85 17.32
C GLU I 135 -8.23 -30.30 18.73
N ASP I 136 -7.87 -29.02 18.94
CA ASP I 136 -8.08 -28.36 20.23
C ASP I 136 -9.57 -28.24 20.53
N LEU I 137 -10.39 -27.93 19.50
CA LEU I 137 -11.85 -27.82 19.62
C LEU I 137 -12.47 -29.15 19.97
N GLU I 138 -12.01 -30.21 19.29
CA GLU I 138 -12.52 -31.57 19.49
C GLU I 138 -12.16 -32.14 20.85
N ASP I 139 -11.04 -31.68 21.44
CA ASP I 139 -10.59 -32.16 22.75
C ASP I 139 -11.40 -31.43 23.83
N HIS I 140 -12.68 -31.77 23.95
CA HIS I 140 -13.65 -31.21 24.90
C HIS I 140 -13.21 -31.43 26.32
N PRO I 141 -13.45 -30.45 27.22
CA PRO I 141 -13.14 -30.67 28.64
C PRO I 141 -13.80 -31.93 29.18
N ASN I 142 -13.02 -32.71 29.92
CA ASN I 142 -13.45 -34.04 30.34
C ASN I 142 -12.94 -34.34 31.75
N VAL I 143 -13.86 -34.70 32.65
CA VAL I 143 -13.53 -35.07 34.02
C VAL I 143 -12.54 -36.22 34.10
N GLN I 144 -12.79 -37.35 33.40
CA GLN I 144 -11.88 -38.50 33.45
C GLN I 144 -10.47 -38.12 32.96
N LYS I 145 -10.38 -37.33 31.87
CA LYS I 145 -9.10 -36.86 31.31
C LYS I 145 -8.36 -36.05 32.37
N ASP I 146 -9.08 -35.16 33.07
CA ASP I 146 -8.56 -34.32 34.13
C ASP I 146 -8.06 -35.10 35.33
N LEU I 147 -8.78 -36.15 35.75
CA LEU I 147 -8.34 -36.99 36.85
C LEU I 147 -7.06 -37.74 36.44
N GLU I 148 -6.95 -38.17 35.16
CA GLU I 148 -5.74 -38.82 34.65
C GLU I 148 -4.57 -37.81 34.76
N ARG I 149 -4.80 -36.56 34.36
CA ARG I 149 -3.79 -35.49 34.44
C ARG I 149 -3.34 -35.24 35.89
N LEU I 150 -4.30 -34.98 36.81
CA LEU I 150 -4.00 -34.73 38.23
C LEU I 150 -3.22 -35.87 38.87
N THR I 151 -3.52 -37.13 38.50
CA THR I 151 -2.78 -38.30 39.02
C THR I 151 -1.33 -38.28 38.54
N GLN I 152 -1.10 -37.99 37.25
CA GLN I 152 0.23 -37.92 36.65
C GLN I 152 1.07 -36.79 37.27
N GLU I 153 0.44 -35.63 37.53
CA GLU I 153 1.10 -34.48 38.15
C GLU I 153 1.46 -34.75 39.61
N ARG I 154 0.70 -35.61 40.30
CA ARG I 154 1.01 -35.99 41.68
C ARG I 154 2.23 -36.93 41.72
N ILE I 155 2.38 -37.79 40.69
CA ILE I 155 3.50 -38.74 40.53
C ILE I 155 4.78 -37.98 40.15
N ALA I 156 4.64 -36.94 39.30
CA ALA I 156 5.77 -36.10 38.88
C ALA I 156 6.38 -35.30 40.05
N HIS I 157 5.58 -35.03 41.10
CA HIS I 157 6.02 -34.33 42.30
C HIS I 157 6.51 -35.32 43.38
N GLN I 158 5.84 -36.48 43.52
CA GLN I 158 6.18 -37.49 44.52
C GLN I 158 7.63 -38.00 44.43
N ARG I 159 8.22 -37.90 43.23
CA ARG I 159 9.61 -38.29 42.97
C ARG I 159 10.11 -37.60 41.71
N MET J 1 3.63 21.76 13.77
CA MET J 1 3.84 22.53 12.55
C MET J 1 2.94 22.09 11.42
N ASP J 2 2.54 23.04 10.57
CA ASP J 2 1.77 22.71 9.37
C ASP J 2 2.73 22.49 8.20
N VAL J 3 2.44 21.48 7.38
CA VAL J 3 3.14 21.16 6.16
C VAL J 3 2.13 21.30 5.01
N PHE J 4 2.57 21.86 3.90
CA PHE J 4 1.70 22.17 2.78
C PHE J 4 2.06 21.27 1.62
N LEU J 5 1.07 20.52 1.14
CA LEU J 5 1.26 19.47 0.15
C LEU J 5 0.42 19.57 -1.11
N MET J 6 0.85 18.86 -2.13
CA MET J 6 0.15 18.59 -3.39
C MET J 6 0.10 17.06 -3.47
N ILE J 7 -1.09 16.44 -3.40
CA ILE J 7 -1.23 15.00 -3.54
C ILE J 7 -1.58 14.78 -5.01
N ARG J 8 -0.68 14.15 -5.77
CA ARG J 8 -0.83 14.07 -7.21
C ARG J 8 -0.91 12.64 -7.78
N ARG J 9 -1.87 12.43 -8.68
CA ARG J 9 -2.11 11.18 -9.37
C ARG J 9 -2.62 11.55 -10.72
N HIS J 10 -1.98 11.07 -11.80
CA HIS J 10 -2.39 11.30 -13.17
C HIS J 10 -2.57 12.81 -13.43
N LYS J 11 -3.78 13.31 -13.75
CA LYS J 11 -4.01 14.73 -13.92
C LYS J 11 -4.78 15.36 -12.75
N THR J 12 -4.71 14.75 -11.56
CA THR J 12 -5.37 15.24 -10.37
C THR J 12 -4.31 15.77 -9.40
N THR J 13 -4.54 16.95 -8.81
CA THR J 13 -3.65 17.53 -7.80
C THR J 13 -4.51 18.08 -6.67
N ILE J 14 -4.37 17.49 -5.47
CA ILE J 14 -5.09 17.98 -4.32
C ILE J 14 -4.16 18.88 -3.52
N PHE J 15 -4.58 20.12 -3.25
CA PHE J 15 -3.81 21.02 -2.42
C PHE J 15 -4.38 20.88 -1.01
N THR J 16 -3.55 20.48 -0.06
CA THR J 16 -3.99 20.35 1.33
C THR J 16 -2.83 20.59 2.29
N ASP J 17 -3.13 20.80 3.56
CA ASP J 17 -2.14 20.93 4.59
C ASP J 17 -2.39 19.86 5.64
N ALA J 18 -1.37 19.58 6.47
CA ALA J 18 -1.47 18.60 7.54
C ALA J 18 -0.41 18.92 8.59
N LYS J 19 -0.52 18.35 9.80
CA LYS J 19 0.48 18.54 10.82
C LYS J 19 1.68 17.65 10.47
N GLU J 20 2.87 18.12 10.78
CA GLU J 20 4.10 17.37 10.59
C GLU J 20 4.05 16.07 11.45
N SER J 21 3.35 16.10 12.61
CA SER J 21 3.15 14.97 13.51
C SER J 21 2.03 14.01 13.04
N SER J 22 1.20 14.43 12.07
CA SER J 22 0.13 13.58 11.55
C SER J 22 0.72 12.47 10.66
N THR J 23 -0.03 11.41 10.43
CA THR J 23 0.46 10.25 9.71
C THR J 23 0.09 10.17 8.22
N VAL J 24 0.75 9.25 7.49
CA VAL J 24 0.46 8.91 6.10
C VAL J 24 -0.99 8.38 6.01
N PHE J 25 -1.43 7.55 6.98
CA PHE J 25 -2.80 7.05 6.97
C PHE J 25 -3.83 8.21 7.03
N GLU J 26 -3.58 9.22 7.90
CA GLU J 26 -4.46 10.37 8.02
C GLU J 26 -4.55 11.18 6.71
N LEU J 27 -3.48 11.18 5.91
CA LEU J 27 -3.49 11.84 4.61
C LEU J 27 -4.38 11.00 3.66
N LYS J 28 -4.33 9.66 3.73
CA LYS J 28 -5.18 8.77 2.95
C LYS J 28 -6.66 9.02 3.26
N ARG J 29 -6.99 9.32 4.54
CA ARG J 29 -8.37 9.65 4.94
C ARG J 29 -8.82 10.96 4.27
N ILE J 30 -7.91 11.93 4.11
CA ILE J 30 -8.18 13.18 3.41
C ILE J 30 -8.48 12.89 1.94
N VAL J 31 -7.63 12.07 1.30
CA VAL J 31 -7.81 11.67 -0.10
C VAL J 31 -9.13 10.91 -0.26
N GLU J 32 -9.50 10.06 0.71
CA GLU J 32 -10.75 9.29 0.67
C GLU J 32 -11.97 10.20 0.61
N GLY J 33 -11.96 11.26 1.41
CA GLY J 33 -13.08 12.20 1.43
C GLY J 33 -13.25 12.95 0.13
N ILE J 34 -12.16 13.11 -0.65
CA ILE J 34 -12.19 13.83 -1.91
C ILE J 34 -12.40 12.92 -3.13
N LEU J 35 -11.54 11.92 -3.33
CA LEU J 35 -11.59 11.04 -4.49
C LEU J 35 -12.42 9.75 -4.31
N LYS J 36 -13.01 9.57 -3.11
CA LYS J 36 -13.92 8.48 -2.75
C LYS J 36 -13.28 7.09 -2.90
N ARG J 37 -12.04 6.93 -2.47
CA ARG J 37 -11.36 5.64 -2.50
C ARG J 37 -10.83 5.38 -1.10
N PRO J 38 -11.11 4.20 -0.50
CA PRO J 38 -10.64 3.96 0.87
C PRO J 38 -9.13 3.91 1.01
N PRO J 39 -8.59 4.14 2.22
CA PRO J 39 -7.14 4.09 2.41
C PRO J 39 -6.48 2.76 2.00
N ASP J 40 -7.18 1.61 2.10
CA ASP J 40 -6.58 0.33 1.66
C ASP J 40 -6.49 0.22 0.11
N GLU J 41 -7.18 1.10 -0.63
CA GLU J 41 -7.07 1.14 -2.08
C GLU J 41 -6.10 2.23 -2.58
N GLN J 42 -5.30 2.81 -1.67
CA GLN J 42 -4.37 3.89 -2.00
C GLN J 42 -2.95 3.55 -1.61
N ARG J 43 -2.00 4.11 -2.37
CA ARG J 43 -0.58 4.01 -2.08
C ARG J 43 -0.04 5.45 -2.20
N LEU J 44 0.62 5.94 -1.15
CA LEU J 44 1.22 7.28 -1.14
C LEU J 44 2.72 7.18 -1.27
N TYR J 45 3.33 8.11 -2.00
CA TYR J 45 4.76 8.08 -2.27
C TYR J 45 5.45 9.41 -2.02
N LYS J 46 6.76 9.38 -1.75
CA LYS J 46 7.59 10.58 -1.71
C LYS J 46 8.65 10.22 -2.74
N ASP J 47 8.54 10.81 -3.93
CA ASP J 47 9.36 10.46 -5.09
C ASP J 47 8.96 9.01 -5.49
N ASP J 48 9.92 8.08 -5.73
CA ASP J 48 9.56 6.70 -6.08
C ASP J 48 9.36 5.80 -4.84
N GLN J 49 9.44 6.37 -3.63
CA GLN J 49 9.33 5.60 -2.40
C GLN J 49 7.95 5.50 -1.80
N LEU J 50 7.50 4.26 -1.57
CA LEU J 50 6.21 3.97 -0.94
C LEU J 50 6.26 4.36 0.52
N LEU J 51 5.23 5.05 1.01
CA LEU J 51 5.19 5.51 2.39
C LEU J 51 4.37 4.59 3.27
N ASP J 52 4.85 4.37 4.51
CA ASP J 52 4.20 3.53 5.51
C ASP J 52 3.13 4.31 6.27
N ASP J 53 1.92 3.75 6.39
CA ASP J 53 0.78 4.35 7.08
C ASP J 53 1.04 4.94 8.46
N GLY J 54 1.84 4.23 9.27
CA GLY J 54 2.15 4.63 10.64
C GLY J 54 3.16 5.72 10.78
N LYS J 55 3.90 6.04 9.70
CA LYS J 55 4.91 7.10 9.74
C LYS J 55 4.29 8.48 9.71
N THR J 56 4.88 9.41 10.48
CA THR J 56 4.43 10.79 10.45
C THR J 56 4.95 11.45 9.17
N LEU J 57 4.38 12.59 8.82
CA LEU J 57 4.79 13.33 7.64
C LEU J 57 6.22 13.82 7.78
N GLY J 58 6.58 14.28 8.97
CA GLY J 58 7.93 14.71 9.31
C GLY J 58 8.96 13.61 9.10
N GLU J 59 8.62 12.37 9.50
CA GLU J 59 9.45 11.17 9.28
C GLU J 59 9.57 10.85 7.79
N CYS J 60 8.55 11.16 7.00
CA CYS J 60 8.59 10.95 5.54
C CYS J 60 9.32 12.07 4.79
N GLY J 61 9.82 13.09 5.49
CA GLY J 61 10.56 14.18 4.87
C GLY J 61 9.76 15.44 4.60
N PHE J 62 8.50 15.47 5.02
CA PHE J 62 7.66 16.64 4.83
C PHE J 62 7.73 17.53 6.06
N THR J 63 8.44 18.69 5.98
CA THR J 63 8.69 19.63 7.07
C THR J 63 8.36 21.10 6.70
N SER J 64 8.39 22.04 7.67
CA SER J 64 8.20 23.47 7.37
C SER J 64 9.23 24.00 6.36
N GLN J 65 10.41 23.38 6.30
CA GLN J 65 11.45 23.78 5.39
C GLN J 65 11.19 23.25 3.99
N THR J 66 10.51 22.11 3.82
CA THR J 66 10.31 21.50 2.50
C THR J 66 8.91 21.57 1.93
N ALA J 67 7.94 21.89 2.76
CA ALA J 67 6.54 21.85 2.37
C ALA J 67 5.90 23.17 2.80
N ARG J 68 6.20 24.21 2.03
CA ARG J 68 5.78 25.59 2.28
C ARG J 68 4.48 25.96 1.55
N PRO J 69 3.71 26.94 2.06
CA PRO J 69 2.45 27.31 1.38
C PRO J 69 2.66 27.70 -0.09
N GLN J 70 3.67 28.53 -0.35
CA GLN J 70 4.02 29.04 -1.67
C GLN J 70 4.83 28.06 -2.53
N ALA J 71 5.30 26.94 -1.93
CA ALA J 71 6.09 25.90 -2.62
C ALA J 71 5.81 24.57 -1.91
N PRO J 72 4.61 23.99 -2.14
CA PRO J 72 4.26 22.76 -1.44
C PRO J 72 5.01 21.51 -1.89
N ALA J 73 5.16 20.54 -0.96
CA ALA J 73 5.84 19.28 -1.29
C ALA J 73 4.87 18.33 -2.02
N THR J 74 5.38 17.48 -2.92
CA THR J 74 4.54 16.54 -3.66
C THR J 74 4.47 15.13 -3.07
N VAL J 75 3.25 14.64 -2.88
CA VAL J 75 2.98 13.29 -2.43
C VAL J 75 2.36 12.58 -3.65
N GLY J 76 2.96 11.50 -4.09
CA GLY J 76 2.42 10.73 -5.21
C GLY J 76 1.30 9.79 -4.75
N LEU J 77 0.30 9.56 -5.60
CA LEU J 77 -0.82 8.72 -5.27
C LEU J 77 -1.10 7.69 -6.38
N ALA J 78 -1.31 6.41 -5.97
CA ALA J 78 -1.64 5.31 -6.87
C ALA J 78 -2.86 4.57 -6.30
N PHE J 79 -3.85 4.30 -7.14
CA PHE J 79 -5.07 3.58 -6.73
C PHE J 79 -4.99 2.10 -7.09
N ARG J 80 -5.76 1.29 -6.36
CA ARG J 80 -5.86 -0.13 -6.67
C ARG J 80 -6.88 -0.24 -7.81
N ALA J 81 -6.54 -0.97 -8.87
CA ALA J 81 -7.44 -1.19 -10.01
C ALA J 81 -7.73 -2.68 -10.15
N ASP J 82 -8.90 -3.11 -9.66
CA ASP J 82 -9.34 -4.51 -9.64
C ASP J 82 -8.39 -5.35 -8.71
N ASP J 83 -7.58 -6.27 -9.25
CA ASP J 83 -6.69 -7.10 -8.43
C ASP J 83 -5.41 -6.39 -7.97
N THR J 84 -4.79 -5.54 -8.83
CA THR J 84 -3.50 -4.95 -8.50
C THR J 84 -3.48 -3.43 -8.48
N PHE J 85 -2.49 -2.85 -7.79
CA PHE J 85 -2.31 -1.41 -7.78
C PHE J 85 -1.67 -0.99 -9.09
N GLU J 86 -2.11 0.15 -9.64
CA GLU J 86 -1.53 0.70 -10.86
C GLU J 86 -0.11 1.24 -10.53
N ALA J 87 0.71 1.46 -11.56
CA ALA J 87 2.02 2.07 -11.38
C ALA J 87 1.81 3.55 -11.00
N LEU J 88 2.71 4.11 -10.17
CA LEU J 88 2.63 5.53 -9.80
C LEU J 88 2.84 6.35 -11.07
N CAS J 89 1.85 7.19 -11.38
CA CAS J 89 1.93 8.02 -12.56
CB CAS J 89 1.11 7.36 -13.68
C CAS J 89 1.48 9.43 -12.24
O CAS J 89 0.38 9.62 -11.75
SG CAS J 89 0.50 8.41 -15.02
AS CAS J 89 2.50 8.66 -16.06
CE1 CAS J 89 2.46 10.53 -16.91
CE2 CAS J 89 2.84 7.29 -17.53
N ILE J 90 2.32 10.42 -12.53
CA ILE J 90 1.98 11.80 -12.31
C ILE J 90 2.19 12.55 -13.62
N GLU J 91 1.11 13.10 -14.17
CA GLU J 91 1.19 13.85 -15.41
C GLU J 91 1.82 15.19 -15.13
N PRO J 92 2.89 15.55 -15.86
CA PRO J 92 3.51 16.86 -15.64
C PRO J 92 2.59 18.02 -16.04
N PHE J 93 2.85 19.18 -15.45
CA PHE J 93 2.14 20.39 -15.82
C PHE J 93 2.58 20.81 -17.24
N SER J 94 1.85 21.74 -17.86
CA SER J 94 2.23 22.24 -19.18
C SER J 94 3.57 22.98 -19.13
N SER J 95 4.26 23.06 -20.26
CA SER J 95 5.53 23.78 -20.33
C SER J 95 5.25 25.24 -20.63
N PRO J 96 5.90 26.15 -19.88
CA PRO J 96 5.72 27.58 -20.18
C PRO J 96 6.31 27.91 -21.53
N PRO J 97 5.80 28.95 -22.21
CA PRO J 97 6.38 29.35 -23.50
C PRO J 97 7.81 29.88 -23.35
N GLU J 98 8.50 30.07 -24.49
CA GLU J 98 9.85 30.63 -24.46
C GLU J 98 9.79 32.07 -23.95
N LEU J 99 10.75 32.48 -23.09
CA LEU J 99 10.78 33.84 -22.57
C LEU J 99 10.90 34.85 -23.72
N PRO J 100 10.02 35.86 -23.76
CA PRO J 100 10.14 36.86 -24.83
C PRO J 100 11.49 37.58 -24.83
N ASP J 101 11.88 38.17 -25.97
CA ASP J 101 13.16 38.86 -26.08
C ASP J 101 13.32 39.98 -25.05
N VAL J 102 12.23 40.71 -24.74
CA VAL J 102 12.26 41.82 -23.78
C VAL J 102 12.48 41.35 -22.32
N MET J 103 12.27 40.07 -22.03
CA MET J 103 12.52 39.53 -20.69
C MET J 103 13.87 38.79 -20.59
N LYS J 104 14.60 38.62 -21.70
CA LYS J 104 15.88 37.93 -21.72
C LYS J 104 17.02 38.90 -21.42
N MET K 1 -15.13 19.34 5.70
CA MET K 1 -14.31 20.28 4.96
C MET K 1 -14.70 20.33 3.47
N MET K 2 -15.27 21.44 2.99
CA MET K 2 -15.66 21.55 1.59
C MET K 2 -14.48 21.90 0.69
N TYR K 3 -14.43 21.26 -0.49
CA TYR K 3 -13.39 21.47 -1.50
C TYR K 3 -14.04 21.88 -2.84
N VAL K 4 -13.26 22.49 -3.73
CA VAL K 4 -13.72 22.88 -5.06
C VAL K 4 -12.69 22.40 -6.11
N LYS K 5 -13.13 22.13 -7.34
CA LYS K 5 -12.24 21.70 -8.41
C LYS K 5 -12.04 22.82 -9.44
N LEU K 6 -10.79 23.16 -9.71
CA LEU K 6 -10.44 24.19 -10.70
C LEU K 6 -9.73 23.44 -11.81
N ILE K 7 -10.29 23.48 -13.01
CA ILE K 7 -9.74 22.71 -14.13
C ILE K 7 -9.01 23.60 -15.10
N SER K 8 -7.74 23.27 -15.40
CA SER K 8 -6.92 24.07 -16.30
C SER K 8 -7.31 23.84 -17.77
N SER K 9 -6.78 24.65 -18.69
CA SER K 9 -7.05 24.51 -20.12
C SER K 9 -6.57 23.15 -20.68
N ASP K 10 -5.47 22.63 -20.11
CA ASP K 10 -4.93 21.35 -20.52
C ASP K 10 -5.50 20.17 -19.73
N GLY K 11 -6.60 20.36 -19.02
CA GLY K 11 -7.29 19.27 -18.32
C GLY K 11 -6.82 18.83 -16.96
N HIS K 12 -5.88 19.56 -16.34
CA HIS K 12 -5.43 19.22 -14.99
C HIS K 12 -6.50 19.69 -13.99
N GLU K 13 -6.83 18.83 -13.03
CA GLU K 13 -7.85 19.14 -12.04
C GLU K 13 -7.20 19.45 -10.72
N PHE K 14 -7.42 20.68 -10.21
CA PHE K 14 -6.86 21.14 -8.95
C PHE K 14 -7.95 21.19 -7.89
N ILE K 15 -7.79 20.39 -6.85
CA ILE K 15 -8.78 20.34 -5.78
C ILE K 15 -8.23 21.10 -4.61
N VAL K 16 -8.83 22.25 -4.32
CA VAL K 16 -8.40 23.13 -3.25
C VAL K 16 -9.53 23.34 -2.23
N LYS K 17 -9.19 23.71 -0.99
CA LYS K 17 -10.21 24.00 0.04
C LYS K 17 -11.12 25.14 -0.47
N ARG K 18 -12.43 25.01 -0.23
CA ARG K 18 -13.40 26.01 -0.67
C ARG K 18 -13.02 27.41 -0.15
N GLU K 19 -12.64 27.50 1.13
CA GLU K 19 -12.22 28.75 1.78
C GLU K 19 -11.06 29.40 1.02
N HIS K 20 -10.09 28.58 0.57
CA HIS K 20 -8.96 29.07 -0.20
C HIS K 20 -9.38 29.61 -1.58
N ALA K 21 -10.25 28.90 -2.32
CA ALA K 21 -10.69 29.36 -3.63
C ALA K 21 -11.45 30.68 -3.54
N LEU K 22 -12.17 30.89 -2.42
CA LEU K 22 -12.90 32.12 -2.16
C LEU K 22 -11.99 33.36 -2.01
N THR K 23 -10.66 33.19 -2.07
CA THR K 23 -9.68 34.29 -2.11
C THR K 23 -9.91 35.12 -3.38
N SER K 24 -10.21 34.44 -4.48
CA SER K 24 -10.52 35.06 -5.74
C SER K 24 -12.00 35.45 -5.72
N GLY K 25 -12.29 36.74 -5.90
CA GLY K 25 -13.66 37.22 -5.96
C GLY K 25 -14.35 36.70 -7.21
N THR K 26 -13.61 36.50 -8.30
CA THR K 26 -14.13 35.95 -9.55
C THR K 26 -14.59 34.53 -9.34
N ILE K 27 -13.77 33.71 -8.65
CA ILE K 27 -14.12 32.34 -8.32
C ILE K 27 -15.34 32.31 -7.40
N LYS K 28 -15.38 33.15 -6.37
CA LYS K 28 -16.53 33.25 -5.47
C LYS K 28 -17.85 33.49 -6.23
N ALA K 29 -17.82 34.34 -7.25
CA ALA K 29 -18.98 34.63 -8.08
C ALA K 29 -19.36 33.45 -8.98
N MET K 30 -18.37 32.70 -9.49
CA MET K 30 -18.60 31.51 -10.33
C MET K 30 -19.21 30.37 -9.51
N LEU K 31 -18.88 30.29 -8.19
CA LEU K 31 -19.38 29.22 -7.34
C LEU K 31 -20.73 29.61 -6.74
N ASN K 43 -19.52 22.90 -7.82
CA ASN K 43 -18.21 23.12 -7.20
C ASN K 43 -17.04 22.82 -8.15
N GLU K 44 -17.25 23.00 -9.46
CA GLU K 44 -16.21 22.80 -10.47
C GLU K 44 -16.20 24.03 -11.35
N VAL K 45 -15.01 24.55 -11.64
CA VAL K 45 -14.87 25.71 -12.51
C VAL K 45 -13.86 25.32 -13.60
N ASN K 46 -14.18 25.56 -14.87
CA ASN K 46 -13.25 25.30 -15.96
C ASN K 46 -12.59 26.60 -16.40
N PHE K 47 -11.28 26.57 -16.61
CA PHE K 47 -10.55 27.73 -17.07
C PHE K 47 -9.94 27.39 -18.41
N ARG K 48 -10.68 27.63 -19.49
CA ARG K 48 -10.24 27.32 -20.85
C ARG K 48 -9.03 28.11 -21.32
N GLU K 49 -8.68 29.20 -20.62
CA GLU K 49 -7.53 30.01 -20.99
C GLU K 49 -6.35 29.89 -20.03
N ILE K 50 -6.49 29.20 -18.90
CA ILE K 50 -5.41 29.13 -17.91
C ILE K 50 -4.76 27.75 -17.89
N PRO K 51 -3.51 27.63 -18.43
CA PRO K 51 -2.82 26.33 -18.40
C PRO K 51 -2.37 25.90 -17.00
N SER K 52 -2.06 24.60 -16.81
CA SER K 52 -1.70 24.05 -15.50
C SER K 52 -0.46 24.62 -14.89
N HIS K 53 0.55 25.03 -15.70
CA HIS K 53 1.74 25.66 -15.14
C HIS K 53 1.44 27.04 -14.51
N VAL K 54 0.28 27.65 -14.85
CA VAL K 54 -0.17 28.90 -14.27
C VAL K 54 -1.19 28.64 -13.15
N LEU K 55 -2.18 27.76 -13.38
CA LEU K 55 -3.22 27.47 -12.39
C LEU K 55 -2.70 26.78 -11.13
N SER K 56 -1.64 25.97 -11.28
CA SER K 56 -1.02 25.34 -10.10
C SER K 56 -0.44 26.41 -9.17
N LYS K 57 0.18 27.43 -9.77
CA LYS K 57 0.77 28.55 -9.06
C LYS K 57 -0.28 29.47 -8.40
N VAL K 58 -1.43 29.63 -9.05
CA VAL K 58 -2.57 30.37 -8.53
C VAL K 58 -3.05 29.70 -7.22
N CYS K 59 -3.17 28.38 -7.22
CA CYS K 59 -3.51 27.56 -6.06
C CYS K 59 -2.48 27.70 -4.96
N MET K 60 -1.18 27.73 -5.29
CA MET K 60 -0.14 27.97 -4.28
C MET K 60 -0.31 29.38 -3.66
N TYR K 61 -0.73 30.36 -4.48
CA TYR K 61 -0.98 31.72 -4.00
C TYR K 61 -2.12 31.72 -2.99
N PHE K 62 -3.23 31.00 -3.26
CA PHE K 62 -4.35 30.88 -2.31
C PHE K 62 -3.88 30.35 -0.95
N THR K 63 -3.04 29.32 -0.97
CA THR K 63 -2.49 28.72 0.25
C THR K 63 -1.66 29.73 1.02
N TYR K 64 -0.74 30.39 0.31
CA TYR K 64 0.17 31.42 0.82
C TYR K 64 -0.63 32.58 1.45
N LYS K 65 -1.65 33.06 0.73
CA LYS K 65 -2.52 34.14 1.16
C LYS K 65 -3.29 33.77 2.44
N VAL K 66 -3.95 32.61 2.47
CA VAL K 66 -4.71 32.19 3.66
C VAL K 66 -3.79 32.02 4.86
N ARG K 67 -2.61 31.44 4.63
CA ARG K 67 -1.65 31.21 5.70
C ARG K 67 -1.07 32.49 6.31
N TYR K 68 -0.66 33.43 5.46
CA TYR K 68 0.05 34.61 5.95
C TYR K 68 -0.80 35.85 6.13
N THR K 69 -2.08 35.84 5.75
CA THR K 69 -2.95 37.01 5.99
C THR K 69 -3.23 37.16 7.48
N ASN K 70 -3.02 38.37 8.01
CA ASN K 70 -3.21 38.71 9.43
C ASN K 70 -2.34 37.84 10.34
N SER K 71 -1.13 37.49 9.86
CA SER K 71 -0.21 36.65 10.63
C SER K 71 1.00 37.48 11.09
N SER K 72 1.50 37.19 12.30
CA SER K 72 2.69 37.90 12.79
C SER K 72 3.99 37.10 12.61
N THR K 73 3.91 35.85 12.10
CA THR K 73 5.09 35.05 11.79
C THR K 73 5.62 35.62 10.46
N GLU K 74 6.90 36.07 10.42
CA GLU K 74 7.56 36.69 9.25
C GLU K 74 7.11 36.14 7.91
N ILE K 75 6.59 37.00 7.05
CA ILE K 75 6.09 36.62 5.73
C ILE K 75 7.21 36.47 4.70
N PRO K 76 7.29 35.32 4.04
CA PRO K 76 8.29 35.13 2.99
C PRO K 76 7.79 35.67 1.64
N GLU K 77 8.70 35.84 0.69
CA GLU K 77 8.36 36.32 -0.64
C GLU K 77 7.58 35.27 -1.41
N PHE K 78 6.56 35.70 -2.19
CA PHE K 78 5.85 34.74 -3.03
C PHE K 78 6.69 34.62 -4.28
N PRO K 79 7.25 33.44 -4.59
CA PRO K 79 8.14 33.33 -5.75
C PRO K 79 7.41 33.17 -7.07
N ILE K 80 7.91 33.84 -8.13
CA ILE K 80 7.34 33.73 -9.46
C ILE K 80 8.47 33.57 -10.48
N ALA K 81 8.56 32.41 -11.17
CA ALA K 81 9.59 32.20 -12.19
C ALA K 81 9.34 33.15 -13.34
N PRO K 82 10.40 33.72 -13.94
CA PRO K 82 10.21 34.66 -15.06
C PRO K 82 9.35 34.14 -16.20
N GLU K 83 9.47 32.84 -16.50
CA GLU K 83 8.79 32.16 -17.60
C GLU K 83 7.28 32.11 -17.47
N ILE K 84 6.76 32.21 -16.24
CA ILE K 84 5.32 32.15 -16.03
C ILE K 84 4.68 33.49 -15.64
N ALA K 85 5.51 34.52 -15.33
CA ALA K 85 5.08 35.83 -14.89
C ALA K 85 4.01 36.48 -15.76
N LEU K 86 4.17 36.43 -17.09
CA LEU K 86 3.19 37.08 -17.97
C LEU K 86 1.81 36.42 -17.95
N GLU K 87 1.76 35.09 -18.04
CA GLU K 87 0.48 34.39 -18.00
C GLU K 87 -0.14 34.43 -16.61
N LEU K 88 0.70 34.39 -15.57
CA LEU K 88 0.22 34.47 -14.20
C LEU K 88 -0.41 35.83 -13.95
N LEU K 89 0.16 36.91 -14.54
CA LEU K 89 -0.36 38.27 -14.43
C LEU K 89 -1.75 38.32 -15.05
N MET K 90 -1.93 37.72 -16.22
CA MET K 90 -3.23 37.65 -16.89
C MET K 90 -4.27 36.87 -16.05
N ALA K 91 -3.86 35.75 -15.49
CA ALA K 91 -4.75 34.95 -14.65
C ALA K 91 -5.16 35.72 -13.40
N ALA K 92 -4.19 36.34 -12.70
CA ALA K 92 -4.42 37.14 -11.49
C ALA K 92 -5.34 38.34 -11.77
N ASN K 93 -5.21 38.95 -12.96
CA ASN K 93 -6.07 40.06 -13.33
C ASN K 93 -7.52 39.58 -13.49
N PHE K 94 -7.75 38.42 -14.15
CA PHE K 94 -9.09 37.88 -14.32
C PHE K 94 -9.70 37.42 -12.99
N LEU K 95 -8.89 36.74 -12.16
CA LEU K 95 -9.33 36.19 -10.89
C LEU K 95 -9.46 37.21 -9.76
N ASP K 96 -8.97 38.45 -9.94
CA ASP K 96 -9.02 39.48 -8.92
C ASP K 96 -8.46 39.02 -7.56
N CYS K 97 -7.26 38.48 -7.60
CA CYS K 97 -6.59 38.06 -6.39
C CYS K 97 -5.16 38.55 -6.40
N VAL L 11 -1.84 67.55 5.67
CA VAL L 11 -2.30 66.67 6.74
C VAL L 11 -1.20 65.71 7.18
N LEU L 12 -0.68 64.86 6.27
CA LEU L 12 0.37 63.92 6.64
C LEU L 12 1.74 64.57 6.77
N ARG L 13 2.15 64.89 7.98
CA ARG L 13 3.45 65.48 8.25
C ARG L 13 3.86 65.21 9.70
N SER L 14 5.17 65.32 9.98
CA SER L 14 5.65 65.13 11.34
C SER L 14 5.32 66.37 12.17
N VAL L 15 5.03 66.16 13.43
CA VAL L 15 4.78 67.26 14.37
C VAL L 15 6.15 67.62 14.95
N ASN L 16 6.49 68.93 14.98
CA ASN L 16 7.77 69.39 15.52
C ASN L 16 7.75 69.40 17.05
N SER L 17 7.73 68.23 17.67
CA SER L 17 7.67 68.08 19.13
C SER L 17 8.98 68.41 19.81
N ARG L 18 10.10 68.07 19.15
CA ARG L 18 11.45 68.22 19.68
C ARG L 18 11.70 67.33 20.91
N GLU L 19 10.93 66.25 21.04
CA GLU L 19 11.01 65.28 22.12
C GLU L 19 11.60 63.98 21.58
N PRO L 20 12.86 63.68 21.91
CA PRO L 20 13.48 62.45 21.38
C PRO L 20 12.71 61.18 21.67
N SER L 21 12.77 60.26 20.72
CA SER L 21 12.14 58.96 20.78
C SER L 21 13.08 58.00 20.08
N GLN L 22 13.66 57.10 20.85
CA GLN L 22 14.57 56.11 20.30
C GLN L 22 13.81 54.91 19.77
N VAL L 23 14.13 54.54 18.53
CA VAL L 23 13.44 53.51 17.79
C VAL L 23 14.39 52.47 17.26
N ILE L 24 13.91 51.23 17.07
CA ILE L 24 14.67 50.19 16.40
C ILE L 24 13.94 49.93 15.09
N PHE L 25 14.59 50.24 13.95
CA PHE L 25 14.00 49.91 12.66
C PHE L 25 14.44 48.45 12.46
N CAS L 26 13.50 47.51 12.42
CA CAS L 26 13.83 46.09 12.31
CB CAS L 26 13.19 45.43 13.53
C CAS L 26 13.30 45.53 10.99
O CAS L 26 12.10 45.35 10.83
SG CAS L 26 13.53 43.62 13.52
AS CAS L 26 15.76 43.41 13.54
CE1 CAS L 26 16.04 41.88 12.30
CE2 CAS L 26 16.27 42.97 15.41
N ASN L 27 14.21 45.28 10.05
CA ASN L 27 13.81 44.78 8.74
C ASN L 27 13.57 43.25 8.75
N ARG L 28 12.31 42.84 8.93
CA ARG L 28 11.92 41.43 8.90
C ARG L 28 11.31 41.11 7.53
N SER L 29 11.97 41.55 6.48
CA SER L 29 11.55 41.34 5.11
C SER L 29 12.77 40.92 4.27
N PRO L 30 12.55 40.33 3.07
CA PRO L 30 13.70 39.99 2.22
C PRO L 30 14.15 41.15 1.32
N ARG L 31 13.60 42.36 1.51
CA ARG L 31 13.93 43.50 0.70
C ARG L 31 14.96 44.42 1.36
N VAL L 32 15.67 45.20 0.54
CA VAL L 32 16.53 46.28 1.03
C VAL L 32 15.49 47.38 1.33
N VAL L 33 15.47 47.87 2.57
CA VAL L 33 14.46 48.82 3.00
C VAL L 33 14.95 50.24 2.95
N LEU L 34 14.11 51.12 2.39
CA LEU L 34 14.30 52.56 2.39
C LEU L 34 13.33 53.18 3.41
N PRO L 35 13.84 53.64 4.56
CA PRO L 35 12.97 54.38 5.51
C PRO L 35 12.75 55.79 4.95
N VAL L 36 11.52 56.28 5.07
CA VAL L 36 11.16 57.60 4.57
C VAL L 36 10.51 58.41 5.68
N TRP L 37 11.10 59.55 6.02
CA TRP L 37 10.55 60.41 7.03
C TRP L 37 9.71 61.50 6.37
N LEU L 38 8.48 61.70 6.84
CA LEU L 38 7.65 62.79 6.32
C LEU L 38 8.09 64.04 7.10
N ASN L 39 8.72 65.02 6.42
CA ASN L 39 9.22 66.22 7.10
C ASN L 39 8.06 67.16 7.58
N PHE L 40 8.40 68.29 8.20
CA PHE L 40 7.44 69.24 8.75
C PHE L 40 6.49 69.84 7.71
N ASP L 41 6.84 69.77 6.42
CA ASP L 41 6.01 70.23 5.30
C ASP L 41 5.25 69.07 4.60
N GLY L 42 5.45 67.82 5.07
CA GLY L 42 4.84 66.64 4.49
C GLY L 42 5.64 66.02 3.36
N GLU L 43 6.82 66.55 3.08
CA GLU L 43 7.67 66.06 2.01
C GLU L 43 8.41 64.80 2.44
N PRO L 44 8.37 63.74 1.61
CA PRO L 44 9.11 62.53 1.95
C PRO L 44 10.63 62.73 1.90
N GLN L 45 11.32 62.37 2.97
CA GLN L 45 12.77 62.46 3.05
C GLN L 45 13.38 61.05 3.21
N PRO L 46 14.15 60.58 2.22
CA PRO L 46 14.75 59.25 2.34
C PRO L 46 15.88 59.21 3.34
N TYR L 47 15.99 58.09 4.07
CA TYR L 47 17.03 57.86 5.08
C TYR L 47 17.89 56.65 4.64
N PRO L 48 19.08 56.41 5.25
CA PRO L 48 19.92 55.29 4.81
C PRO L 48 19.19 53.96 4.77
N THR L 49 19.54 53.10 3.82
CA THR L 49 18.87 51.83 3.64
C THR L 49 19.28 50.77 4.63
N LEU L 50 18.42 49.77 4.83
CA LEU L 50 18.65 48.62 5.69
C LEU L 50 18.65 47.37 4.86
N PRO L 51 19.77 46.63 4.83
CA PRO L 51 19.77 45.33 4.14
C PRO L 51 18.74 44.35 4.77
N PRO L 52 18.27 43.33 4.02
CA PRO L 52 17.33 42.34 4.60
C PRO L 52 17.80 41.70 5.90
N GLY L 53 16.88 41.51 6.83
CA GLY L 53 17.17 40.86 8.11
C GLY L 53 18.00 41.66 9.09
N THR L 54 18.26 42.94 8.81
CA THR L 54 19.07 43.77 9.70
C THR L 54 18.21 44.78 10.48
N GLY L 55 18.76 45.27 11.58
CA GLY L 55 18.08 46.25 12.41
C GLY L 55 19.02 47.36 12.80
N ARG L 56 18.49 48.58 13.02
CA ARG L 56 19.28 49.74 13.40
C ARG L 56 18.60 50.48 14.53
N ARG L 57 19.37 50.91 15.52
CA ARG L 57 18.85 51.77 16.57
C ARG L 57 19.00 53.20 16.01
N ILE L 58 17.90 53.93 15.87
CA ILE L 58 17.84 55.25 15.28
C ILE L 58 17.24 56.30 16.23
N HIS L 59 17.60 57.58 16.03
CA HIS L 59 17.11 58.67 16.85
C HIS L 59 16.02 59.42 16.11
N SER L 60 14.80 59.34 16.62
CA SER L 60 13.69 60.07 16.04
C SER L 60 13.03 60.94 17.14
N TYR L 61 11.81 61.39 16.95
CA TYR L 61 11.09 62.25 17.89
C TYR L 61 9.64 61.81 17.96
N ARG L 62 8.97 62.11 19.07
CA ARG L 62 7.54 61.80 19.22
C ARG L 62 6.74 62.58 18.17
N GLY L 63 5.73 61.94 17.59
CA GLY L 63 4.90 62.62 16.61
C GLY L 63 5.47 62.70 15.21
N HIS L 64 6.60 62.03 14.95
CA HIS L 64 7.18 62.02 13.60
C HIS L 64 6.60 60.91 12.79
N LEU L 65 6.47 61.10 11.48
CA LEU L 65 5.84 60.12 10.62
C LEU L 65 6.85 59.42 9.72
N TRP L 66 6.76 58.09 9.68
CA TRP L 66 7.64 57.27 8.85
C TRP L 66 6.87 56.26 8.02
N LEU L 67 7.43 55.93 6.86
CA LEU L 67 6.93 54.87 6.02
C LEU L 67 8.14 54.13 5.45
N PHE L 68 7.94 52.88 4.98
CA PHE L 68 9.05 52.05 4.57
C PHE L 68 8.75 51.44 3.22
N ARG L 69 9.75 51.46 2.35
CA ARG L 69 9.61 50.99 0.97
C ARG L 69 10.77 50.11 0.57
N ASP L 70 10.60 49.37 -0.52
CA ASP L 70 11.70 48.64 -1.13
C ASP L 70 12.60 49.72 -1.76
N ALA L 71 13.89 49.74 -1.40
CA ALA L 71 14.79 50.80 -1.88
C ALA L 71 15.03 50.81 -3.40
N GLY L 72 14.89 49.67 -4.04
CA GLY L 72 15.11 49.58 -5.47
C GLY L 72 13.89 49.83 -6.32
N THR L 73 12.72 49.33 -5.88
CA THR L 73 11.51 49.40 -6.69
C THR L 73 10.41 50.32 -6.15
N HIS L 74 10.54 50.76 -4.88
CA HIS L 74 9.57 51.57 -4.18
C HIS L 74 8.29 50.83 -3.81
N ASP L 75 8.30 49.49 -3.85
CA ASP L 75 7.16 48.66 -3.40
C ASP L 75 6.86 49.00 -1.92
N GLY L 76 5.59 49.09 -1.59
CA GLY L 76 5.17 49.41 -0.23
C GLY L 76 5.37 48.25 0.71
N LEU L 77 5.82 48.57 1.92
CA LEU L 77 6.05 47.61 2.98
C LEU L 77 5.20 47.98 4.19
N LEU L 78 5.03 47.06 5.15
CA LEU L 78 4.28 47.35 6.36
C LEU L 78 5.24 47.58 7.52
N VAL L 79 4.83 48.39 8.52
CA VAL L 79 5.60 48.62 9.74
C VAL L 79 4.61 48.47 10.88
N ASN L 80 4.83 47.49 11.76
CA ASN L 80 3.90 47.15 12.82
C ASN L 80 2.49 46.87 12.27
N GLN L 81 2.44 46.15 11.13
CA GLN L 81 1.24 45.69 10.41
C GLN L 81 0.42 46.80 9.73
N THR L 82 0.96 48.02 9.67
CA THR L 82 0.24 49.12 9.05
C THR L 82 1.18 49.95 8.13
N GLU L 83 0.66 51.00 7.52
CA GLU L 83 1.41 51.83 6.57
C GLU L 83 2.35 52.81 7.22
N LEU L 84 1.91 53.47 8.29
CA LEU L 84 2.69 54.51 8.93
C LEU L 84 3.16 54.16 10.32
N PHE L 85 4.34 54.68 10.66
CA PHE L 85 4.92 54.48 11.97
C PHE L 85 5.12 55.82 12.61
N VAL L 86 4.60 55.98 13.83
CA VAL L 86 4.74 57.22 14.59
C VAL L 86 5.49 56.94 15.88
N PRO L 87 6.73 57.40 16.03
CA PRO L 87 7.46 57.17 17.29
C PRO L 87 6.73 57.75 18.48
N SER L 88 6.67 56.96 19.54
CA SER L 88 5.98 57.34 20.77
C SER L 88 6.95 57.57 21.95
N LEU L 89 6.44 57.79 23.17
CA LEU L 89 7.23 58.01 24.36
C LEU L 89 7.89 56.71 24.82
N ASN L 90 9.22 56.72 25.06
CA ASN L 90 9.98 55.56 25.53
C ASN L 90 9.73 55.31 27.02
N VAL L 91 9.12 54.18 27.37
CA VAL L 91 8.85 53.87 28.76
C VAL L 91 9.98 53.03 29.39
N ASP L 92 10.63 53.60 30.42
CA ASP L 92 11.75 52.99 31.15
C ASP L 92 12.96 52.74 30.24
N GLY L 93 13.21 53.69 29.34
CA GLY L 93 14.31 53.62 28.41
C GLY L 93 14.19 52.56 27.33
N GLN L 94 13.00 51.97 27.15
CA GLN L 94 12.81 50.93 26.14
C GLN L 94 12.63 51.61 24.79
N PRO L 95 13.41 51.20 23.77
CA PRO L 95 13.19 51.76 22.44
C PRO L 95 11.91 51.17 21.83
N ILE L 96 11.30 51.91 20.90
CA ILE L 96 10.09 51.46 20.25
C ILE L 96 10.48 50.61 19.05
N PHE L 97 9.95 49.40 18.92
CA PHE L 97 10.25 48.58 17.75
C PHE L 97 9.36 48.94 16.59
N ALA L 98 9.96 49.14 15.43
CA ALA L 98 9.28 49.39 14.18
C ALA L 98 9.60 48.14 13.36
N ASN L 99 8.73 47.14 13.40
CA ASN L 99 8.88 45.88 12.67
C ASN L 99 8.43 46.00 11.25
N ILE L 100 9.38 46.04 10.32
CA ILE L 100 9.12 46.21 8.88
C ILE L 100 8.97 44.85 8.26
N THR L 101 7.84 44.60 7.61
CA THR L 101 7.56 43.29 6.99
C THR L 101 7.02 43.47 5.58
N LEU L 102 7.03 42.39 4.78
CA LEU L 102 6.40 42.38 3.49
C LEU L 102 4.91 42.29 3.76
N PRO L 103 4.10 43.05 3.00
CA PRO L 103 2.66 42.79 3.03
C PRO L 103 2.39 41.48 2.25
N VAL L 104 1.17 40.92 2.40
CA VAL L 104 0.75 39.82 1.54
C VAL L 104 0.25 40.59 0.31
N TYR L 105 1.13 40.80 -0.71
CA TYR L 105 0.70 41.50 -1.90
C TYR L 105 -0.36 40.69 -2.63
N THR L 106 -1.20 41.35 -3.45
CA THR L 106 -2.14 40.60 -4.29
C THR L 106 -1.25 39.87 -5.34
N LEU L 107 -1.74 38.74 -5.89
CA LEU L 107 -1.01 38.02 -6.92
C LEU L 107 -0.73 38.92 -8.11
N LYS L 108 -1.72 39.77 -8.49
CA LYS L 108 -1.57 40.72 -9.56
C LYS L 108 -0.42 41.70 -9.30
N GLU L 109 -0.39 42.30 -8.09
CA GLU L 109 0.69 43.23 -7.77
C GLU L 109 2.03 42.53 -7.75
N ARG L 110 2.08 41.33 -7.20
CA ARG L 110 3.30 40.52 -7.16
C ARG L 110 3.80 40.19 -8.59
N CYS L 111 2.90 39.85 -9.53
CA CYS L 111 3.21 39.60 -10.93
C CYS L 111 3.72 40.88 -11.60
N LEU L 112 3.07 42.03 -11.34
CA LEU L 112 3.52 43.31 -11.89
C LEU L 112 4.95 43.63 -11.41
N GLN L 113 5.26 43.29 -10.14
CA GLN L 113 6.62 43.49 -9.59
C GLN L 113 7.65 42.65 -10.35
N VAL L 114 7.36 41.36 -10.56
CA VAL L 114 8.28 40.45 -11.26
C VAL L 114 8.51 40.88 -12.70
N VAL L 115 7.43 41.28 -13.42
CA VAL L 115 7.54 41.72 -14.80
C VAL L 115 8.35 43.05 -14.88
N ARG L 116 8.10 44.02 -13.97
CA ARG L 116 8.87 45.27 -13.96
C ARG L 116 10.38 45.00 -13.74
N SER L 117 10.70 43.97 -12.95
CA SER L 117 12.10 43.63 -12.66
C SER L 117 12.82 42.94 -13.82
N LEU L 118 12.09 42.48 -14.84
CA LEU L 118 12.67 41.77 -15.98
C LEU L 118 12.63 42.56 -17.27
N VAL L 119 11.72 43.55 -17.37
CA VAL L 119 11.55 44.31 -18.60
C VAL L 119 11.85 45.79 -18.36
N LYS L 120 12.65 46.39 -19.26
CA LYS L 120 12.96 47.83 -19.22
C LYS L 120 11.66 48.60 -19.48
N PRO L 121 11.43 49.74 -18.81
CA PRO L 121 10.17 50.48 -19.01
C PRO L 121 9.85 50.83 -20.46
N GLU L 122 10.89 50.94 -21.32
CA GLU L 122 10.72 51.23 -22.75
C GLU L 122 10.03 50.07 -23.47
N ASN L 123 10.26 48.83 -23.03
CA ASN L 123 9.69 47.65 -23.68
C ASN L 123 8.39 47.12 -23.05
N TYR L 124 7.71 47.87 -22.16
CA TYR L 124 6.42 47.41 -21.61
C TYR L 124 5.39 47.27 -22.75
N ARG L 125 5.43 48.21 -23.71
CA ARG L 125 4.54 48.26 -24.87
C ARG L 125 4.71 47.07 -25.81
N ARG L 126 5.89 46.42 -25.80
CA ARG L 126 6.16 45.25 -26.64
C ARG L 126 5.68 43.90 -26.03
N LEU L 127 5.13 43.92 -24.80
CA LEU L 127 4.62 42.72 -24.14
C LEU L 127 3.26 42.34 -24.71
N ASP L 128 3.02 41.03 -24.94
CA ASP L 128 1.76 40.55 -25.49
C ASP L 128 0.66 40.45 -24.44
N ILE L 129 0.18 41.60 -23.96
CA ILE L 129 -0.86 41.68 -22.92
C ILE L 129 -1.89 42.75 -23.28
N VAL L 130 -3.07 42.71 -22.64
CA VAL L 130 -4.10 43.74 -22.86
C VAL L 130 -3.58 45.11 -22.39
N ARG L 131 -4.05 46.18 -23.06
CA ARG L 131 -3.64 47.56 -22.80
C ARG L 131 -3.76 47.99 -21.33
N SER L 132 -4.77 47.48 -20.62
CA SER L 132 -4.96 47.82 -19.22
C SER L 132 -3.76 47.34 -18.37
N LEU L 133 -3.19 46.17 -18.70
CA LEU L 133 -2.03 45.63 -17.99
C LEU L 133 -0.75 46.40 -18.28
N TYR L 134 -0.65 47.01 -19.46
CA TYR L 134 0.48 47.86 -19.85
C TYR L 134 0.45 49.19 -19.05
N GLU L 135 -0.75 49.69 -18.73
CA GLU L 135 -0.91 50.85 -17.87
C GLU L 135 -0.66 50.52 -16.40
N ASP L 136 -1.04 49.31 -15.97
CA ASP L 136 -0.79 48.85 -14.61
C ASP L 136 0.72 48.74 -14.37
N LEU L 137 1.48 48.27 -15.38
CA LEU L 137 2.94 48.14 -15.30
C LEU L 137 3.60 49.50 -15.19
N GLU L 138 3.12 50.46 -15.98
CA GLU L 138 3.66 51.82 -16.00
C GLU L 138 3.37 52.58 -14.72
N ASP L 139 2.29 52.24 -14.02
CA ASP L 139 1.92 52.89 -12.77
C ASP L 139 2.77 52.30 -11.62
N HIS L 140 4.07 52.63 -11.63
CA HIS L 140 5.08 52.19 -10.68
C HIS L 140 4.73 52.62 -9.28
N PRO L 141 5.04 51.79 -8.27
CA PRO L 141 4.84 52.24 -6.88
C PRO L 141 5.60 53.54 -6.59
N ASN L 142 4.93 54.45 -5.89
CA ASN L 142 5.40 55.81 -5.71
C ASN L 142 4.95 56.32 -4.35
N VAL L 143 5.87 56.79 -3.51
CA VAL L 143 5.52 57.35 -2.21
C VAL L 143 4.59 58.56 -2.34
N GLN L 144 4.88 59.51 -3.27
CA GLN L 144 4.05 60.71 -3.41
C GLN L 144 2.59 60.34 -3.73
N LYS L 145 2.37 59.34 -4.60
CA LYS L 145 1.00 58.89 -4.92
C LYS L 145 0.31 58.20 -3.74
N ASP L 146 1.06 57.43 -2.92
CA ASP L 146 0.50 56.77 -1.75
C ASP L 146 0.13 57.77 -0.66
N LEU L 147 0.93 58.85 -0.52
CA LEU L 147 0.61 59.92 0.41
C LEU L 147 -0.69 60.62 -0.05
N GLU L 148 -0.90 60.75 -1.38
CA GLU L 148 -2.14 61.33 -1.91
C GLU L 148 -3.30 60.41 -1.54
N ARG L 149 -3.13 59.10 -1.74
CA ARG L 149 -4.13 58.09 -1.43
C ARG L 149 -4.51 58.09 0.06
N LEU L 150 -3.52 57.99 0.99
CA LEU L 150 -3.72 57.97 2.44
C LEU L 150 -4.46 59.23 2.90
N THR L 151 -4.07 60.39 2.36
CA THR L 151 -4.70 61.68 2.69
C THR L 151 -6.19 61.68 2.30
N GLN L 152 -6.53 61.13 1.13
CA GLN L 152 -7.89 61.04 0.65
C GLN L 152 -8.74 60.13 1.55
N GLU L 153 -8.17 59.00 2.01
CA GLU L 153 -8.84 58.05 2.90
C GLU L 153 -9.10 58.66 4.29
N ARG L 154 -8.24 59.58 4.75
CA ARG L 154 -8.44 60.28 6.01
C ARG L 154 -9.59 61.31 5.92
N ILE L 155 -9.75 61.94 4.74
CA ILE L 155 -10.80 62.91 4.43
C ILE L 155 -12.16 62.19 4.27
N ALA L 156 -12.15 60.99 3.68
CA ALA L 156 -13.36 60.20 3.51
C ALA L 156 -13.96 59.74 4.86
N HIS L 157 -13.10 59.60 5.89
CA HIS L 157 -13.52 59.22 7.24
C HIS L 157 -13.90 60.46 8.07
N GLN L 158 -14.88 61.26 7.57
CA GLN L 158 -15.41 62.51 8.14
C GLN L 158 -14.33 63.45 8.68
C1 QE9 M . 7.91 -31.13 15.56
N1 QE9 M . 8.52 -32.45 15.34
C2 QE9 M . 9.76 -32.36 14.55
C3 QE9 M . 10.15 -30.89 14.68
C4 QE9 M . 8.80 -30.19 14.75
C5 QE9 M . 6.46 -31.06 15.09
O1 QE9 M . 6.08 -31.66 14.09
N2 QE9 M . 5.68 -30.24 15.80
C6 QE9 M . 7.97 -33.57 15.85
O2 QE9 M . 6.96 -33.52 16.51
C7 QE9 M . 8.67 -34.92 15.61
C8 QE9 M . 9.09 -35.49 16.93
C9 QE9 M . 7.79 -35.87 14.79
C10 QE9 M . 7.36 -35.23 13.48
C11 QE9 M . 8.48 -37.21 14.54
C12 QE9 M . 8.41 -36.07 17.95
C13 QE9 M . 9.39 -36.35 18.94
N3 QE9 M . 10.58 -35.96 18.56
O3 QE9 M . 10.39 -35.40 17.28
O4 QE9 M . 10.89 -30.65 15.87
C14 QE9 M . 9.20 -37.01 20.27
C15 QE9 M . 4.38 -29.81 15.29
C16 QE9 M . 4.45 -28.60 14.39
C17 QE9 M . 5.53 -27.72 14.39
C18 QE9 M . 5.55 -26.62 13.56
C19 QE9 M . 4.44 -26.29 12.77
C20 QE9 M . 3.36 -27.17 12.76
C21 QE9 M . 3.34 -28.27 13.60
C22 QE9 M . 4.44 -25.07 11.92
C23 QE9 M . 3.43 -24.16 11.70
N4 QE9 M . 3.73 -23.17 10.79
C24 QE9 M . 4.96 -23.24 10.43
S1 QE9 M . 5.86 -24.54 11.08
C25 QE9 M . 2.09 -24.13 12.37
O5 QE9 M . 2.31 -29.18 13.65
C26 QE9 M . 1.01 -28.84 13.17
C27 QE9 M . 0.09 -29.96 13.54
O6 QE9 M . -0.53 -29.77 14.82
C28 QE9 M . 0.26 -29.79 16.01
C1 QE9 N . -27.19 -43.65 -12.78
N1 QE9 N . -26.60 -44.96 -13.03
C2 QE9 N . -25.34 -44.87 -13.79
C3 QE9 N . -24.93 -43.42 -13.63
C4 QE9 N . -26.26 -42.69 -13.55
C5 QE9 N . -28.63 -43.52 -13.26
O1 QE9 N . -29.00 -44.08 -14.30
N2 QE9 N . -29.41 -42.74 -12.52
C6 QE9 N . -27.18 -46.10 -12.57
O2 QE9 N . -28.21 -46.05 -11.91
C7 QE9 N . -26.50 -47.43 -12.86
C8 QE9 N . -26.12 -48.08 -11.55
C9 QE9 N . -27.37 -48.35 -13.71
C10 QE9 N . -27.79 -47.65 -15.00
C11 QE9 N . -26.70 -49.69 -14.02
C12 QE9 N . -26.81 -48.69 -10.58
C13 QE9 N . -25.87 -49.02 -9.58
N3 QE9 N . -24.67 -48.63 -9.92
O3 QE9 N . -24.82 -48.00 -11.19
O4 QE9 N . -24.20 -43.23 -12.42
C14 QE9 N . -26.09 -49.73 -8.28
C15 QE9 N . -30.70 -42.25 -13.02
C16 QE9 N . -30.60 -41.01 -13.88
C17 QE9 N . -29.48 -40.17 -13.86
C18 QE9 N . -29.44 -39.03 -14.66
C19 QE9 N . -30.54 -38.66 -15.43
C20 QE9 N . -31.65 -39.50 -15.47
C21 QE9 N . -31.69 -40.65 -14.67
C22 QE9 N . -30.49 -37.42 -16.24
C23 QE9 N . -31.48 -36.49 -16.45
N4 QE9 N . -31.15 -35.47 -17.33
C24 QE9 N . -29.91 -35.57 -17.67
S1 QE9 N . -29.06 -36.91 -17.06
C25 QE9 N . -32.83 -36.44 -15.78
O5 QE9 N . -32.72 -41.55 -14.65
C26 QE9 N . -33.96 -41.24 -15.29
C27 QE9 N . -34.86 -42.44 -15.15
O6 QE9 N . -35.59 -42.43 -13.93
C28 QE9 N . -34.85 -42.67 -12.72
C1 QE9 O . -23.03 -37.94 50.08
N1 QE9 O . -22.45 -39.26 49.87
C2 QE9 O . -21.22 -39.20 49.06
C3 QE9 O . -20.81 -37.73 49.12
C4 QE9 O . -22.16 -37.03 49.20
C5 QE9 O . -24.50 -37.86 49.65
O1 QE9 O . -24.92 -38.49 48.68
N2 QE9 O . -25.25 -37.01 50.36
C6 QE9 O . -22.99 -40.37 50.42
O2 QE9 O . -24.00 -40.29 51.11
C7 QE9 O . -22.30 -41.71 50.22
C8 QE9 O . -21.87 -42.25 51.54
C9 QE9 O . -23.21 -42.70 49.47
C10 QE9 O . -23.68 -42.10 48.15
C11 QE9 O . -22.52 -44.05 49.22
C12 QE9 O . -22.53 -42.79 52.59
C13 QE9 O . -21.53 -43.05 53.57
N3 QE9 O . -20.36 -42.68 53.16
O3 QE9 O . -20.56 -42.14 51.85
O4 QE9 O . -20.05 -37.44 50.27
C14 QE9 O . -21.70 -43.68 54.93
C15 QE9 O . -26.55 -36.58 49.88
C16 QE9 O . -26.49 -35.41 48.93
C17 QE9 O . -25.39 -34.55 48.87
C18 QE9 O . -25.39 -33.47 48.02
C19 QE9 O . -26.53 -33.14 47.28
C20 QE9 O . -27.63 -33.99 47.34
C21 QE9 O . -27.63 -35.08 48.21
C22 QE9 O . -26.53 -31.96 46.39
C23 QE9 O . -27.53 -31.03 46.18
N4 QE9 O . -27.24 -30.09 45.21
C24 QE9 O . -26.01 -30.21 44.81
S1 QE9 O . -25.14 -31.52 45.47
C25 QE9 O . -28.84 -30.93 46.89
O5 QE9 O . -28.71 -35.92 48.36
C26 QE9 O . -30.03 -35.46 48.04
C27 QE9 O . -31.03 -36.47 48.50
O6 QE9 O . -31.47 -36.19 49.82
C28 QE9 O . -30.59 -36.62 50.85
C1 QE9 P . 15.76 62.35 12.78
N1 QE9 P . 15.19 63.65 12.41
C2 QE9 P . 13.92 63.50 11.68
C3 QE9 P . 13.50 62.07 11.97
C4 QE9 P . 14.83 61.35 12.09
C5 QE9 P . 17.20 62.17 12.30
O1 QE9 P . 17.57 62.66 11.23
N2 QE9 P . 17.96 61.43 13.09
C6 QE9 P . 15.78 64.81 12.76
O2 QE9 P . 16.81 64.82 13.38
C7 QE9 P . 15.09 66.13 12.38
C8 QE9 P . 14.75 66.87 13.65
C9 QE9 P . 15.97 66.97 11.44
C10 QE9 P . 16.36 66.16 10.21
C11 QE9 P . 15.31 68.28 11.04
C12 QE9 P . 15.48 67.53 14.55
C13 QE9 P . 14.55 67.94 15.55
N3 QE9 P . 13.35 67.55 15.26
O3 QE9 P . 13.46 66.84 14.04
O4 QE9 P . 12.77 61.98 13.18
C14 QE9 P . 14.82 68.76 16.78
C15 QE9 P . 19.24 60.92 12.62
C16 QE9 P . 19.13 59.61 11.89
C17 QE9 P . 18.02 58.79 11.97
C18 QE9 P . 17.95 57.59 11.28
C19 QE9 P . 19.05 57.15 10.55
C20 QE9 P . 20.17 57.98 10.45
C21 QE9 P . 20.23 59.17 11.15
C22 QE9 P . 19.01 55.84 9.85
C23 QE9 P . 20.00 54.88 9.74
N4 QE9 P . 19.67 53.79 8.95
C24 QE9 P . 18.43 53.87 8.57
S1 QE9 P . 17.58 55.27 9.07
C25 QE9 P . 21.34 54.87 10.40
O5 QE9 P . 21.30 60.04 11.08
C26 QE9 P . 22.60 59.53 10.78
C27 QE9 P . 23.62 60.59 11.06
O6 QE9 P . 24.12 60.49 12.39
C28 QE9 P . 23.29 61.08 13.38
#